data_5ON3
#
_entry.id   5ON3
#
_cell.length_a   159.000
_cell.length_b   68.700
_cell.length_c   227.200
_cell.angle_alpha   90.00
_cell.angle_beta   102.80
_cell.angle_gamma   90.00
#
_symmetry.space_group_name_H-M   'C 1 2 1'
#
loop_
_entity.id
_entity.type
_entity.pdbx_description
1 polymer 'Leucine--tRNA ligase'
2 polymer tRNA(leu)
3 non-polymer 'ZINC ION'
4 non-polymer "5'-O-(L-leucylsulfamoyl)adenosine"
5 non-polymer (2~{S})-~{N}-[(2~{R},3~{R},4~{S},5~{R})-2-(6-aminopurin-9-yl)-5-(hydroxymethyl)-4-oxidanyl-oxolan-3-yl]-2-azanyl-4-methyl-pentanamide
#
loop_
_entity_poly.entity_id
_entity_poly.type
_entity_poly.pdbx_seq_one_letter_code
_entity_poly.pdbx_strand_id
1 'polypeptide(L)'
;MGSSHHHHHHSSGLVPRGSHMQEQYRPEEIESKVQLHWDEKRTFEVTEDESKEKYYCLSMLPYPSGRLHMGHVRNYTIGD
VIARYQRMLGKNVLQPIGWDAFGLPAEGAAVKNNTAPAPWTYDNIAYMKNQLKMLGFGYDWSRELATCTPEYYRWEQKFF
TELYKKGLVYKKTSAVNWCPNDQTVLANEQVIDGCCWRCDTKVERKEIPQWFIKITAYADELLNDLDKLDHWPDTVKTMQ
RNWIGRSEGVEITFNVNDYDNTLTVYTTRPDAFMGCTYLAVAAGHPLAQKAAENNPELAAFIDECRNTKVAEAEMATMEK
KGVDTGFKAVHPLTGEEIPVWAANFVLMEYGTGAVMAVPGHDQRDYEFASKYGLNIKPVILAADGSEPDLSQQALTEKGV
LFNSGEFNGLDHEAAFNAIADKLTAMGVGERKVNYRLRDWGVSRQRYWGAPIPMVTLEDGTVMPTPDDQLPVILPEDVVM
DGITSPIKADPEWAKTTVNGMPALRETDTFDTFMESSWYYARYTCPQYKEGMLDSEAANYWLPVDIYIGGIEHAIMHLLY
FRFFHKLMRDAGMVNSDEPAKQLLCQGMVLADAFYYVGENGERNWVSPVDAIVERDEKGRIVKAKDAAGHELVYTGMSKM
SKSKNNGIDPQVMVERYGADTVRLFMMFASPADMTLEWQESGVEGANRFLKRVWKLVYEHTAKGDVAALNVDALTENQKA
LRRDVHKTIAKVTDDIGRRQTFNTAIAAIMELMNKLAKAPTDGEQDRALMQEALLAVVRMLNPFTPHICFTLWQELKGEG
DIDNAPWPVADEKAMVEDSTLVVVQVNGKVRAKITVPVDATEEQVRERAGQEHLVAKYLDGVTVRKVIYVPGKLLNLVVG
;
A,D
2 'polyribonucleotide'
;GCCCGGAUGGUGGAAUCGGUAGACACAAGGGAUUUAAAAUCCCUCGGCGUUCGCGCUGUGCGGGUUCAAGUCCCGCUCCG
GGUACCA
;
B,E
#
# COMPACT_ATOMS: atom_id res chain seq x y z
N MET A 21 32.81 -18.12 -18.79
CA MET A 21 31.35 -18.10 -19.12
C MET A 21 30.61 -19.32 -18.57
N GLN A 22 29.65 -19.08 -17.69
CA GLN A 22 28.75 -20.14 -17.19
C GLN A 22 27.75 -20.53 -18.27
N GLU A 23 27.11 -21.69 -18.08
CA GLU A 23 26.03 -22.14 -18.97
C GLU A 23 24.78 -21.28 -18.78
N GLN A 24 24.46 -20.98 -17.52
CA GLN A 24 23.28 -20.19 -17.19
C GLN A 24 23.57 -18.68 -17.28
N TYR A 25 22.59 -17.93 -17.78
CA TYR A 25 22.67 -16.47 -17.89
C TYR A 25 22.25 -15.83 -16.57
N ARG A 26 23.22 -15.26 -15.85
CA ARG A 26 22.98 -14.61 -14.55
C ARG A 26 23.37 -13.13 -14.61
N PRO A 27 22.38 -12.23 -14.80
CA PRO A 27 22.61 -10.78 -14.88
C PRO A 27 23.38 -10.16 -13.72
N GLU A 28 23.01 -10.52 -12.49
CA GLU A 28 23.61 -9.95 -11.26
C GLU A 28 25.15 -10.03 -11.20
N GLU A 29 25.72 -11.08 -11.77
CA GLU A 29 27.18 -11.24 -11.87
C GLU A 29 27.77 -10.45 -13.03
N ILE A 30 27.06 -10.42 -14.16
CA ILE A 30 27.55 -9.78 -15.39
C ILE A 30 27.44 -8.25 -15.35
N GLU A 31 26.23 -7.74 -15.08
CA GLU A 31 25.91 -6.33 -15.32
C GLU A 31 26.70 -5.33 -14.48
N SER A 32 26.73 -5.53 -13.17
CA SER A 32 27.48 -4.64 -12.26
C SER A 32 28.99 -4.68 -12.49
N LYS A 33 29.50 -5.82 -12.97
CA LYS A 33 30.92 -5.97 -13.32
C LYS A 33 31.29 -5.18 -14.59
N VAL A 34 30.38 -5.17 -15.56
CA VAL A 34 30.56 -4.37 -16.78
C VAL A 34 30.34 -2.86 -16.49
N GLN A 35 29.41 -2.55 -15.59
CA GLN A 35 29.18 -1.17 -15.12
C GLN A 35 30.43 -0.56 -14.47
N LEU A 36 31.18 -1.36 -13.73
CA LEU A 36 32.46 -0.94 -13.12
C LEU A 36 33.54 -0.69 -14.16
N HIS A 37 33.61 -1.54 -15.19
CA HIS A 37 34.58 -1.40 -16.29
C HIS A 37 34.42 -0.06 -17.02
N TRP A 38 33.19 0.36 -17.25
CA TRP A 38 32.90 1.65 -17.90
C TRP A 38 33.34 2.85 -17.05
N ASP A 39 33.13 2.76 -15.73
CA ASP A 39 33.49 3.84 -14.81
C ASP A 39 35.01 4.00 -14.66
N GLU A 40 35.71 2.90 -14.46
CA GLU A 40 37.17 2.92 -14.24
C GLU A 40 37.95 3.27 -15.51
N LYS A 41 37.60 2.64 -16.63
CA LYS A 41 38.25 2.92 -17.91
C LYS A 41 37.77 4.22 -18.57
N ARG A 42 36.64 4.78 -18.11
CA ARG A 42 36.07 6.03 -18.61
C ARG A 42 35.73 5.92 -20.10
N THR A 43 34.94 4.89 -20.43
CA THR A 43 34.61 4.58 -21.82
C THR A 43 33.76 5.67 -22.48
N PHE A 44 32.79 6.19 -21.74
CA PHE A 44 31.87 7.21 -22.25
C PHE A 44 32.17 8.63 -21.75
N GLU A 45 33.41 8.87 -21.30
CA GLU A 45 33.90 10.24 -21.11
C GLU A 45 34.57 10.68 -22.40
N VAL A 46 34.14 11.84 -22.91
CA VAL A 46 34.61 12.34 -24.20
C VAL A 46 35.02 13.81 -24.12
N THR A 47 36.03 14.18 -24.91
CA THR A 47 36.52 15.55 -25.03
C THR A 47 36.29 16.03 -26.46
N GLU A 48 36.63 17.30 -26.73
CA GLU A 48 36.41 17.90 -28.04
C GLU A 48 37.49 17.42 -29.03
N ASP A 49 37.31 16.20 -29.53
CA ASP A 49 38.29 15.54 -30.37
C ASP A 49 38.06 15.89 -31.85
N GLU A 50 38.90 16.78 -32.38
CA GLU A 50 38.77 17.24 -33.78
C GLU A 50 39.04 16.16 -34.83
N SER A 51 39.82 15.14 -34.48
CA SER A 51 40.11 14.03 -35.39
C SER A 51 38.87 13.17 -35.69
N LYS A 52 38.11 12.85 -34.64
CA LYS A 52 36.84 12.12 -34.77
C LYS A 52 35.70 13.05 -35.21
N GLU A 53 34.73 12.50 -35.94
CA GLU A 53 33.49 13.20 -36.28
C GLU A 53 32.59 13.25 -35.05
N LYS A 54 32.02 14.43 -34.76
CA LYS A 54 31.24 14.64 -33.54
C LYS A 54 29.80 14.14 -33.67
N TYR A 55 29.18 13.90 -32.52
CA TYR A 55 27.74 13.60 -32.44
C TYR A 55 27.22 13.91 -31.03
N TYR A 56 26.21 14.76 -30.95
CA TYR A 56 25.57 15.13 -29.68
C TYR A 56 24.24 14.39 -29.61
N CYS A 57 24.14 13.44 -28.66
CA CYS A 57 22.91 12.68 -28.43
C CYS A 57 22.31 13.08 -27.08
N LEU A 58 21.54 14.16 -27.09
CA LEU A 58 20.97 14.75 -25.87
C LEU A 58 19.62 14.13 -25.51
N SER A 59 19.48 13.72 -24.25
CA SER A 59 18.20 13.33 -23.67
C SER A 59 17.84 14.32 -22.57
N MET A 60 16.56 14.66 -22.47
CA MET A 60 16.08 15.72 -21.57
C MET A 60 16.34 15.37 -20.10
N LEU A 61 17.03 16.26 -19.38
CA LEU A 61 17.47 15.99 -18.01
C LEU A 61 16.29 15.91 -17.03
N PRO A 62 16.34 14.98 -16.06
CA PRO A 62 15.18 14.78 -15.20
C PRO A 62 15.08 15.73 -14.01
N TYR A 63 13.89 15.83 -13.43
CA TYR A 63 13.67 16.45 -12.12
C TYR A 63 13.85 15.34 -11.08
N PRO A 64 14.73 15.56 -10.08
CA PRO A 64 14.94 14.54 -9.07
C PRO A 64 13.76 14.45 -8.08
N SER A 65 12.73 13.72 -8.48
CA SER A 65 11.51 13.56 -7.67
C SER A 65 11.70 12.55 -6.54
N GLY A 66 12.50 11.51 -6.76
CA GLY A 66 12.77 10.49 -5.75
C GLY A 66 13.28 9.21 -6.37
N ARG A 67 12.38 8.49 -7.02
CA ARG A 67 12.70 7.27 -7.77
C ARG A 67 12.56 7.55 -9.26
N LEU A 68 13.12 6.67 -10.08
CA LEU A 68 12.84 6.65 -11.51
C LEU A 68 11.51 5.94 -11.76
N HIS A 69 10.98 6.10 -12.98
CA HIS A 69 9.80 5.36 -13.43
C HIS A 69 9.95 4.98 -14.90
N MET A 70 9.02 4.17 -15.41
CA MET A 70 9.15 3.57 -16.75
C MET A 70 9.08 4.60 -17.89
N GLY A 71 8.53 5.77 -17.60
CA GLY A 71 8.68 6.94 -18.47
C GLY A 71 10.13 7.36 -18.66
N HIS A 72 10.86 7.52 -17.54
CA HIS A 72 12.29 7.85 -17.59
C HIS A 72 13.08 6.80 -18.37
N VAL A 73 12.82 5.53 -18.08
CA VAL A 73 13.60 4.43 -18.65
C VAL A 73 13.39 4.33 -20.17
N ARG A 74 12.17 4.62 -20.63
CA ARG A 74 11.90 4.68 -22.07
C ARG A 74 12.71 5.79 -22.75
N ASN A 75 12.67 6.98 -22.16
CA ASN A 75 13.38 8.15 -22.68
C ASN A 75 14.88 7.90 -22.83
N TYR A 76 15.50 7.39 -21.76
CA TYR A 76 16.96 7.25 -21.67
C TYR A 76 17.51 6.00 -22.34
N THR A 77 16.69 4.95 -22.48
CA THR A 77 17.07 3.79 -23.28
C THR A 77 17.10 4.16 -24.77
N ILE A 78 16.08 4.90 -25.24
CA ILE A 78 16.03 5.38 -26.63
C ILE A 78 17.29 6.18 -26.96
N GLY A 79 17.66 7.10 -26.06
CA GLY A 79 18.87 7.90 -26.21
C GLY A 79 20.15 7.08 -26.19
N ASP A 80 20.22 6.12 -25.28
CA ASP A 80 21.40 5.26 -25.13
C ASP A 80 21.56 4.29 -26.31
N VAL A 81 20.43 3.81 -26.85
CA VAL A 81 20.43 2.99 -28.07
C VAL A 81 21.00 3.76 -29.27
N ILE A 82 20.62 5.02 -29.41
CA ILE A 82 21.14 5.88 -30.48
C ILE A 82 22.61 6.23 -30.23
N ALA A 83 22.95 6.54 -28.98
CA ALA A 83 24.31 6.95 -28.61
C ALA A 83 25.35 5.84 -28.80
N ARG A 84 24.97 4.61 -28.45
CA ARG A 84 25.85 3.45 -28.64
C ARG A 84 25.93 3.02 -30.10
N TYR A 85 24.84 3.22 -30.84
CA TYR A 85 24.80 2.97 -32.29
C TYR A 85 25.73 3.90 -33.06
N GLN A 86 25.65 5.20 -32.76
CA GLN A 86 26.50 6.20 -33.42
C GLN A 86 27.98 6.09 -33.05
N ARG A 87 28.27 5.56 -31.86
CA ARG A 87 29.63 5.24 -31.46
C ARG A 87 30.20 4.12 -32.33
N MET A 88 29.42 3.05 -32.51
CA MET A 88 29.83 1.91 -33.33
C MET A 88 30.00 2.22 -34.82
N LEU A 89 29.34 3.27 -35.31
CA LEU A 89 29.62 3.81 -36.66
C LEU A 89 31.03 4.42 -36.72
N GLY A 90 31.43 5.05 -35.62
CA GLY A 90 32.81 5.55 -35.44
C GLY A 90 32.91 7.05 -35.21
N LYS A 91 32.06 7.56 -34.32
CA LYS A 91 31.94 9.00 -34.06
C LYS A 91 32.16 9.28 -32.58
N ASN A 92 32.61 10.49 -32.27
CA ASN A 92 32.80 10.93 -30.89
C ASN A 92 31.43 11.35 -30.34
N VAL A 93 30.74 10.41 -29.71
CA VAL A 93 29.37 10.62 -29.23
C VAL A 93 29.37 11.20 -27.82
N LEU A 94 28.75 12.37 -27.66
CA LEU A 94 28.52 12.98 -26.36
C LEU A 94 27.08 12.70 -25.91
N GLN A 95 26.93 11.84 -24.90
CA GLN A 95 25.66 11.63 -24.23
C GLN A 95 25.80 12.10 -22.77
N PRO A 96 25.36 13.35 -22.48
CA PRO A 96 25.46 13.90 -21.13
C PRO A 96 24.22 13.62 -20.27
N ILE A 97 24.40 13.73 -18.95
CA ILE A 97 23.32 13.59 -17.97
C ILE A 97 23.52 14.62 -16.85
N GLY A 98 22.42 15.25 -16.43
CA GLY A 98 22.42 16.25 -15.37
C GLY A 98 21.16 16.15 -14.52
N TRP A 99 20.83 17.22 -13.80
CA TRP A 99 19.66 17.25 -12.90
C TRP A 99 18.99 18.62 -12.88
N ASP A 100 17.75 18.69 -13.37
CA ASP A 100 16.92 19.90 -13.30
C ASP A 100 16.36 19.96 -11.87
N ALA A 101 17.18 20.46 -10.95
CA ALA A 101 16.98 20.25 -9.52
C ALA A 101 15.91 21.13 -8.87
N PHE A 102 15.82 22.40 -9.27
CA PHE A 102 14.81 23.32 -8.71
C PHE A 102 13.39 22.90 -9.09
N GLY A 103 12.42 23.26 -8.24
CA GLY A 103 11.03 22.85 -8.44
C GLY A 103 10.12 22.98 -7.24
N LEU A 104 8.81 22.85 -7.51
CA LEU A 104 7.76 22.88 -6.49
C LEU A 104 7.72 21.65 -5.57
N PRO A 105 7.81 20.42 -6.14
CA PRO A 105 7.67 19.21 -5.32
C PRO A 105 8.67 19.06 -4.15
N ALA A 106 9.84 19.68 -4.27
CA ALA A 106 10.81 19.70 -3.17
C ALA A 106 10.27 20.41 -1.92
N GLU A 107 9.61 21.55 -2.13
CA GLU A 107 9.04 22.33 -1.01
C GLU A 107 7.89 21.61 -0.30
N GLY A 108 7.01 20.99 -1.08
CA GLY A 108 5.92 20.18 -0.53
C GLY A 108 6.42 18.98 0.26
N ALA A 109 7.44 18.31 -0.28
CA ALA A 109 8.07 17.15 0.36
C ALA A 109 8.90 17.53 1.58
N ALA A 110 9.61 18.66 1.50
CA ALA A 110 10.46 19.14 2.61
C ALA A 110 9.66 19.48 3.87
N VAL A 111 8.53 20.16 3.69
CA VAL A 111 7.64 20.52 4.80
C VAL A 111 7.00 19.28 5.45
N LYS A 112 6.58 18.33 4.61
CA LYS A 112 5.91 17.11 5.08
C LYS A 112 6.86 16.16 5.81
N ASN A 113 8.07 15.98 5.26
CA ASN A 113 9.09 15.11 5.85
C ASN A 113 10.00 15.81 6.88
N ASN A 114 9.80 17.10 7.11
CA ASN A 114 10.55 17.90 8.10
C ASN A 114 12.05 17.97 7.74
N THR A 115 12.31 18.45 6.53
CA THR A 115 13.67 18.63 5.99
C THR A 115 13.73 19.99 5.30
N ALA A 116 14.92 20.33 4.79
CA ALA A 116 15.07 21.46 3.85
C ALA A 116 14.97 20.91 2.41
N PRO A 117 14.51 21.74 1.45
CA PRO A 117 14.45 21.29 0.05
C PRO A 117 15.78 20.87 -0.58
N ALA A 118 16.89 21.48 -0.16
CA ALA A 118 18.22 21.16 -0.70
C ALA A 118 18.69 19.72 -0.41
N PRO A 119 18.84 19.32 0.87
CA PRO A 119 19.26 17.94 1.16
C PRO A 119 18.31 16.86 0.65
N TRP A 120 17.01 17.14 0.66
CA TRP A 120 16.00 16.28 0.04
C TRP A 120 16.30 16.05 -1.45
N THR A 121 16.63 17.13 -2.16
CA THR A 121 16.97 17.06 -3.58
C THR A 121 18.27 16.29 -3.83
N TYR A 122 19.29 16.56 -3.01
CA TYR A 122 20.61 15.90 -3.18
C TYR A 122 20.57 14.40 -2.88
N ASP A 123 19.73 13.98 -1.94
CA ASP A 123 19.46 12.56 -1.71
C ASP A 123 18.84 11.90 -2.94
N ASN A 124 17.82 12.56 -3.50
CA ASN A 124 17.12 12.05 -4.68
C ASN A 124 18.00 12.03 -5.94
N ILE A 125 18.92 12.98 -6.03
CA ILE A 125 19.96 12.97 -7.07
C ILE A 125 20.89 11.76 -6.88
N ALA A 126 21.34 11.53 -5.65
CA ALA A 126 22.23 10.41 -5.33
C ALA A 126 21.57 9.05 -5.58
N TYR A 127 20.29 8.93 -5.23
CA TYR A 127 19.53 7.68 -5.43
C TYR A 127 19.36 7.39 -6.92
N MET A 128 18.84 8.37 -7.66
CA MET A 128 18.51 8.20 -9.08
C MET A 128 19.75 8.07 -9.96
N LYS A 129 20.85 8.72 -9.56
CA LYS A 129 22.16 8.53 -10.20
C LYS A 129 22.55 7.06 -10.19
N ASN A 130 22.39 6.42 -9.02
CA ASN A 130 22.73 5.00 -8.85
C ASN A 130 21.75 4.10 -9.61
N GLN A 131 20.48 4.52 -9.71
CA GLN A 131 19.50 3.82 -10.55
C GLN A 131 19.83 3.91 -12.05
N LEU A 132 20.36 5.06 -12.47
CA LEU A 132 20.83 5.23 -13.86
C LEU A 132 22.10 4.41 -14.13
N LYS A 133 23.02 4.38 -13.17
CA LYS A 133 24.21 3.53 -13.25
C LYS A 133 23.87 2.03 -13.28
N MET A 134 22.82 1.63 -12.55
CA MET A 134 22.34 0.23 -12.58
C MET A 134 21.79 -0.15 -13.95
N LEU A 135 21.02 0.74 -14.57
CA LEU A 135 20.49 0.53 -15.93
C LEU A 135 21.57 0.54 -17.02
N GLY A 136 22.72 1.13 -16.72
CA GLY A 136 23.89 1.02 -17.58
C GLY A 136 23.88 1.92 -18.80
N PHE A 137 23.34 3.12 -18.63
CA PHE A 137 23.33 4.12 -19.70
C PHE A 137 24.73 4.73 -19.78
N GLY A 138 25.38 4.59 -20.92
CA GLY A 138 26.75 5.10 -21.11
C GLY A 138 26.81 6.61 -21.16
N TYR A 139 26.77 7.23 -19.97
CA TYR A 139 26.80 8.68 -19.83
C TYR A 139 28.21 9.19 -19.55
N ASP A 140 28.43 10.47 -19.87
CA ASP A 140 29.66 11.17 -19.53
C ASP A 140 29.47 11.82 -18.16
N TRP A 141 29.82 11.08 -17.11
CA TRP A 141 29.62 11.53 -15.72
C TRP A 141 30.55 12.67 -15.28
N SER A 142 31.61 12.94 -16.04
CA SER A 142 32.46 14.11 -15.79
C SER A 142 31.79 15.44 -16.15
N ARG A 143 30.77 15.40 -17.02
CA ARG A 143 29.99 16.59 -17.39
C ARG A 143 28.69 16.74 -16.58
N GLU A 144 28.63 16.12 -15.40
CA GLU A 144 27.40 16.09 -14.59
C GLU A 144 27.08 17.47 -14.03
N LEU A 145 25.87 17.95 -14.31
CA LEU A 145 25.38 19.24 -13.82
C LEU A 145 24.31 19.06 -12.75
N ALA A 146 24.16 20.07 -11.91
CA ALA A 146 23.03 20.18 -10.98
C ALA A 146 22.57 21.63 -11.02
N THR A 147 21.34 21.86 -11.48
CA THR A 147 20.83 23.22 -11.69
C THR A 147 20.54 24.00 -10.39
N CYS A 148 20.51 23.31 -9.26
CA CYS A 148 20.31 23.95 -7.96
C CYS A 148 21.59 24.55 -7.38
N THR A 149 22.75 24.13 -7.90
CA THR A 149 24.03 24.64 -7.40
C THR A 149 24.30 26.03 -8.00
N PRO A 150 24.98 26.92 -7.23
CA PRO A 150 25.30 28.26 -7.73
C PRO A 150 26.36 28.30 -8.84
N GLU A 151 27.11 27.21 -9.01
CA GLU A 151 28.06 27.08 -10.14
C GLU A 151 27.34 27.06 -11.49
N TYR A 152 26.08 26.60 -11.50
CA TYR A 152 25.24 26.64 -12.69
C TYR A 152 24.51 27.98 -12.82
N TYR A 153 23.64 28.30 -11.86
CA TYR A 153 22.72 29.44 -11.98
C TYR A 153 23.36 30.84 -11.88
N ARG A 154 24.63 30.93 -11.52
CA ARG A 154 25.35 32.21 -11.59
C ARG A 154 25.32 32.82 -12.99
N TRP A 155 25.42 31.98 -14.01
CA TRP A 155 25.55 32.42 -15.39
C TRP A 155 24.22 32.89 -16.00
N GLU A 156 23.12 32.26 -15.62
CA GLU A 156 21.78 32.72 -16.05
C GLU A 156 21.38 34.02 -15.36
N GLN A 157 21.82 34.22 -14.12
CA GLN A 157 21.67 35.50 -13.42
C GLN A 157 22.48 36.60 -14.10
N LYS A 158 23.71 36.29 -14.52
CA LYS A 158 24.53 37.19 -15.33
C LYS A 158 23.90 37.44 -16.70
N PHE A 159 23.32 36.39 -17.29
CA PHE A 159 22.63 36.49 -18.59
C PHE A 159 21.37 37.34 -18.51
N PHE A 160 20.63 37.22 -17.39
CA PHE A 160 19.39 37.98 -17.19
C PHE A 160 19.62 39.49 -17.09
N THR A 161 20.69 39.89 -16.39
CA THR A 161 21.05 41.30 -16.26
C THR A 161 21.44 41.92 -17.60
N GLU A 162 22.10 41.14 -18.46
CA GLU A 162 22.41 41.57 -19.83
C GLU A 162 21.15 41.80 -20.67
N LEU A 163 20.19 40.87 -20.58
CA LEU A 163 18.90 40.99 -21.29
C LEU A 163 18.09 42.20 -20.85
N TYR A 164 18.18 42.57 -19.57
CA TYR A 164 17.55 43.80 -19.07
C TYR A 164 18.19 45.04 -19.68
N LYS A 165 19.53 45.05 -19.77
CA LYS A 165 20.26 46.15 -20.38
C LYS A 165 20.11 46.24 -21.90
N LYS A 166 19.77 45.12 -22.56
CA LYS A 166 19.35 45.13 -23.97
C LYS A 166 17.89 45.57 -24.17
N GLY A 167 17.09 45.51 -23.10
CA GLY A 167 15.68 45.92 -23.15
C GLY A 167 14.71 44.80 -23.47
N LEU A 168 15.19 43.56 -23.45
CA LEU A 168 14.35 42.39 -23.69
C LEU A 168 13.55 41.98 -22.44
N VAL A 169 13.95 42.48 -21.26
CA VAL A 169 13.21 42.26 -20.03
C VAL A 169 12.40 43.51 -19.69
N TYR A 170 11.18 43.31 -19.20
CA TYR A 170 10.33 44.40 -18.70
C TYR A 170 9.37 43.90 -17.63
N LYS A 171 8.92 44.82 -16.78
CA LYS A 171 8.05 44.52 -15.64
C LYS A 171 6.61 44.93 -15.96
N LYS A 172 5.65 44.06 -15.65
CA LYS A 172 4.23 44.41 -15.72
C LYS A 172 3.39 43.54 -14.77
N THR A 173 2.13 43.91 -14.61
CA THR A 173 1.21 43.22 -13.72
C THR A 173 0.67 41.96 -14.41
N SER A 174 0.36 40.94 -13.61
CA SER A 174 -0.09 39.64 -14.12
C SER A 174 -1.00 38.92 -13.12
N ALA A 175 -2.00 38.21 -13.63
CA ALA A 175 -2.96 37.48 -12.80
C ALA A 175 -2.31 36.25 -12.16
N VAL A 176 -2.66 35.98 -10.91
CA VAL A 176 -2.05 34.92 -10.10
C VAL A 176 -3.10 34.30 -9.17
N ASN A 177 -3.03 32.98 -8.97
CA ASN A 177 -3.89 32.28 -8.02
C ASN A 177 -3.43 32.60 -6.59
N TRP A 178 -4.35 33.08 -5.76
CA TRP A 178 -4.02 33.66 -4.46
C TRP A 178 -5.06 33.25 -3.40
N CYS A 179 -4.65 32.38 -2.48
CA CYS A 179 -5.46 32.06 -1.30
C CYS A 179 -5.32 33.24 -0.31
N PRO A 180 -6.41 34.00 -0.09
CA PRO A 180 -6.32 35.27 0.66
C PRO A 180 -6.06 35.11 2.17
N ASN A 181 -6.42 33.95 2.74
CA ASN A 181 -6.20 33.68 4.16
C ASN A 181 -4.70 33.44 4.45
N ASP A 182 -4.08 32.56 3.67
CA ASP A 182 -2.65 32.27 3.80
C ASP A 182 -1.76 33.42 3.35
N GLN A 183 -2.20 34.18 2.35
CA GLN A 183 -1.42 35.21 1.66
C GLN A 183 -0.26 34.59 0.87
N THR A 184 -0.60 33.55 0.09
CA THR A 184 0.37 32.76 -0.67
C THR A 184 -0.06 32.59 -2.12
N VAL A 185 0.91 32.53 -3.02
CA VAL A 185 0.69 32.28 -4.45
C VAL A 185 0.71 30.78 -4.71
N LEU A 186 -0.43 30.25 -5.14
CA LEU A 186 -0.55 28.84 -5.50
C LEU A 186 -0.29 28.63 -6.99
N ALA A 187 0.17 27.43 -7.35
CA ALA A 187 0.30 27.03 -8.76
C ALA A 187 -1.04 26.53 -9.27
N ASN A 188 -1.12 26.23 -10.57
CA ASN A 188 -2.33 25.65 -11.16
C ASN A 188 -2.59 24.23 -10.66
N GLU A 189 -1.53 23.45 -10.47
CA GLU A 189 -1.62 22.09 -9.93
C GLU A 189 -2.13 22.07 -8.49
N GLN A 190 -1.70 23.05 -7.69
CA GLN A 190 -2.09 23.14 -6.27
C GLN A 190 -3.57 23.48 -6.02
N VAL A 191 -4.26 24.03 -7.03
CA VAL A 191 -5.71 24.25 -6.95
C VAL A 191 -6.44 22.99 -7.44
N ILE A 192 -7.52 22.62 -6.74
CA ILE A 192 -8.33 21.45 -7.09
C ILE A 192 -9.81 21.72 -6.76
N ASP A 193 -10.69 21.47 -7.74
CA ASP A 193 -12.13 21.79 -7.65
C ASP A 193 -12.40 23.29 -7.37
N GLY A 194 -11.54 24.16 -7.89
CA GLY A 194 -11.61 25.60 -7.60
C GLY A 194 -11.38 25.96 -6.14
N CYS A 195 -10.52 25.19 -5.47
CA CYS A 195 -10.29 25.32 -4.03
C CYS A 195 -8.84 25.00 -3.64
N CYS A 196 -8.48 25.44 -2.43
CA CYS A 196 -7.13 25.28 -1.88
C CYS A 196 -6.95 23.85 -1.35
N TRP A 197 -5.85 23.20 -1.74
CA TRP A 197 -5.60 21.79 -1.36
C TRP A 197 -5.20 21.56 0.11
N ARG A 198 -4.78 22.61 0.81
CA ARG A 198 -4.46 22.52 2.25
C ARG A 198 -5.69 22.87 3.10
N CYS A 199 -6.22 24.08 2.89
CA CYS A 199 -7.27 24.67 3.73
C CYS A 199 -8.61 24.79 3.02
N ASP A 200 -9.67 24.96 3.79
CA ASP A 200 -11.02 25.18 3.26
C ASP A 200 -11.30 26.67 3.06
N THR A 201 -10.84 27.19 1.92
CA THR A 201 -11.07 28.60 1.53
C THR A 201 -10.77 28.78 0.04
N LYS A 202 -11.63 29.53 -0.66
CA LYS A 202 -11.59 29.62 -2.11
C LYS A 202 -10.50 30.56 -2.65
N VAL A 203 -10.04 30.26 -3.86
CA VAL A 203 -8.92 30.95 -4.49
C VAL A 203 -9.45 32.10 -5.36
N GLU A 204 -8.63 33.15 -5.52
CA GLU A 204 -9.01 34.31 -6.33
C GLU A 204 -7.83 34.90 -7.10
N ARG A 205 -8.15 35.71 -8.11
CA ARG A 205 -7.16 36.38 -8.95
C ARG A 205 -6.59 37.62 -8.24
N LYS A 206 -5.27 37.71 -8.16
CA LYS A 206 -4.59 38.90 -7.66
C LYS A 206 -3.60 39.40 -8.70
N GLU A 207 -3.80 40.64 -9.14
CA GLU A 207 -2.87 41.31 -10.05
C GLU A 207 -1.62 41.71 -9.28
N ILE A 208 -0.48 41.11 -9.65
CA ILE A 208 0.79 41.26 -8.92
C ILE A 208 1.92 41.57 -9.92
N PRO A 209 2.82 42.53 -9.60
CA PRO A 209 3.88 42.90 -10.56
C PRO A 209 4.96 41.83 -10.70
N GLN A 210 5.31 41.52 -11.94
CA GLN A 210 6.26 40.43 -12.24
C GLN A 210 7.11 40.72 -13.46
N TRP A 211 8.29 40.07 -13.52
CA TRP A 211 9.24 40.26 -14.61
C TRP A 211 8.89 39.38 -15.81
N PHE A 212 8.92 39.97 -17.00
CA PHE A 212 8.66 39.29 -18.27
C PHE A 212 9.85 39.41 -19.21
N ILE A 213 10.04 38.41 -20.06
CA ILE A 213 11.08 38.43 -21.10
C ILE A 213 10.37 38.45 -22.46
N LYS A 214 10.81 39.34 -23.35
CA LYS A 214 10.16 39.56 -24.64
C LYS A 214 10.45 38.44 -25.64
N ILE A 215 9.75 37.31 -25.48
CA ILE A 215 9.78 36.21 -26.46
C ILE A 215 9.00 36.59 -27.73
N THR A 216 8.04 37.49 -27.60
CA THR A 216 7.29 38.02 -28.75
C THR A 216 8.16 38.82 -29.73
N ALA A 217 9.30 39.34 -29.25
CA ALA A 217 10.31 39.96 -30.12
C ALA A 217 10.91 39.00 -31.14
N TYR A 218 11.05 37.72 -30.75
CA TYR A 218 11.55 36.66 -31.63
C TYR A 218 10.41 35.76 -32.17
N ALA A 219 9.18 36.28 -32.25
CA ALA A 219 8.01 35.47 -32.61
C ALA A 219 8.06 35.04 -34.08
N ASP A 220 8.32 35.99 -34.98
CA ASP A 220 8.40 35.70 -36.41
C ASP A 220 9.58 34.80 -36.76
N GLU A 221 10.70 34.95 -36.05
CA GLU A 221 11.87 34.09 -36.25
C GLU A 221 11.59 32.65 -35.81
N LEU A 222 10.96 32.49 -34.65
CA LEU A 222 10.53 31.17 -34.16
C LEU A 222 9.47 30.53 -35.07
N LEU A 223 8.59 31.36 -35.64
CA LEU A 223 7.56 30.89 -36.56
C LEU A 223 8.15 30.49 -37.92
N ASN A 224 9.02 31.32 -38.48
CA ASN A 224 9.59 31.10 -39.82
C ASN A 224 10.59 29.93 -39.87
N ASP A 225 11.48 29.86 -38.88
CA ASP A 225 12.53 28.84 -38.85
C ASP A 225 12.06 27.40 -38.62
N LEU A 226 10.77 27.21 -38.29
CA LEU A 226 10.13 25.88 -38.34
C LEU A 226 10.23 25.22 -39.72
N ASP A 227 10.21 26.04 -40.78
CA ASP A 227 10.35 25.56 -42.16
C ASP A 227 11.74 25.00 -42.48
N LYS A 228 12.77 25.52 -41.80
CA LYS A 228 14.14 24.98 -41.93
C LYS A 228 14.38 23.71 -41.11
N LEU A 229 13.59 23.50 -40.05
CA LEU A 229 13.67 22.27 -39.23
C LEU A 229 12.91 21.11 -39.88
N ASP A 230 13.46 20.60 -40.98
CA ASP A 230 12.83 19.50 -41.73
C ASP A 230 12.91 18.13 -41.02
N HIS A 231 13.92 17.96 -40.15
CA HIS A 231 14.07 16.73 -39.35
C HIS A 231 13.32 16.76 -38.00
N TRP A 232 12.64 17.87 -37.70
CA TRP A 232 11.64 17.90 -36.62
C TRP A 232 10.32 17.32 -37.16
N PRO A 233 9.50 16.71 -36.29
CA PRO A 233 8.22 16.15 -36.72
C PRO A 233 7.16 17.23 -36.93
N ASP A 234 6.26 17.03 -37.90
CA ASP A 234 5.19 17.98 -38.20
C ASP A 234 4.16 18.14 -37.06
N THR A 235 4.06 17.12 -36.21
CA THR A 235 3.19 17.17 -35.03
C THR A 235 3.60 18.29 -34.07
N VAL A 236 4.90 18.34 -33.75
CA VAL A 236 5.46 19.35 -32.84
C VAL A 236 5.45 20.74 -33.47
N LYS A 237 5.86 20.82 -34.74
CA LYS A 237 5.94 22.11 -35.45
C LYS A 237 4.57 22.77 -35.65
N THR A 238 3.57 21.97 -36.00
CA THR A 238 2.18 22.47 -36.16
C THR A 238 1.61 22.98 -34.83
N MET A 239 1.91 22.29 -33.73
CA MET A 239 1.51 22.74 -32.39
C MET A 239 2.17 24.09 -32.03
N GLN A 240 3.45 24.24 -32.37
CA GLN A 240 4.18 25.49 -32.09
C GLN A 240 3.68 26.68 -32.93
N ARG A 241 3.27 26.43 -34.18
CA ARG A 241 2.64 27.46 -35.01
C ARG A 241 1.33 27.96 -34.40
N ASN A 242 0.48 27.02 -34.00
CA ASN A 242 -0.83 27.34 -33.42
C ASN A 242 -0.71 28.00 -32.05
N TRP A 243 0.30 27.60 -31.27
CA TRP A 243 0.62 28.23 -29.98
C TRP A 243 1.02 29.68 -30.16
N ILE A 244 1.97 29.92 -31.08
CA ILE A 244 2.42 31.27 -31.40
C ILE A 244 1.24 32.07 -31.94
N GLY A 245 0.59 31.51 -32.96
CA GLY A 245 -0.67 32.07 -33.47
C GLY A 245 -0.51 33.47 -34.02
N ARG A 246 0.30 33.60 -35.07
CA ARG A 246 0.48 34.89 -35.74
C ARG A 246 -0.80 35.26 -36.48
N SER A 247 -1.08 36.56 -36.51
CA SER A 247 -2.38 37.06 -36.93
C SER A 247 -2.26 38.48 -37.46
N GLU A 248 -2.67 38.68 -38.71
CA GLU A 248 -2.71 40.02 -39.32
C GLU A 248 -4.13 40.55 -39.26
N GLY A 249 -4.31 41.70 -38.60
CA GLY A 249 -5.62 42.29 -38.38
C GLY A 249 -5.56 43.79 -38.20
N VAL A 250 -6.58 44.35 -37.54
CA VAL A 250 -6.74 45.79 -37.37
C VAL A 250 -7.08 46.11 -35.91
N GLU A 251 -6.45 47.15 -35.37
CA GLU A 251 -6.87 47.76 -34.10
C GLU A 251 -7.86 48.87 -34.40
N ILE A 252 -8.97 48.93 -33.65
CA ILE A 252 -10.04 49.91 -33.88
C ILE A 252 -10.40 50.59 -32.56
N THR A 253 -10.15 51.89 -32.48
CA THR A 253 -10.43 52.70 -31.29
C THR A 253 -11.85 53.27 -31.33
N PHE A 254 -12.54 53.21 -30.20
CA PHE A 254 -13.91 53.71 -30.04
C PHE A 254 -13.97 54.84 -29.03
N ASN A 255 -14.90 55.76 -29.23
CA ASN A 255 -15.26 56.76 -28.22
C ASN A 255 -16.46 56.25 -27.43
N VAL A 256 -16.47 56.52 -26.13
CA VAL A 256 -17.55 56.11 -25.23
C VAL A 256 -18.15 57.38 -24.61
N ASN A 257 -19.48 57.47 -24.60
CA ASN A 257 -20.19 58.73 -24.34
C ASN A 257 -19.83 59.41 -23.02
N ASP A 258 -20.25 58.81 -21.90
CA ASP A 258 -19.96 59.35 -20.57
C ASP A 258 -18.79 58.58 -19.95
N TYR A 259 -17.63 58.69 -20.61
CA TYR A 259 -16.40 58.01 -20.20
C TYR A 259 -15.20 58.71 -20.82
N ASP A 260 -14.22 59.06 -19.99
CA ASP A 260 -13.12 59.94 -20.39
C ASP A 260 -12.04 59.26 -21.25
N ASN A 261 -11.93 57.93 -21.17
CA ASN A 261 -10.98 57.16 -21.96
C ASN A 261 -11.62 56.54 -23.20
N THR A 262 -10.79 55.96 -24.06
CA THR A 262 -11.20 55.31 -25.31
C THR A 262 -10.83 53.82 -25.30
N LEU A 263 -11.62 53.01 -26.00
CA LEU A 263 -11.43 51.54 -26.05
C LEU A 263 -10.93 51.07 -27.41
N THR A 264 -9.70 50.55 -27.44
CA THR A 264 -9.15 49.89 -28.63
C THR A 264 -9.44 48.39 -28.56
N VAL A 265 -9.75 47.79 -29.71
CA VAL A 265 -10.00 46.35 -29.83
C VAL A 265 -9.32 45.78 -31.07
N TYR A 266 -8.85 44.54 -30.98
CA TYR A 266 -8.23 43.84 -32.11
C TYR A 266 -9.27 42.99 -32.85
N THR A 267 -9.08 42.87 -34.17
CA THR A 267 -9.95 42.05 -35.01
C THR A 267 -9.22 41.63 -36.30
N THR A 268 -9.38 40.36 -36.68
CA THR A 268 -8.91 39.85 -37.97
C THR A 268 -9.96 39.97 -39.08
N ARG A 269 -11.20 40.30 -38.70
CA ARG A 269 -12.30 40.46 -39.64
C ARG A 269 -12.87 41.89 -39.59
N PRO A 270 -12.12 42.87 -40.12
CA PRO A 270 -12.66 44.22 -40.30
C PRO A 270 -13.68 44.32 -41.46
N ASP A 271 -13.71 43.33 -42.35
CA ASP A 271 -14.76 43.23 -43.37
C ASP A 271 -16.17 43.20 -42.78
N ALA A 272 -16.33 42.50 -41.66
CA ALA A 272 -17.61 42.40 -40.95
C ALA A 272 -17.80 43.46 -39.85
N PHE A 273 -17.09 44.58 -39.96
CA PHE A 273 -17.12 45.65 -38.95
C PHE A 273 -18.47 46.37 -38.87
N MET A 274 -19.20 46.39 -39.97
CA MET A 274 -20.54 47.01 -40.01
C MET A 274 -21.59 46.18 -39.27
N GLY A 275 -21.32 44.88 -39.08
CA GLY A 275 -22.17 44.01 -38.26
C GLY A 275 -21.89 44.00 -36.76
N CYS A 276 -20.96 44.85 -36.31
CA CYS A 276 -20.65 44.98 -34.87
C CYS A 276 -21.79 45.67 -34.12
N THR A 277 -22.66 44.87 -33.50
CA THR A 277 -23.80 45.38 -32.74
C THR A 277 -23.50 45.67 -31.26
N TYR A 278 -22.38 45.16 -30.75
CA TYR A 278 -21.94 45.45 -29.38
C TYR A 278 -20.44 45.19 -29.20
N LEU A 279 -19.91 45.62 -28.04
CA LEU A 279 -18.50 45.43 -27.68
C LEU A 279 -18.42 44.66 -26.37
N ALA A 280 -17.75 43.51 -26.39
CA ALA A 280 -17.51 42.71 -25.19
C ALA A 280 -16.14 43.06 -24.57
N VAL A 281 -16.08 43.06 -23.24
CA VAL A 281 -14.92 43.52 -22.49
C VAL A 281 -14.61 42.54 -21.36
N ALA A 282 -13.33 42.43 -21.00
CA ALA A 282 -12.89 41.55 -19.90
C ALA A 282 -13.27 42.11 -18.52
N ALA A 283 -13.16 41.26 -17.50
CA ALA A 283 -13.59 41.60 -16.14
C ALA A 283 -12.72 42.66 -15.47
N GLY A 284 -11.40 42.56 -15.64
CA GLY A 284 -10.44 43.49 -15.04
C GLY A 284 -10.18 44.79 -15.80
N HIS A 285 -10.85 44.98 -16.94
CA HIS A 285 -10.64 46.15 -17.79
C HIS A 285 -11.18 47.41 -17.08
N PRO A 286 -10.43 48.54 -17.13
CA PRO A 286 -10.82 49.75 -16.36
C PRO A 286 -12.21 50.34 -16.63
N LEU A 287 -12.79 50.06 -17.80
CA LEU A 287 -14.17 50.45 -18.10
C LEU A 287 -15.17 49.71 -17.20
N ALA A 288 -14.94 48.40 -17.02
CA ALA A 288 -15.75 47.58 -16.11
C ALA A 288 -15.56 48.00 -14.64
N GLN A 289 -14.33 48.38 -14.29
CA GLN A 289 -14.01 48.86 -12.94
C GLN A 289 -14.72 50.19 -12.66
N LYS A 290 -14.70 51.08 -13.65
CA LYS A 290 -15.36 52.39 -13.54
C LYS A 290 -16.89 52.28 -13.47
N ALA A 291 -17.46 51.40 -14.29
CA ALA A 291 -18.91 51.18 -14.31
C ALA A 291 -19.44 50.51 -13.03
N ALA A 292 -18.61 49.66 -12.41
CA ALA A 292 -19.01 48.91 -11.20
C ALA A 292 -19.16 49.76 -9.94
N GLU A 293 -18.64 50.98 -9.93
CA GLU A 293 -18.81 51.91 -8.80
C GLU A 293 -20.29 52.27 -8.62
N ASN A 294 -20.93 52.68 -9.71
CA ASN A 294 -22.35 53.02 -9.71
C ASN A 294 -23.23 51.78 -9.83
N ASN A 295 -22.92 50.92 -10.80
CA ASN A 295 -23.71 49.72 -11.08
C ASN A 295 -23.47 48.63 -10.01
N PRO A 296 -24.51 48.26 -9.24
CA PRO A 296 -24.34 47.22 -8.22
C PRO A 296 -24.30 45.78 -8.76
N GLU A 297 -24.98 45.53 -9.88
CA GLU A 297 -25.02 44.19 -10.49
C GLU A 297 -23.66 43.81 -11.10
N LEU A 298 -23.02 44.77 -11.78
CA LEU A 298 -21.69 44.55 -12.37
C LEU A 298 -20.60 44.38 -11.31
N ALA A 299 -20.77 45.06 -10.16
CA ALA A 299 -19.88 44.87 -9.01
C ALA A 299 -19.88 43.42 -8.51
N ALA A 300 -21.07 42.80 -8.50
CA ALA A 300 -21.21 41.38 -8.15
C ALA A 300 -20.60 40.45 -9.21
N PHE A 301 -20.74 40.82 -10.48
CA PHE A 301 -20.19 40.03 -11.60
C PHE A 301 -18.65 40.06 -11.68
N ILE A 302 -18.03 41.20 -11.38
CA ILE A 302 -16.56 41.30 -11.37
C ILE A 302 -15.97 40.47 -10.21
N ASP A 303 -16.61 40.53 -9.04
CA ASP A 303 -16.20 39.74 -7.88
C ASP A 303 -16.50 38.25 -8.04
N GLU A 304 -17.47 37.91 -8.88
CA GLU A 304 -17.67 36.52 -9.33
C GLU A 304 -16.50 36.06 -10.21
N CYS A 305 -16.10 36.93 -11.13
CA CYS A 305 -14.97 36.65 -12.04
C CYS A 305 -13.59 36.60 -11.38
N ARG A 306 -13.47 37.11 -10.15
CA ARG A 306 -12.26 36.89 -9.32
C ARG A 306 -12.00 35.41 -9.06
N ASN A 307 -13.07 34.62 -8.89
CA ASN A 307 -12.96 33.19 -8.63
C ASN A 307 -12.44 32.36 -9.82
N THR A 308 -12.59 32.91 -11.03
CA THR A 308 -12.04 32.31 -12.25
C THR A 308 -10.54 32.05 -12.10
N LYS A 309 -10.14 30.79 -12.18
CA LYS A 309 -8.72 30.39 -12.05
C LYS A 309 -7.95 30.85 -13.28
N VAL A 310 -6.65 31.12 -13.09
CA VAL A 310 -5.77 31.54 -14.19
C VAL A 310 -5.42 30.29 -15.02
N ALA A 311 -6.34 29.94 -15.93
CA ALA A 311 -6.20 28.78 -16.80
C ALA A 311 -7.18 28.87 -17.96
N GLU A 312 -6.67 28.66 -19.18
CA GLU A 312 -7.50 28.74 -20.39
C GLU A 312 -8.51 27.59 -20.49
N ALA A 313 -8.17 26.44 -19.92
CA ALA A 313 -9.05 25.27 -19.91
C ALA A 313 -10.38 25.55 -19.20
N GLU A 314 -10.29 26.09 -17.99
CA GLU A 314 -11.49 26.45 -17.21
C GLU A 314 -12.23 27.68 -17.76
N MET A 315 -11.52 28.57 -18.44
CA MET A 315 -12.12 29.78 -19.04
C MET A 315 -13.16 29.47 -20.13
N ALA A 316 -12.80 28.58 -21.05
CA ALA A 316 -13.67 28.22 -22.17
C ALA A 316 -14.78 27.23 -21.79
N THR A 317 -14.49 26.34 -20.83
CA THR A 317 -15.44 25.31 -20.40
C THR A 317 -16.65 25.88 -19.66
N MET A 318 -16.42 26.86 -18.79
CA MET A 318 -17.50 27.50 -18.02
C MET A 318 -18.50 28.24 -18.91
N GLU A 319 -19.71 28.44 -18.39
CA GLU A 319 -20.80 29.06 -19.15
C GLU A 319 -20.49 30.53 -19.44
N LYS A 320 -20.80 30.95 -20.67
CA LYS A 320 -20.52 32.31 -21.13
C LYS A 320 -21.55 33.28 -20.57
N LYS A 321 -21.14 34.04 -19.55
CA LYS A 321 -21.99 35.03 -18.88
C LYS A 321 -21.47 36.45 -19.07
N GLY A 322 -22.32 37.42 -18.73
CA GLY A 322 -21.99 38.83 -18.91
C GLY A 322 -23.04 39.78 -18.35
N VAL A 323 -22.64 41.04 -18.17
CA VAL A 323 -23.52 42.09 -17.64
C VAL A 323 -23.34 43.38 -18.45
N ASP A 324 -24.44 44.10 -18.66
CA ASP A 324 -24.41 45.39 -19.36
C ASP A 324 -23.80 46.45 -18.44
N THR A 325 -22.80 47.17 -18.95
CA THR A 325 -22.04 48.13 -18.14
C THR A 325 -22.82 49.42 -17.84
N GLY A 326 -23.61 49.87 -18.81
CA GLY A 326 -24.30 51.16 -18.72
C GLY A 326 -23.80 52.14 -19.77
N PHE A 327 -22.52 52.03 -20.13
CA PHE A 327 -21.92 52.88 -21.17
C PHE A 327 -22.37 52.48 -22.56
N LYS A 328 -22.21 53.42 -23.50
CA LYS A 328 -22.57 53.23 -24.89
C LYS A 328 -21.43 53.73 -25.78
N ALA A 329 -20.72 52.81 -26.42
CA ALA A 329 -19.64 53.16 -27.34
C ALA A 329 -20.20 53.59 -28.69
N VAL A 330 -19.63 54.65 -29.27
CA VAL A 330 -20.08 55.17 -30.56
C VAL A 330 -19.35 54.41 -31.66
N HIS A 331 -20.11 53.71 -32.51
CA HIS A 331 -19.55 53.02 -33.67
C HIS A 331 -19.11 54.09 -34.69
N PRO A 332 -17.84 54.07 -35.12
CA PRO A 332 -17.29 55.18 -35.91
C PRO A 332 -17.91 55.36 -37.31
N LEU A 333 -18.13 54.28 -38.03
CA LEU A 333 -18.66 54.36 -39.41
C LEU A 333 -20.17 54.62 -39.45
N THR A 334 -20.93 53.75 -38.80
CA THR A 334 -22.39 53.88 -38.75
C THR A 334 -22.88 55.04 -37.88
N GLY A 335 -22.11 55.39 -36.85
CA GLY A 335 -22.48 56.45 -35.91
C GLY A 335 -23.42 56.00 -34.79
N GLU A 336 -23.72 54.70 -34.72
CA GLU A 336 -24.72 54.18 -33.78
C GLU A 336 -24.10 53.99 -32.39
N GLU A 337 -24.93 54.21 -31.37
CA GLU A 337 -24.55 53.91 -29.98
C GLU A 337 -24.78 52.42 -29.73
N ILE A 338 -23.73 51.70 -29.34
CA ILE A 338 -23.81 50.26 -29.06
C ILE A 338 -23.37 49.97 -27.62
N PRO A 339 -24.03 48.98 -26.97
CA PRO A 339 -23.74 48.73 -25.55
C PRO A 339 -22.39 48.05 -25.33
N VAL A 340 -21.64 48.55 -24.36
CA VAL A 340 -20.37 47.92 -23.94
C VAL A 340 -20.72 46.93 -22.83
N TRP A 341 -20.35 45.67 -23.03
CA TRP A 341 -20.67 44.58 -22.09
C TRP A 341 -19.41 44.03 -21.45
N ALA A 342 -19.47 43.79 -20.14
CA ALA A 342 -18.44 43.05 -19.42
C ALA A 342 -18.75 41.56 -19.56
N ALA A 343 -17.72 40.74 -19.81
CA ALA A 343 -17.91 39.30 -20.07
C ALA A 343 -16.68 38.48 -19.68
N ASN A 344 -16.93 37.22 -19.32
CA ASN A 344 -15.87 36.30 -18.89
C ASN A 344 -15.08 35.67 -20.04
N PHE A 345 -15.76 35.37 -21.15
CA PHE A 345 -15.12 34.70 -22.30
C PHE A 345 -14.04 35.55 -23.01
N VAL A 346 -14.13 36.87 -22.87
CA VAL A 346 -13.10 37.79 -23.39
C VAL A 346 -11.89 37.78 -22.46
N LEU A 347 -10.74 37.36 -22.99
CA LEU A 347 -9.50 37.28 -22.21
C LEU A 347 -8.87 38.67 -22.04
N MET A 348 -8.38 38.95 -20.83
CA MET A 348 -7.62 40.17 -20.56
C MET A 348 -6.24 40.14 -21.24
N GLU A 349 -5.63 38.97 -21.32
CA GLU A 349 -4.24 38.83 -21.74
C GLU A 349 -4.07 38.91 -23.27
N TYR A 350 -4.91 38.18 -23.99
CA TYR A 350 -4.93 38.23 -25.46
C TYR A 350 -5.57 39.54 -25.94
N GLY A 351 -5.03 40.10 -27.02
CA GLY A 351 -5.60 41.28 -27.66
C GLY A 351 -5.33 42.56 -26.88
N THR A 352 -6.40 43.25 -26.48
CA THR A 352 -6.31 44.46 -25.65
C THR A 352 -7.34 44.46 -24.51
N GLY A 353 -7.77 43.27 -24.09
CA GLY A 353 -8.80 43.12 -23.05
C GLY A 353 -10.20 43.56 -23.45
N ALA A 354 -10.49 43.59 -24.75
CA ALA A 354 -11.79 44.01 -25.27
C ALA A 354 -11.90 43.62 -26.75
N VAL A 355 -13.12 43.34 -27.20
CA VAL A 355 -13.37 42.88 -28.57
C VAL A 355 -14.58 43.55 -29.21
N MET A 356 -14.59 43.56 -30.54
CA MET A 356 -15.76 43.99 -31.33
C MET A 356 -16.59 42.78 -31.73
N ALA A 357 -17.68 42.55 -31.00
CA ALA A 357 -18.50 41.36 -31.17
C ALA A 357 -19.43 41.48 -32.39
N VAL A 358 -19.28 40.56 -33.33
CA VAL A 358 -20.16 40.44 -34.49
C VAL A 358 -20.94 39.13 -34.33
N PRO A 359 -22.10 39.17 -33.65
CA PRO A 359 -22.85 37.94 -33.37
C PRO A 359 -23.46 37.28 -34.60
N GLY A 360 -23.71 38.05 -35.66
CA GLY A 360 -24.20 37.51 -36.93
C GLY A 360 -23.27 36.53 -37.62
N HIS A 361 -21.95 36.70 -37.43
CA HIS A 361 -20.93 35.89 -38.10
C HIS A 361 -19.79 35.46 -37.16
N ASP A 362 -20.18 34.99 -35.99
CA ASP A 362 -19.25 34.41 -35.01
C ASP A 362 -20.07 33.60 -34.02
N GLN A 363 -19.79 32.29 -33.94
CA GLN A 363 -20.61 31.37 -33.14
C GLN A 363 -20.52 31.63 -31.63
N ARG A 364 -19.37 32.12 -31.17
CA ARG A 364 -19.19 32.48 -29.76
C ARG A 364 -20.03 33.71 -29.38
N ASP A 365 -20.01 34.73 -30.24
CA ASP A 365 -20.79 35.96 -30.03
C ASP A 365 -22.29 35.77 -30.28
N TYR A 366 -22.64 34.88 -31.22
CA TYR A 366 -24.04 34.53 -31.51
C TYR A 366 -24.78 34.03 -30.28
N GLU A 367 -24.15 33.07 -29.59
CA GLU A 367 -24.70 32.50 -28.36
C GLU A 367 -24.82 33.54 -27.24
N PHE A 368 -23.83 34.42 -27.12
CA PHE A 368 -23.86 35.52 -26.16
C PHE A 368 -24.98 36.52 -26.49
N ALA A 369 -25.11 36.87 -27.77
CA ALA A 369 -26.15 37.80 -28.22
C ALA A 369 -27.56 37.22 -28.10
N SER A 370 -27.70 35.94 -28.44
CA SER A 370 -28.99 35.24 -28.32
C SER A 370 -29.43 35.03 -26.86
N LYS A 371 -28.47 34.78 -25.97
CA LYS A 371 -28.74 34.58 -24.55
C LYS A 371 -29.27 35.85 -23.90
N TYR A 372 -28.52 36.94 -24.05
CA TYR A 372 -28.85 38.24 -23.43
C TYR A 372 -29.71 39.15 -24.33
N GLY A 373 -30.14 38.66 -25.48
CA GLY A 373 -31.14 39.35 -26.31
C GLY A 373 -30.62 40.60 -27.01
N LEU A 374 -29.38 40.53 -27.51
CA LEU A 374 -28.78 41.63 -28.25
C LEU A 374 -29.13 41.54 -29.73
N ASN A 375 -28.85 42.60 -30.46
CA ASN A 375 -29.14 42.66 -31.90
C ASN A 375 -28.16 41.77 -32.67
N ILE A 376 -28.69 41.05 -33.66
CA ILE A 376 -27.90 40.19 -34.54
C ILE A 376 -28.09 40.69 -35.97
N LYS A 377 -27.17 41.56 -36.40
CA LYS A 377 -27.22 42.18 -37.73
C LYS A 377 -26.39 41.36 -38.73
N PRO A 378 -26.98 41.01 -39.90
CA PRO A 378 -26.23 40.33 -40.95
C PRO A 378 -25.61 41.32 -41.94
N VAL A 379 -24.30 41.21 -42.15
CA VAL A 379 -23.58 42.04 -43.15
C VAL A 379 -22.83 41.27 -44.26
N ILE A 380 -22.70 39.95 -44.12
CA ILE A 380 -22.01 39.10 -45.11
C ILE A 380 -23.05 38.24 -45.81
N LEU A 381 -23.06 38.26 -47.14
CA LEU A 381 -23.89 37.36 -47.94
C LEU A 381 -23.29 35.95 -47.90
N ALA A 382 -24.14 34.95 -48.08
CA ALA A 382 -23.68 33.55 -48.15
C ALA A 382 -22.98 33.26 -49.46
N ALA A 383 -22.40 32.06 -49.58
CA ALA A 383 -21.69 31.64 -50.80
C ALA A 383 -22.57 31.63 -52.06
N ASP A 384 -23.87 31.40 -51.89
CA ASP A 384 -24.83 31.46 -53.01
C ASP A 384 -25.10 32.88 -53.52
N GLY A 385 -24.85 33.89 -52.68
CA GLY A 385 -25.09 35.29 -53.02
C GLY A 385 -26.49 35.72 -52.61
N SER A 386 -26.81 35.50 -51.34
CA SER A 386 -28.13 35.81 -50.79
C SER A 386 -28.06 36.10 -49.29
N GLU A 387 -29.12 36.68 -48.75
CA GLU A 387 -29.20 37.06 -47.34
C GLU A 387 -29.29 35.79 -46.47
N PRO A 388 -28.33 35.60 -45.54
CA PRO A 388 -28.28 34.33 -44.81
C PRO A 388 -29.35 34.20 -43.72
N ASP A 389 -29.81 32.97 -43.50
CA ASP A 389 -30.76 32.66 -42.43
C ASP A 389 -29.97 32.42 -41.14
N LEU A 390 -30.15 33.31 -40.16
CA LEU A 390 -29.44 33.23 -38.88
C LEU A 390 -30.40 32.88 -37.73
N SER A 391 -31.24 31.87 -37.96
CA SER A 391 -32.23 31.43 -36.97
C SER A 391 -31.63 30.48 -35.95
N GLN A 392 -30.84 29.51 -36.43
CA GLN A 392 -30.19 28.50 -35.58
C GLN A 392 -28.75 28.84 -35.22
N GLN A 393 -27.97 29.28 -36.20
CA GLN A 393 -26.54 29.56 -36.02
C GLN A 393 -26.04 30.72 -36.88
N ALA A 394 -24.84 31.19 -36.56
CA ALA A 394 -24.17 32.25 -37.33
C ALA A 394 -23.53 31.69 -38.59
N LEU A 395 -23.26 32.57 -39.55
CA LEU A 395 -22.57 32.22 -40.79
C LEU A 395 -21.08 32.54 -40.64
N THR A 396 -20.29 31.53 -40.29
CA THR A 396 -18.85 31.71 -40.03
C THR A 396 -17.99 31.99 -41.27
N GLU A 397 -18.44 31.55 -42.45
CA GLU A 397 -17.65 31.70 -43.69
C GLU A 397 -17.62 33.15 -44.22
N LYS A 398 -16.64 33.41 -45.08
CA LYS A 398 -16.41 34.74 -45.66
C LYS A 398 -17.08 34.88 -47.03
N GLY A 399 -17.44 36.12 -47.40
CA GLY A 399 -18.11 36.37 -48.67
C GLY A 399 -18.32 37.84 -49.01
N VAL A 400 -19.33 38.10 -49.84
CA VAL A 400 -19.64 39.46 -50.31
C VAL A 400 -20.39 40.23 -49.22
N LEU A 401 -20.14 41.53 -49.15
CA LEU A 401 -20.80 42.40 -48.16
C LEU A 401 -22.14 42.93 -48.66
N PHE A 402 -23.06 43.10 -47.72
CA PHE A 402 -24.34 43.77 -47.96
C PHE A 402 -24.78 44.46 -46.66
N ASN A 403 -25.67 45.45 -46.78
CA ASN A 403 -26.15 46.21 -45.63
C ASN A 403 -24.98 46.84 -44.84
N SER A 404 -24.03 47.39 -45.58
CA SER A 404 -22.75 47.85 -45.06
C SER A 404 -22.35 49.23 -45.62
N GLY A 405 -23.34 50.08 -45.90
CA GLY A 405 -23.11 51.44 -46.39
C GLY A 405 -22.37 51.47 -47.72
N GLU A 406 -21.26 52.22 -47.74
CA GLU A 406 -20.42 52.34 -48.95
C GLU A 406 -19.64 51.08 -49.32
N PHE A 407 -19.50 50.12 -48.39
CA PHE A 407 -18.71 48.91 -48.61
C PHE A 407 -19.50 47.70 -49.15
N ASN A 408 -20.67 47.94 -49.75
CA ASN A 408 -21.49 46.85 -50.32
C ASN A 408 -20.87 46.31 -51.61
N GLY A 409 -21.02 45.00 -51.82
CA GLY A 409 -20.54 44.35 -53.04
C GLY A 409 -19.08 43.89 -53.03
N LEU A 410 -18.30 44.30 -52.03
CA LEU A 410 -16.88 43.97 -51.96
C LEU A 410 -16.67 42.58 -51.36
N ASP A 411 -15.73 41.82 -51.93
CA ASP A 411 -15.33 40.52 -51.38
C ASP A 411 -14.37 40.74 -50.19
N HIS A 412 -13.96 39.63 -49.54
CA HIS A 412 -13.13 39.69 -48.32
C HIS A 412 -11.84 40.49 -48.46
N GLU A 413 -11.15 40.34 -49.59
CA GLU A 413 -9.90 41.07 -49.86
C GLU A 413 -10.12 42.58 -49.86
N ALA A 414 -11.07 43.03 -50.68
CA ALA A 414 -11.38 44.45 -50.81
C ALA A 414 -12.08 45.02 -49.57
N ALA A 415 -12.94 44.22 -48.94
CA ALA A 415 -13.64 44.63 -47.71
C ALA A 415 -12.68 44.84 -46.54
N PHE A 416 -11.69 43.94 -46.41
CA PHE A 416 -10.64 44.05 -45.39
C PHE A 416 -9.87 45.37 -45.53
N ASN A 417 -9.37 45.62 -46.73
CA ASN A 417 -8.51 46.77 -47.00
C ASN A 417 -9.27 48.10 -47.04
N ALA A 418 -10.46 48.11 -47.63
CA ALA A 418 -11.25 49.35 -47.76
C ALA A 418 -11.66 49.93 -46.40
N ILE A 419 -12.16 49.08 -45.51
CA ILE A 419 -12.55 49.49 -44.16
C ILE A 419 -11.31 49.81 -43.31
N ALA A 420 -10.22 49.07 -43.52
CA ALA A 420 -8.93 49.37 -42.86
C ALA A 420 -8.41 50.74 -43.28
N ASP A 421 -8.34 50.97 -44.60
CA ASP A 421 -7.88 52.26 -45.15
C ASP A 421 -8.77 53.44 -44.73
N LYS A 422 -10.08 53.20 -44.66
CA LYS A 422 -11.03 54.21 -44.18
C LYS A 422 -10.76 54.57 -42.72
N LEU A 423 -10.64 53.55 -41.87
CA LEU A 423 -10.35 53.75 -40.45
C LEU A 423 -8.94 54.32 -40.19
N THR A 424 -7.99 53.99 -41.07
CA THR A 424 -6.65 54.60 -41.02
C THR A 424 -6.70 56.09 -41.41
N ALA A 425 -7.49 56.40 -42.45
CA ALA A 425 -7.70 57.79 -42.87
C ALA A 425 -8.44 58.62 -41.80
N MET A 426 -9.39 58.00 -41.12
CA MET A 426 -10.14 58.65 -40.04
C MET A 426 -9.31 58.91 -38.77
N GLY A 427 -8.25 58.12 -38.58
CA GLY A 427 -7.37 58.24 -37.41
C GLY A 427 -7.96 57.60 -36.16
N VAL A 428 -8.81 56.59 -36.36
CA VAL A 428 -9.40 55.81 -35.25
C VAL A 428 -9.05 54.32 -35.34
N GLY A 429 -8.09 53.97 -36.20
CA GLY A 429 -7.68 52.58 -36.38
C GLY A 429 -6.40 52.44 -37.18
N GLU A 430 -5.80 51.25 -37.13
CA GLU A 430 -4.55 50.96 -37.84
C GLU A 430 -4.30 49.46 -37.95
N ARG A 431 -3.61 49.05 -39.00
CA ARG A 431 -3.23 47.64 -39.20
C ARG A 431 -2.18 47.26 -38.17
N LYS A 432 -2.24 46.02 -37.68
CA LYS A 432 -1.29 45.53 -36.69
C LYS A 432 -1.19 44.00 -36.69
N VAL A 433 0.05 43.50 -36.54
CA VAL A 433 0.31 42.06 -36.41
C VAL A 433 0.18 41.71 -34.93
N ASN A 434 -0.67 40.74 -34.63
CA ASN A 434 -0.88 40.26 -33.25
C ASN A 434 -0.41 38.81 -33.14
N TYR A 435 -0.01 38.42 -31.93
CA TYR A 435 0.34 37.04 -31.62
C TYR A 435 -0.50 36.55 -30.45
N ARG A 436 -0.88 35.27 -30.49
CA ARG A 436 -1.47 34.61 -29.32
C ARG A 436 -0.40 34.43 -28.24
N LEU A 437 0.84 34.18 -28.68
CA LEU A 437 2.00 34.11 -27.78
C LEU A 437 2.10 35.33 -26.87
N ARG A 438 2.13 35.07 -25.56
CA ARG A 438 2.40 36.09 -24.56
C ARG A 438 3.88 36.06 -24.22
N ASP A 439 4.34 37.08 -23.51
CA ASP A 439 5.73 37.15 -23.05
C ASP A 439 5.97 36.17 -21.90
N TRP A 440 7.22 35.73 -21.77
CA TRP A 440 7.62 34.72 -20.80
C TRP A 440 7.74 35.34 -19.39
N GLY A 441 6.71 35.14 -18.57
CA GLY A 441 6.70 35.63 -17.19
C GLY A 441 7.51 34.74 -16.28
N VAL A 442 8.71 35.20 -15.90
CA VAL A 442 9.69 34.36 -15.17
C VAL A 442 9.68 34.48 -13.64
N SER A 443 8.91 35.42 -13.10
CA SER A 443 8.87 35.64 -11.64
C SER A 443 8.02 34.59 -10.93
N ARG A 444 8.65 33.88 -10.00
CA ARG A 444 7.97 32.99 -9.06
C ARG A 444 8.22 33.54 -7.65
N GLN A 445 7.23 33.36 -6.77
CA GLN A 445 7.35 33.78 -5.37
C GLN A 445 7.30 32.54 -4.48
N ARG A 446 8.31 31.69 -4.67
CA ARG A 446 8.56 30.53 -3.82
C ARG A 446 10.04 30.54 -3.44
N TYR A 447 10.42 29.59 -2.59
CA TYR A 447 11.80 29.49 -2.10
C TYR A 447 12.73 28.80 -3.09
N TRP A 448 12.46 27.53 -3.39
CA TRP A 448 13.42 26.64 -4.06
C TRP A 448 13.54 26.96 -5.56
N GLY A 449 14.31 28.02 -5.83
CA GLY A 449 14.55 28.52 -7.18
C GLY A 449 15.70 29.52 -7.17
N ALA A 450 16.31 29.73 -8.33
CA ALA A 450 17.40 30.70 -8.47
C ALA A 450 16.84 32.12 -8.28
N PRO A 451 17.40 32.92 -7.34
CA PRO A 451 16.87 34.29 -7.14
C PRO A 451 17.10 35.21 -8.33
N ILE A 452 16.15 36.10 -8.58
CA ILE A 452 16.23 37.04 -9.70
C ILE A 452 17.20 38.17 -9.34
N PRO A 453 18.21 38.44 -10.19
CA PRO A 453 19.18 39.49 -9.89
C PRO A 453 18.66 40.89 -10.27
N MET A 454 17.81 41.42 -9.40
CA MET A 454 17.31 42.79 -9.52
C MET A 454 17.29 43.43 -8.14
N VAL A 455 17.55 44.74 -8.09
CA VAL A 455 17.72 45.45 -6.83
C VAL A 455 16.84 46.71 -6.82
N THR A 456 16.09 46.88 -5.73
CA THR A 456 15.32 48.10 -5.48
C THR A 456 16.11 48.97 -4.50
N LEU A 457 16.57 50.13 -4.96
CA LEU A 457 17.37 51.04 -4.14
C LEU A 457 16.49 51.83 -3.18
N GLU A 458 17.11 52.58 -2.28
CA GLU A 458 16.41 53.49 -1.36
C GLU A 458 15.75 54.66 -2.12
N ASP A 459 16.32 55.02 -3.27
CA ASP A 459 15.72 55.98 -4.20
C ASP A 459 14.28 55.63 -4.61
N GLY A 460 14.05 54.34 -4.86
CA GLY A 460 12.83 53.86 -5.50
C GLY A 460 13.12 53.28 -6.88
N THR A 461 14.26 53.65 -7.46
CA THR A 461 14.68 53.16 -8.77
C THR A 461 15.08 51.68 -8.74
N VAL A 462 14.66 50.94 -9.77
CA VAL A 462 14.96 49.52 -9.92
C VAL A 462 16.02 49.35 -11.00
N MET A 463 17.11 48.65 -10.66
CA MET A 463 18.19 48.35 -11.59
C MET A 463 18.76 46.95 -11.34
N PRO A 464 19.56 46.40 -12.29
CA PRO A 464 20.13 45.06 -12.09
C PRO A 464 21.11 44.95 -10.92
N THR A 465 21.27 43.72 -10.41
CA THR A 465 22.27 43.43 -9.39
C THR A 465 23.65 43.60 -10.03
N PRO A 466 24.56 44.37 -9.38
CA PRO A 466 25.93 44.52 -9.90
C PRO A 466 26.68 43.20 -10.10
N ASP A 467 27.66 43.21 -11.00
CA ASP A 467 28.40 42.00 -11.35
C ASP A 467 29.27 41.47 -10.20
N ASP A 468 29.80 42.38 -9.38
CA ASP A 468 30.53 41.99 -8.16
C ASP A 468 29.70 41.23 -7.13
N GLN A 469 28.40 41.56 -7.05
CA GLN A 469 27.47 40.91 -6.12
C GLN A 469 26.75 39.67 -6.67
N LEU A 470 27.04 39.29 -7.93
CA LEU A 470 26.55 38.03 -8.49
C LEU A 470 27.54 36.89 -8.16
N PRO A 471 27.07 35.67 -7.92
CA PRO A 471 25.66 35.29 -7.96
C PRO A 471 24.90 35.64 -6.68
N VAL A 472 23.59 35.84 -6.81
CA VAL A 472 22.71 35.99 -5.66
C VAL A 472 22.43 34.57 -5.17
N ILE A 473 23.19 34.13 -4.17
CA ILE A 473 23.16 32.74 -3.72
C ILE A 473 21.93 32.49 -2.84
N LEU A 474 21.15 31.46 -3.18
CA LEU A 474 20.02 31.01 -2.37
C LEU A 474 20.55 30.21 -1.19
N PRO A 475 20.16 30.58 0.06
CA PRO A 475 20.66 29.86 1.22
C PRO A 475 19.99 28.49 1.39
N GLU A 476 20.77 27.42 1.27
CA GLU A 476 20.25 26.04 1.32
C GLU A 476 19.75 25.64 2.71
N ASP A 477 20.56 25.95 3.73
CA ASP A 477 20.24 25.60 5.13
C ASP A 477 19.20 26.58 5.68
N VAL A 478 17.92 26.19 5.61
CA VAL A 478 16.80 27.00 6.10
C VAL A 478 15.73 26.14 6.77
N VAL A 479 14.78 26.82 7.43
CA VAL A 479 13.59 26.17 8.01
C VAL A 479 12.34 26.84 7.42
N MET A 480 11.41 26.01 6.94
CA MET A 480 10.26 26.47 6.19
C MET A 480 8.95 26.14 6.91
N ASP A 481 8.20 27.19 7.26
CA ASP A 481 6.86 27.03 7.85
C ASP A 481 5.82 26.50 6.85
N GLY A 482 6.09 26.66 5.55
CA GLY A 482 5.20 26.14 4.50
C GLY A 482 4.37 27.21 3.82
N ILE A 483 4.00 28.25 4.57
CA ILE A 483 3.19 29.35 4.05
C ILE A 483 4.06 30.33 3.26
N THR A 484 5.13 30.83 3.91
CA THR A 484 6.00 31.87 3.35
C THR A 484 7.44 31.36 3.14
N SER A 485 8.11 31.92 2.14
CA SER A 485 9.51 31.60 1.85
C SER A 485 10.43 32.18 2.93
N PRO A 486 11.52 31.44 3.29
CA PRO A 486 12.45 31.95 4.32
C PRO A 486 13.23 33.20 3.91
N ILE A 487 13.65 33.29 2.66
CA ILE A 487 14.30 34.51 2.14
C ILE A 487 13.36 35.74 2.13
N LYS A 488 12.05 35.51 2.02
CA LYS A 488 11.04 36.55 2.15
C LYS A 488 10.73 36.88 3.61
N ALA A 489 10.60 35.83 4.44
CA ALA A 489 10.27 35.99 5.86
C ALA A 489 11.37 36.69 6.65
N ASP A 490 12.62 36.27 6.44
CA ASP A 490 13.79 36.90 7.07
C ASP A 490 14.04 38.27 6.43
N PRO A 491 13.96 39.37 7.22
CA PRO A 491 14.24 40.68 6.65
C PRO A 491 15.73 40.98 6.41
N GLU A 492 16.62 40.24 7.08
CA GLU A 492 18.07 40.43 6.93
C GLU A 492 18.63 40.04 5.56
N TRP A 493 18.03 39.01 4.93
CA TRP A 493 18.59 38.45 3.68
C TRP A 493 18.53 39.42 2.49
N ALA A 494 17.43 40.15 2.36
CA ALA A 494 17.24 41.07 1.23
C ALA A 494 18.21 42.28 1.20
N LYS A 495 18.74 42.65 2.38
CA LYS A 495 19.64 43.81 2.51
C LYS A 495 20.89 43.72 1.64
N THR A 496 21.23 44.86 1.02
CA THR A 496 22.50 45.00 0.28
C THR A 496 22.84 46.49 0.10
N THR A 497 24.00 46.75 -0.50
CA THR A 497 24.48 48.12 -0.75
C THR A 497 24.94 48.26 -2.21
N VAL A 498 24.22 49.07 -2.98
CA VAL A 498 24.50 49.29 -4.41
C VAL A 498 24.59 50.79 -4.69
N ASN A 499 25.66 51.19 -5.37
CA ASN A 499 25.93 52.60 -5.72
C ASN A 499 25.96 53.53 -4.50
N GLY A 500 26.54 53.04 -3.40
CA GLY A 500 26.71 53.82 -2.18
C GLY A 500 25.42 54.19 -1.44
N MET A 501 24.47 53.25 -1.40
CA MET A 501 23.21 53.45 -0.67
C MET A 501 22.54 52.11 -0.36
N PRO A 502 21.77 52.03 0.75
CA PRO A 502 20.99 50.82 1.07
C PRO A 502 20.02 50.39 -0.04
N ALA A 503 19.80 49.09 -0.16
CA ALA A 503 18.91 48.54 -1.19
C ALA A 503 18.38 47.15 -0.81
N LEU A 504 17.25 46.79 -1.42
CA LEU A 504 16.58 45.50 -1.19
C LEU A 504 16.53 44.72 -2.49
N ARG A 505 17.26 43.62 -2.56
CA ARG A 505 17.27 42.76 -3.75
C ARG A 505 16.03 41.86 -3.82
N GLU A 506 15.76 41.38 -5.03
CA GLU A 506 14.52 40.65 -5.34
C GLU A 506 14.49 39.29 -4.66
N THR A 507 13.45 39.06 -3.86
CA THR A 507 13.23 37.79 -3.16
C THR A 507 12.46 36.76 -3.99
N ASP A 508 11.82 37.20 -5.07
CA ASP A 508 11.24 36.29 -6.08
C ASP A 508 12.34 35.49 -6.79
N THR A 509 11.99 34.27 -7.20
CA THR A 509 12.90 33.35 -7.88
C THR A 509 12.48 33.09 -9.32
N PHE A 510 13.40 32.53 -10.11
CA PHE A 510 13.13 32.25 -11.53
C PHE A 510 12.16 31.08 -11.72
N ASP A 511 11.58 31.04 -12.91
CA ASP A 511 10.83 29.89 -13.40
C ASP A 511 11.82 28.74 -13.62
N THR A 512 11.41 27.51 -13.35
CA THR A 512 12.29 26.34 -13.53
C THR A 512 12.65 26.06 -14.99
N PHE A 513 11.81 26.51 -15.93
CA PHE A 513 12.12 26.47 -17.35
C PHE A 513 13.38 27.28 -17.73
N MET A 514 13.70 28.30 -16.93
CA MET A 514 14.92 29.09 -17.11
C MET A 514 16.18 28.23 -17.08
N GLU A 515 16.28 27.34 -16.08
CA GLU A 515 17.46 26.47 -15.94
C GLU A 515 17.53 25.42 -17.06
N SER A 516 16.37 24.87 -17.44
CA SER A 516 16.30 23.85 -18.49
C SER A 516 16.26 24.40 -19.92
N SER A 517 16.40 25.71 -20.10
CA SER A 517 16.47 26.33 -21.43
C SER A 517 17.87 26.26 -22.06
N TRP A 518 18.92 26.39 -21.24
CA TRP A 518 20.31 26.49 -21.73
C TRP A 518 21.26 25.38 -21.24
N TYR A 519 20.76 24.44 -20.43
CA TYR A 519 21.56 23.30 -19.93
C TYR A 519 22.30 22.51 -21.03
N TYR A 520 21.67 22.39 -22.20
CA TYR A 520 22.27 21.69 -23.36
C TYR A 520 23.59 22.32 -23.81
N ALA A 521 23.67 23.64 -23.70
CA ALA A 521 24.88 24.38 -24.04
C ALA A 521 25.94 24.23 -22.94
N ARG A 522 25.50 24.25 -21.69
CA ARG A 522 26.41 24.15 -20.54
C ARG A 522 27.11 22.79 -20.45
N TYR A 523 26.46 21.73 -20.93
CA TYR A 523 27.07 20.39 -20.99
C TYR A 523 28.39 20.36 -21.78
N THR A 524 28.54 21.22 -22.78
CA THR A 524 29.76 21.26 -23.59
C THR A 524 31.01 21.72 -22.80
N CYS A 525 30.80 22.49 -21.73
CA CYS A 525 31.89 23.05 -20.94
C CYS A 525 31.42 23.36 -19.51
N PRO A 526 31.02 22.32 -18.75
CA PRO A 526 30.32 22.52 -17.48
C PRO A 526 31.19 23.02 -16.31
N GLN A 527 32.51 22.78 -16.37
CA GLN A 527 33.46 23.28 -15.38
C GLN A 527 34.19 24.56 -15.85
N TYR A 528 33.63 25.24 -16.86
CA TYR A 528 34.22 26.48 -17.38
C TYR A 528 33.95 27.64 -16.40
N LYS A 529 35.00 28.04 -15.70
CA LYS A 529 34.90 29.06 -14.65
C LYS A 529 34.87 30.49 -15.20
N GLU A 530 35.42 30.69 -16.40
CA GLU A 530 35.70 32.03 -16.93
C GLU A 530 34.51 32.72 -17.62
N GLY A 531 33.44 31.97 -17.89
CA GLY A 531 32.24 32.54 -18.52
C GLY A 531 31.06 31.58 -18.54
N MET A 532 29.98 31.99 -19.23
CA MET A 532 28.79 31.15 -19.38
C MET A 532 29.07 29.95 -20.29
N LEU A 533 29.69 30.22 -21.45
CA LEU A 533 30.07 29.17 -22.40
C LEU A 533 31.51 29.34 -22.87
N ASP A 534 32.17 28.21 -23.10
CA ASP A 534 33.45 28.15 -23.79
C ASP A 534 33.11 27.90 -25.25
N SER A 535 33.09 28.97 -26.05
CA SER A 535 32.60 28.91 -27.44
C SER A 535 33.40 27.98 -28.36
N GLU A 536 34.69 27.79 -28.07
CA GLU A 536 35.50 26.81 -28.80
C GLU A 536 34.97 25.38 -28.59
N ALA A 537 34.62 25.06 -27.34
CA ALA A 537 34.02 23.77 -27.00
C ALA A 537 32.56 23.66 -27.46
N ALA A 538 31.80 24.75 -27.32
CA ALA A 538 30.38 24.76 -27.66
C ALA A 538 30.12 24.61 -29.15
N ASN A 539 30.87 25.34 -29.98
CA ASN A 539 30.73 25.28 -31.44
C ASN A 539 31.22 23.96 -32.07
N TYR A 540 32.04 23.20 -31.34
CA TYR A 540 32.40 21.84 -31.73
C TYR A 540 31.20 20.89 -31.62
N TRP A 541 30.57 20.87 -30.45
CA TRP A 541 29.45 19.97 -30.16
C TRP A 541 28.13 20.41 -30.80
N LEU A 542 27.79 21.69 -30.62
CA LEU A 542 26.52 22.23 -31.13
C LEU A 542 26.55 22.39 -32.66
N PRO A 543 25.39 22.32 -33.33
CA PRO A 543 24.08 22.05 -32.72
C PRO A 543 23.88 20.56 -32.39
N VAL A 544 22.78 20.25 -31.70
CA VAL A 544 22.50 18.89 -31.23
C VAL A 544 21.97 18.05 -32.41
N ASP A 545 22.55 16.86 -32.59
CA ASP A 545 22.19 15.97 -33.71
C ASP A 545 20.81 15.33 -33.53
N ILE A 546 20.55 14.83 -32.33
CA ILE A 546 19.26 14.24 -31.97
C ILE A 546 18.90 14.65 -30.54
N TYR A 547 17.65 15.08 -30.35
CA TYR A 547 17.14 15.52 -29.04
C TYR A 547 15.94 14.65 -28.65
N ILE A 548 16.14 13.80 -27.65
CA ILE A 548 15.14 12.80 -27.24
C ILE A 548 14.42 13.27 -25.98
N GLY A 549 13.12 13.54 -26.11
CA GLY A 549 12.30 13.99 -24.99
C GLY A 549 10.87 13.50 -25.11
N GLY A 550 10.02 13.92 -24.18
CA GLY A 550 8.60 13.57 -24.20
C GLY A 550 7.80 14.49 -25.10
N ILE A 551 6.66 13.98 -25.57
CA ILE A 551 5.72 14.79 -26.36
C ILE A 551 5.11 15.93 -25.53
N GLU A 552 5.01 15.74 -24.22
CA GLU A 552 4.58 16.80 -23.29
C GLU A 552 5.32 18.13 -23.46
N HIS A 553 6.61 18.07 -23.77
CA HIS A 553 7.46 19.25 -23.97
C HIS A 553 7.51 19.74 -25.44
N ALA A 554 6.53 19.34 -26.26
CA ALA A 554 6.46 19.77 -27.67
C ALA A 554 6.42 21.29 -27.82
N ILE A 555 5.71 21.96 -26.93
CA ILE A 555 5.47 23.40 -27.02
C ILE A 555 6.28 24.18 -25.97
N MET A 556 5.87 24.11 -24.70
CA MET A 556 6.41 24.98 -23.63
C MET A 556 7.93 25.04 -23.58
N HIS A 557 8.56 23.91 -23.24
CA HIS A 557 10.02 23.85 -23.07
C HIS A 557 10.77 24.09 -24.38
N LEU A 558 10.40 23.36 -25.42
CA LEU A 558 11.09 23.45 -26.72
C LEU A 558 11.07 24.86 -27.32
N LEU A 559 10.00 25.61 -27.07
CA LEU A 559 9.88 26.99 -27.53
C LEU A 559 10.82 27.94 -26.76
N TYR A 560 10.99 27.70 -25.45
CA TYR A 560 11.98 28.43 -24.63
C TYR A 560 13.40 28.02 -25.04
N PHE A 561 13.60 26.70 -25.10
CA PHE A 561 14.85 26.07 -25.56
C PHE A 561 15.36 26.61 -26.90
N ARG A 562 14.45 26.78 -27.86
CA ARG A 562 14.78 27.41 -29.15
C ARG A 562 15.03 28.91 -29.00
N PHE A 563 14.15 29.59 -28.27
CA PHE A 563 14.27 31.03 -28.01
C PHE A 563 15.60 31.41 -27.34
N PHE A 564 16.01 30.62 -26.35
CA PHE A 564 17.22 30.88 -25.57
C PHE A 564 18.48 30.65 -26.41
N HIS A 565 18.44 29.66 -27.31
CA HIS A 565 19.52 29.45 -28.27
C HIS A 565 19.75 30.69 -29.14
N LYS A 566 18.65 31.27 -29.62
CA LYS A 566 18.70 32.46 -30.48
C LYS A 566 19.22 33.70 -29.76
N LEU A 567 18.96 33.80 -28.45
CA LEU A 567 19.53 34.88 -27.62
C LEU A 567 21.04 34.71 -27.45
N MET A 568 21.50 33.48 -27.22
CA MET A 568 22.94 33.19 -27.08
C MET A 568 23.70 33.37 -28.40
N ARG A 569 23.04 33.09 -29.52
CA ARG A 569 23.57 33.40 -30.85
C ARG A 569 23.79 34.91 -31.02
N ASP A 570 22.79 35.70 -30.63
CA ASP A 570 22.84 37.16 -30.76
C ASP A 570 23.77 37.85 -29.74
N ALA A 571 24.30 37.10 -28.78
CA ALA A 571 25.39 37.56 -27.90
C ALA A 571 26.77 37.06 -28.37
N GLY A 572 26.85 36.50 -29.58
CA GLY A 572 28.11 36.01 -30.14
C GLY A 572 28.68 34.75 -29.51
N MET A 573 27.84 33.93 -28.89
CA MET A 573 28.28 32.72 -28.19
C MET A 573 28.30 31.51 -29.11
N VAL A 574 27.22 31.33 -29.89
CA VAL A 574 27.03 30.13 -30.73
C VAL A 574 26.78 30.48 -32.20
N ASN A 575 27.13 29.56 -33.10
CA ASN A 575 27.01 29.77 -34.55
C ASN A 575 25.58 29.58 -35.06
N SER A 576 25.01 28.42 -34.76
CA SER A 576 23.75 27.98 -35.37
C SER A 576 22.54 28.82 -34.99
N ASP A 577 21.56 28.86 -35.89
CA ASP A 577 20.29 29.55 -35.67
C ASP A 577 19.31 28.70 -34.84
N GLU A 578 19.42 27.38 -34.98
CA GLU A 578 18.59 26.43 -34.23
C GLU A 578 19.48 25.52 -33.36
N PRO A 579 19.00 25.16 -32.15
CA PRO A 579 19.80 24.33 -31.25
C PRO A 579 19.86 22.85 -31.61
N ALA A 580 18.73 22.28 -32.05
CA ALA A 580 18.63 20.84 -32.32
C ALA A 580 18.26 20.59 -33.78
N LYS A 581 19.00 19.67 -34.42
CA LYS A 581 18.75 19.30 -35.82
C LYS A 581 17.53 18.38 -35.93
N GLN A 582 17.54 17.32 -35.12
CA GLN A 582 16.47 16.32 -35.11
C GLN A 582 15.83 16.23 -33.72
N LEU A 583 14.50 16.14 -33.69
CA LEU A 583 13.73 15.97 -32.45
C LEU A 583 13.07 14.60 -32.46
N LEU A 584 13.18 13.88 -31.33
CA LEU A 584 12.46 12.63 -31.13
C LEU A 584 11.58 12.76 -29.89
N CYS A 585 10.37 13.25 -30.10
CA CYS A 585 9.36 13.31 -29.04
C CYS A 585 8.72 11.94 -28.86
N GLN A 586 9.18 11.20 -27.86
CA GLN A 586 8.60 9.90 -27.52
C GLN A 586 7.22 10.08 -26.89
N GLY A 587 6.38 9.05 -27.04
CA GLY A 587 5.06 9.02 -26.41
C GLY A 587 5.18 8.82 -24.91
N MET A 588 4.18 9.32 -24.19
CA MET A 588 4.13 9.18 -22.73
C MET A 588 3.91 7.74 -22.32
N VAL A 589 4.41 7.40 -21.13
CA VAL A 589 4.22 6.10 -20.52
C VAL A 589 3.14 6.32 -19.46
N LEU A 590 1.96 5.76 -19.71
CA LEU A 590 0.77 5.99 -18.89
C LEU A 590 0.63 4.93 -17.80
N ALA A 591 -0.12 5.28 -16.76
CA ALA A 591 -0.43 4.36 -15.67
C ALA A 591 -1.72 4.78 -14.96
N ASP A 592 -2.35 3.83 -14.28
CA ASP A 592 -3.59 4.09 -13.55
C ASP A 592 -3.31 5.01 -12.36
N ALA A 593 -4.26 5.88 -12.03
CA ALA A 593 -4.09 6.86 -10.97
C ALA A 593 -5.32 6.90 -10.07
N PHE A 594 -5.10 6.75 -8.76
CA PHE A 594 -6.18 6.70 -7.76
C PHE A 594 -5.95 7.74 -6.68
N TYR A 595 -7.03 8.15 -6.01
CA TYR A 595 -6.95 9.02 -4.84
C TYR A 595 -8.20 8.89 -3.97
N TYR A 596 -8.13 9.42 -2.75
CA TYR A 596 -9.29 9.49 -1.85
C TYR A 596 -9.35 10.81 -1.10
N VAL A 597 -10.54 11.15 -0.63
CA VAL A 597 -10.79 12.41 0.08
C VAL A 597 -10.32 12.28 1.52
N GLY A 598 -9.44 13.19 1.95
CA GLY A 598 -8.96 13.22 3.34
C GLY A 598 -9.97 13.88 4.28
N GLU A 599 -9.63 13.90 5.57
CA GLU A 599 -10.50 14.53 6.58
C GLU A 599 -10.62 16.04 6.38
N ASN A 600 -9.54 16.69 5.95
CA ASN A 600 -9.54 18.12 5.64
C ASN A 600 -9.54 18.39 4.12
N GLY A 601 -10.21 17.51 3.35
CA GLY A 601 -10.31 17.64 1.90
C GLY A 601 -9.01 17.55 1.12
N GLU A 602 -8.07 16.74 1.64
CA GLU A 602 -6.72 16.64 1.06
C GLU A 602 -6.61 15.40 0.16
N ARG A 603 -6.30 15.61 -1.11
CA ARG A 603 -6.20 14.53 -2.10
C ARG A 603 -4.95 13.67 -1.88
N ASN A 604 -5.12 12.53 -1.20
CA ASN A 604 -4.03 11.58 -0.99
C ASN A 604 -4.01 10.56 -2.13
N TRP A 605 -3.06 10.74 -3.06
CA TRP A 605 -2.95 9.86 -4.23
C TRP A 605 -2.31 8.52 -3.86
N VAL A 606 -2.98 7.42 -4.23
CA VAL A 606 -2.51 6.06 -3.96
C VAL A 606 -1.96 5.43 -5.24
N SER A 607 -0.94 4.58 -5.08
CA SER A 607 -0.27 3.91 -6.20
C SER A 607 -1.07 2.67 -6.68
N PRO A 608 -0.97 2.32 -7.98
CA PRO A 608 -1.54 1.06 -8.51
C PRO A 608 -1.12 -0.21 -7.77
N VAL A 609 0.09 -0.21 -7.22
CA VAL A 609 0.59 -1.34 -6.42
C VAL A 609 -0.26 -1.55 -5.16
N ASP A 610 -0.62 -0.44 -4.49
CA ASP A 610 -1.42 -0.49 -3.26
C ASP A 610 -2.93 -0.62 -3.49
N ALA A 611 -3.40 -0.26 -4.69
CA ALA A 611 -4.82 -0.31 -5.02
C ALA A 611 -5.30 -1.73 -5.31
N ILE A 612 -6.43 -2.11 -4.70
CA ILE A 612 -7.11 -3.38 -4.97
C ILE A 612 -8.27 -3.06 -5.92
N VAL A 613 -8.31 -3.78 -7.05
CA VAL A 613 -9.17 -3.42 -8.18
C VAL A 613 -10.06 -4.58 -8.61
N GLU A 614 -11.29 -4.25 -9.03
CA GLU A 614 -12.22 -5.21 -9.64
C GLU A 614 -12.62 -4.66 -11.01
N ARG A 615 -12.36 -5.43 -12.07
CA ARG A 615 -12.45 -4.94 -13.46
C ARG A 615 -13.78 -5.24 -14.15
N ASP A 616 -13.97 -4.56 -15.27
CA ASP A 616 -15.15 -4.68 -16.13
C ASP A 616 -14.97 -5.84 -17.11
N GLU A 617 -16.06 -6.30 -17.69
CA GLU A 617 -16.04 -7.34 -18.73
C GLU A 617 -15.28 -6.89 -19.99
N LYS A 618 -15.42 -5.61 -20.36
CA LYS A 618 -14.65 -5.02 -21.47
C LYS A 618 -13.16 -4.88 -21.17
N GLY A 619 -12.82 -4.51 -19.93
CA GLY A 619 -11.44 -4.20 -19.54
C GLY A 619 -11.30 -3.06 -18.55
N ARG A 620 -12.26 -2.12 -18.57
CA ARG A 620 -12.25 -0.93 -17.69
C ARG A 620 -12.24 -1.28 -16.19
N ILE A 621 -11.85 -0.30 -15.37
CA ILE A 621 -11.87 -0.45 -13.90
C ILE A 621 -13.23 0.04 -13.38
N VAL A 622 -13.81 -0.73 -12.46
CA VAL A 622 -15.17 -0.49 -11.95
C VAL A 622 -15.14 -0.07 -10.47
N LYS A 623 -14.52 -0.90 -9.63
CA LYS A 623 -14.32 -0.61 -8.21
C LYS A 623 -12.84 -0.44 -7.91
N ALA A 624 -12.54 0.26 -6.81
CA ALA A 624 -11.16 0.53 -6.39
C ALA A 624 -11.08 0.81 -4.89
N LYS A 625 -10.31 -0.02 -4.17
CA LYS A 625 -10.13 0.09 -2.72
C LYS A 625 -8.65 -0.04 -2.40
N ASP A 626 -8.12 0.83 -1.53
CA ASP A 626 -6.74 0.70 -1.04
C ASP A 626 -6.63 -0.37 0.06
N ALA A 627 -5.39 -0.70 0.42
CA ALA A 627 -5.12 -1.73 1.42
C ALA A 627 -5.67 -1.42 2.82
N ALA A 628 -5.71 -0.13 3.17
CA ALA A 628 -6.21 0.31 4.47
C ALA A 628 -7.72 0.14 4.59
N GLY A 629 -8.46 0.74 3.66
CA GLY A 629 -9.92 0.68 3.61
C GLY A 629 -10.56 2.02 3.30
N HIS A 630 -10.31 2.51 2.09
CA HIS A 630 -10.86 3.79 1.60
C HIS A 630 -11.37 3.60 0.17
N GLU A 631 -12.51 4.22 -0.13
CA GLU A 631 -13.08 4.17 -1.48
C GLU A 631 -12.28 5.10 -2.40
N LEU A 632 -11.54 4.50 -3.33
CA LEU A 632 -10.64 5.24 -4.22
C LEU A 632 -11.36 5.77 -5.46
N VAL A 633 -11.16 7.06 -5.74
CA VAL A 633 -11.67 7.68 -6.96
C VAL A 633 -10.69 7.39 -8.09
N TYR A 634 -11.11 6.58 -9.05
CA TYR A 634 -10.30 6.24 -10.22
C TYR A 634 -10.37 7.37 -11.25
N THR A 635 -9.30 8.15 -11.36
CA THR A 635 -9.22 9.24 -12.33
C THR A 635 -9.10 8.70 -13.76
N GLY A 636 -8.20 7.74 -13.94
CA GLY A 636 -7.99 7.09 -15.24
C GLY A 636 -6.53 6.75 -15.49
N MET A 637 -6.23 6.47 -16.76
CA MET A 637 -4.86 6.42 -17.24
C MET A 637 -4.33 7.85 -17.31
N SER A 638 -3.09 8.05 -16.85
CA SER A 638 -2.40 9.32 -17.02
C SER A 638 -0.90 9.11 -16.89
N LYS A 639 -0.12 10.13 -17.25
CA LYS A 639 1.34 10.01 -17.28
C LYS A 639 1.90 9.71 -15.88
N MET A 640 2.87 8.79 -15.84
CA MET A 640 3.61 8.49 -14.60
C MET A 640 4.27 9.74 -14.02
N SER A 641 4.05 9.98 -12.73
CA SER A 641 4.63 11.13 -12.03
C SER A 641 4.61 10.98 -10.52
N LYS A 642 5.37 11.84 -9.85
CA LYS A 642 5.37 11.94 -8.39
C LYS A 642 4.09 12.60 -7.88
N SER A 643 3.54 13.54 -8.66
CA SER A 643 2.33 14.30 -8.28
C SER A 643 1.12 13.41 -8.11
N LYS A 644 0.82 12.62 -9.15
CA LYS A 644 -0.29 11.66 -9.13
C LYS A 644 0.07 10.31 -8.49
N ASN A 645 1.37 10.13 -8.17
CA ASN A 645 1.86 8.98 -7.39
C ASN A 645 1.60 7.64 -8.11
N ASN A 646 1.81 7.65 -9.43
CA ASN A 646 1.50 6.49 -10.29
C ASN A 646 2.72 5.97 -11.09
N GLY A 647 3.92 6.36 -10.68
CA GLY A 647 5.14 5.89 -11.31
C GLY A 647 5.50 4.50 -10.83
N ILE A 648 5.92 3.64 -11.76
CA ILE A 648 6.32 2.27 -11.45
C ILE A 648 7.85 2.19 -11.48
N ASP A 649 8.43 1.89 -10.32
CA ASP A 649 9.89 1.86 -10.14
C ASP A 649 10.49 0.67 -10.91
N PRO A 650 11.48 0.93 -11.79
CA PRO A 650 12.14 -0.20 -12.48
C PRO A 650 13.01 -1.11 -11.59
N GLN A 651 13.37 -0.64 -10.39
CA GLN A 651 14.28 -1.36 -9.47
C GLN A 651 13.87 -2.82 -9.18
N VAL A 652 12.57 -3.09 -9.12
CA VAL A 652 12.07 -4.44 -8.85
C VAL A 652 12.36 -5.37 -10.03
N MET A 653 12.02 -4.92 -11.24
CA MET A 653 12.27 -5.70 -12.47
C MET A 653 13.77 -5.85 -12.79
N VAL A 654 14.55 -4.82 -12.50
CA VAL A 654 16.01 -4.85 -12.73
C VAL A 654 16.68 -5.90 -11.83
N GLU A 655 16.26 -5.96 -10.57
CA GLU A 655 16.78 -6.97 -9.63
C GLU A 655 16.44 -8.40 -10.07
N ARG A 656 15.20 -8.61 -10.53
CA ARG A 656 14.73 -9.94 -10.94
C ARG A 656 15.29 -10.34 -12.31
N TYR A 657 14.97 -9.55 -13.33
CA TYR A 657 15.28 -9.89 -14.73
C TYR A 657 16.63 -9.37 -15.23
N GLY A 658 17.02 -8.17 -14.79
CA GLY A 658 18.25 -7.52 -15.26
C GLY A 658 17.93 -6.30 -16.10
N ALA A 659 18.81 -5.30 -16.05
CA ALA A 659 18.68 -4.06 -16.82
C ALA A 659 18.50 -4.29 -18.32
N ASP A 660 19.28 -5.20 -18.89
CA ASP A 660 19.18 -5.58 -20.31
C ASP A 660 17.78 -6.08 -20.68
N THR A 661 17.20 -6.92 -19.81
CA THR A 661 15.86 -7.46 -20.02
C THR A 661 14.77 -6.37 -19.94
N VAL A 662 14.94 -5.44 -19.00
CA VAL A 662 14.03 -4.30 -18.86
C VAL A 662 14.19 -3.36 -20.06
N ARG A 663 15.44 -3.05 -20.41
CA ARG A 663 15.76 -2.17 -21.53
C ARG A 663 15.25 -2.69 -22.87
N LEU A 664 15.44 -3.97 -23.13
CA LEU A 664 14.95 -4.60 -24.36
C LEU A 664 13.42 -4.57 -24.43
N PHE A 665 12.78 -4.78 -23.28
CA PHE A 665 11.31 -4.79 -23.20
C PHE A 665 10.69 -3.43 -23.53
N MET A 666 11.27 -2.36 -23.00
CA MET A 666 10.80 -0.99 -23.28
C MET A 666 10.82 -0.66 -24.77
N MET A 667 11.91 -1.02 -25.45
CA MET A 667 12.08 -0.73 -26.88
C MET A 667 11.25 -1.66 -27.77
N PHE A 668 11.09 -2.91 -27.36
CA PHE A 668 10.35 -3.91 -28.13
C PHE A 668 8.83 -3.73 -28.07
N ALA A 669 8.31 -3.29 -26.93
CA ALA A 669 6.86 -3.25 -26.66
C ALA A 669 6.05 -2.33 -27.60
N SER A 670 6.63 -1.18 -27.95
CA SER A 670 5.93 -0.18 -28.76
C SER A 670 6.94 0.76 -29.45
N PRO A 671 6.57 1.34 -30.62
CA PRO A 671 7.44 2.35 -31.23
C PRO A 671 7.52 3.63 -30.37
N ALA A 672 8.67 4.29 -30.44
CA ALA A 672 9.01 5.38 -29.52
C ALA A 672 7.96 6.49 -29.46
N ASP A 673 7.54 6.99 -30.62
CA ASP A 673 6.62 8.14 -30.70
C ASP A 673 5.20 7.87 -30.19
N MET A 674 4.73 6.63 -30.33
CA MET A 674 3.39 6.25 -29.85
C MET A 674 3.37 6.13 -28.32
N THR A 675 2.23 6.45 -27.72
CA THR A 675 2.03 6.32 -26.26
C THR A 675 1.99 4.86 -25.82
N LEU A 676 2.19 4.63 -24.53
CA LEU A 676 2.26 3.28 -23.98
C LEU A 676 1.56 3.18 -22.63
N GLU A 677 0.45 2.45 -22.58
CA GLU A 677 -0.19 2.08 -21.32
C GLU A 677 0.64 0.95 -20.71
N TRP A 678 1.19 1.20 -19.53
CA TRP A 678 2.19 0.30 -18.94
C TRP A 678 1.60 -1.02 -18.40
N GLN A 679 2.27 -2.12 -18.71
CA GLN A 679 2.03 -3.41 -18.07
C GLN A 679 3.28 -4.28 -18.16
N GLU A 680 3.47 -5.14 -17.16
CA GLU A 680 4.66 -6.01 -17.10
C GLU A 680 4.62 -7.17 -18.09
N SER A 681 3.42 -7.54 -18.57
CA SER A 681 3.25 -8.61 -19.56
C SER A 681 4.07 -8.34 -20.82
N GLY A 682 4.97 -9.27 -21.14
CA GLY A 682 5.87 -9.16 -22.30
C GLY A 682 7.34 -9.27 -21.94
N VAL A 683 7.70 -8.94 -20.69
CA VAL A 683 9.09 -9.06 -20.20
C VAL A 683 9.67 -10.46 -20.33
N GLU A 684 8.83 -11.49 -20.16
CA GLU A 684 9.27 -12.87 -20.18
C GLU A 684 9.77 -13.32 -21.57
N GLY A 685 9.20 -12.72 -22.62
CA GLY A 685 9.71 -12.91 -23.99
C GLY A 685 11.09 -12.31 -24.18
N ALA A 686 11.32 -11.13 -23.62
CA ALA A 686 12.62 -10.48 -23.64
C ALA A 686 13.65 -11.26 -22.83
N ASN A 687 13.25 -11.77 -21.66
CA ASN A 687 14.12 -12.56 -20.80
C ASN A 687 14.54 -13.87 -21.47
N ARG A 688 13.56 -14.58 -22.00
CA ARG A 688 13.80 -15.85 -22.71
C ARG A 688 14.64 -15.69 -23.97
N PHE A 689 14.44 -14.58 -24.69
CA PHE A 689 15.22 -14.28 -25.89
C PHE A 689 16.71 -14.15 -25.58
N LEU A 690 17.03 -13.41 -24.52
CA LEU A 690 18.42 -13.20 -24.11
C LEU A 690 19.08 -14.48 -23.60
N LYS A 691 18.29 -15.37 -23.02
CA LYS A 691 18.76 -16.72 -22.66
C LYS A 691 19.05 -17.57 -23.89
N ARG A 692 18.21 -17.47 -24.92
CA ARG A 692 18.44 -18.18 -26.19
C ARG A 692 19.70 -17.69 -26.92
N VAL A 693 19.99 -16.40 -26.84
CA VAL A 693 21.21 -15.82 -27.42
C VAL A 693 22.43 -16.31 -26.66
N TRP A 694 22.34 -16.28 -25.32
CA TRP A 694 23.40 -16.81 -24.45
C TRP A 694 23.66 -18.29 -24.71
N LYS A 695 22.58 -19.07 -24.85
CA LYS A 695 22.63 -20.50 -25.12
C LYS A 695 23.30 -20.83 -26.45
N LEU A 696 22.90 -20.13 -27.51
CA LEU A 696 23.45 -20.34 -28.87
C LEU A 696 24.93 -19.99 -28.97
N VAL A 697 25.35 -18.93 -28.27
CA VAL A 697 26.76 -18.55 -28.22
C VAL A 697 27.56 -19.54 -27.35
N TYR A 698 26.96 -20.02 -26.27
CA TYR A 698 27.58 -21.05 -25.42
C TYR A 698 27.83 -22.33 -26.21
N GLU A 699 26.81 -22.80 -26.91
CA GLU A 699 26.91 -23.98 -27.78
C GLU A 699 27.93 -23.79 -28.92
N HIS A 700 27.99 -22.58 -29.47
CA HIS A 700 28.91 -22.27 -30.57
C HIS A 700 30.36 -22.21 -30.09
N THR A 701 30.61 -21.44 -29.04
CA THR A 701 31.96 -21.26 -28.51
C THR A 701 32.55 -22.53 -27.88
N ALA A 702 31.67 -23.43 -27.40
CA ALA A 702 32.10 -24.71 -26.83
C ALA A 702 32.80 -25.64 -27.83
N LYS A 703 32.49 -25.49 -29.12
CA LYS A 703 33.12 -26.29 -30.19
C LYS A 703 34.49 -25.77 -30.66
N GLY A 704 34.94 -24.64 -30.10
CA GLY A 704 36.28 -24.10 -30.37
C GLY A 704 36.29 -23.04 -31.45
N ASP A 705 37.48 -22.67 -31.89
CA ASP A 705 37.65 -21.63 -32.93
C ASP A 705 37.24 -22.15 -34.30
N VAL A 706 36.74 -21.23 -35.13
CA VAL A 706 36.13 -21.58 -36.42
C VAL A 706 37.12 -21.47 -37.58
N ALA A 707 36.71 -22.03 -38.72
CA ALA A 707 37.46 -21.92 -39.97
C ALA A 707 37.22 -20.55 -40.62
N ALA A 708 38.10 -20.21 -41.56
CA ALA A 708 37.89 -19.02 -42.41
C ALA A 708 36.75 -19.32 -43.39
N LEU A 709 35.82 -18.38 -43.50
CA LEU A 709 34.59 -18.58 -44.29
C LEU A 709 34.85 -18.42 -45.78
N ASN A 710 34.76 -19.52 -46.52
CA ASN A 710 34.79 -19.50 -47.98
C ASN A 710 33.42 -19.07 -48.50
N VAL A 711 33.37 -17.92 -49.17
CA VAL A 711 32.10 -17.29 -49.56
C VAL A 711 31.46 -18.02 -50.74
N ASP A 712 32.24 -18.24 -51.80
CA ASP A 712 31.75 -18.88 -53.04
C ASP A 712 32.01 -20.40 -53.06
N ALA A 713 31.66 -21.07 -51.97
CA ALA A 713 31.74 -22.54 -51.88
C ALA A 713 30.78 -23.04 -50.81
N LEU A 714 29.53 -22.57 -50.87
CA LEU A 714 28.50 -22.86 -49.87
C LEU A 714 27.32 -23.56 -50.54
N THR A 715 26.52 -24.25 -49.72
CA THR A 715 25.27 -24.85 -50.19
C THR A 715 24.20 -23.77 -50.32
N GLU A 716 23.09 -24.11 -50.98
CA GLU A 716 21.99 -23.17 -51.20
C GLU A 716 21.28 -22.76 -49.89
N ASN A 717 21.20 -23.69 -48.94
CA ASN A 717 20.69 -23.38 -47.59
C ASN A 717 21.64 -22.47 -46.81
N GLN A 718 22.95 -22.66 -46.99
CA GLN A 718 23.96 -21.76 -46.41
C GLN A 718 23.93 -20.36 -47.03
N LYS A 719 23.76 -20.31 -48.35
CA LYS A 719 23.61 -19.05 -49.08
C LYS A 719 22.36 -18.27 -48.64
N ALA A 720 21.26 -18.99 -48.47
CA ALA A 720 19.99 -18.40 -48.01
C ALA A 720 20.02 -17.93 -46.56
N LEU A 721 20.76 -18.66 -45.70
CA LEU A 721 20.98 -18.25 -44.32
C LEU A 721 21.82 -16.98 -44.26
N ARG A 722 22.91 -16.94 -45.04
CA ARG A 722 23.77 -15.76 -45.14
C ARG A 722 23.06 -14.55 -45.76
N ARG A 723 22.10 -14.80 -46.65
CA ARG A 723 21.23 -13.75 -47.20
C ARG A 723 20.42 -13.08 -46.08
N ASP A 724 19.83 -13.90 -45.22
CA ASP A 724 19.02 -13.41 -44.09
C ASP A 724 19.85 -12.65 -43.04
N VAL A 725 21.11 -13.08 -42.85
CA VAL A 725 22.03 -12.39 -41.93
C VAL A 725 22.26 -10.96 -42.38
N HIS A 726 22.71 -10.80 -43.62
CA HIS A 726 23.01 -9.48 -44.19
C HIS A 726 21.76 -8.64 -44.46
N LYS A 727 20.63 -9.28 -44.75
CA LYS A 727 19.34 -8.58 -44.87
C LYS A 727 18.84 -8.04 -43.54
N THR A 728 19.05 -8.80 -42.46
CA THR A 728 18.73 -8.34 -41.10
C THR A 728 19.58 -7.13 -40.71
N ILE A 729 20.86 -7.16 -41.06
CA ILE A 729 21.78 -6.03 -40.83
C ILE A 729 21.31 -4.78 -41.58
N ALA A 730 20.85 -4.97 -42.82
CA ALA A 730 20.30 -3.87 -43.62
C ALA A 730 19.02 -3.28 -43.01
N LYS A 731 18.15 -4.15 -42.50
CA LYS A 731 16.90 -3.72 -41.86
C LYS A 731 17.13 -3.08 -40.51
N VAL A 732 17.95 -3.71 -39.67
CA VAL A 732 18.25 -3.20 -38.31
C VAL A 732 18.97 -1.85 -38.38
N THR A 733 19.91 -1.70 -39.32
CA THR A 733 20.60 -0.43 -39.55
C THR A 733 19.61 0.67 -39.97
N ASP A 734 18.72 0.33 -40.90
CA ASP A 734 17.71 1.28 -41.38
C ASP A 734 16.69 1.63 -40.31
N ASP A 735 16.17 0.63 -39.61
CA ASP A 735 15.15 0.82 -38.57
C ASP A 735 15.62 1.67 -37.39
N ILE A 736 16.90 1.53 -37.00
CA ILE A 736 17.48 2.34 -35.93
C ILE A 736 17.79 3.75 -36.43
N GLY A 737 18.66 3.83 -37.43
CA GLY A 737 19.25 5.10 -37.88
C GLY A 737 18.28 6.07 -38.54
N ARG A 738 17.55 5.59 -39.54
CA ARG A 738 16.63 6.43 -40.31
C ARG A 738 15.25 6.53 -39.66
N ARG A 739 14.65 5.38 -39.37
CA ARG A 739 13.25 5.31 -38.90
C ARG A 739 13.06 5.53 -37.40
N GLN A 740 14.02 5.07 -36.59
CA GLN A 740 13.86 4.97 -35.12
C GLN A 740 12.68 4.08 -34.68
N THR A 741 12.41 3.04 -35.47
CA THR A 741 11.43 2.01 -35.12
C THR A 741 12.18 0.83 -34.53
N PHE A 742 12.41 0.89 -33.22
CA PHE A 742 13.26 -0.08 -32.52
C PHE A 742 12.58 -1.44 -32.33
N ASN A 743 11.26 -1.40 -32.13
CA ASN A 743 10.44 -2.63 -32.05
C ASN A 743 10.58 -3.54 -33.28
N THR A 744 10.63 -2.94 -34.47
CA THR A 744 10.80 -3.69 -35.72
C THR A 744 12.23 -4.18 -35.90
N ALA A 745 13.21 -3.42 -35.41
CA ALA A 745 14.62 -3.83 -35.43
C ALA A 745 14.88 -5.02 -34.50
N ILE A 746 14.32 -4.97 -33.30
CA ILE A 746 14.47 -6.05 -32.32
C ILE A 746 13.73 -7.31 -32.78
N ALA A 747 12.54 -7.14 -33.36
CA ALA A 747 11.78 -8.25 -33.95
C ALA A 747 12.49 -8.90 -35.14
N ALA A 748 13.21 -8.09 -35.93
CA ALA A 748 14.00 -8.59 -37.07
C ALA A 748 15.16 -9.49 -36.64
N ILE A 749 15.78 -9.18 -35.50
CA ILE A 749 16.87 -9.98 -34.95
C ILE A 749 16.34 -11.28 -34.32
N MET A 750 15.15 -11.21 -33.71
CA MET A 750 14.46 -12.41 -33.21
C MET A 750 14.17 -13.42 -34.33
N GLU A 751 13.75 -12.92 -35.49
CA GLU A 751 13.56 -13.78 -36.68
C GLU A 751 14.84 -14.49 -37.09
N LEU A 752 15.93 -13.73 -37.19
CA LEU A 752 17.26 -14.27 -37.53
C LEU A 752 17.76 -15.27 -36.48
N MET A 753 17.57 -14.94 -35.21
CA MET A 753 17.96 -15.83 -34.11
C MET A 753 17.16 -17.14 -34.06
N ASN A 754 15.87 -17.06 -34.40
CA ASN A 754 15.04 -18.27 -34.54
C ASN A 754 15.51 -19.14 -35.71
N LYS A 755 15.95 -18.50 -36.81
CA LYS A 755 16.55 -19.21 -37.95
C LYS A 755 17.94 -19.79 -37.64
N LEU A 756 18.74 -19.04 -36.86
CA LEU A 756 20.07 -19.49 -36.47
C LEU A 756 20.06 -20.69 -35.50
N ALA A 757 18.99 -20.83 -34.72
CA ALA A 757 18.82 -21.99 -33.83
C ALA A 757 18.65 -23.29 -34.63
N LYS A 758 17.81 -23.25 -35.65
CA LYS A 758 17.57 -24.41 -36.53
C LYS A 758 18.74 -24.76 -37.46
N ALA A 759 19.65 -23.81 -37.68
CA ALA A 759 20.81 -24.03 -38.55
C ALA A 759 21.75 -25.10 -37.98
N PRO A 760 22.07 -26.14 -38.77
CA PRO A 760 22.94 -27.21 -38.27
C PRO A 760 24.41 -26.81 -38.26
N THR A 761 25.05 -26.94 -37.09
CA THR A 761 26.47 -26.58 -36.91
C THR A 761 27.35 -27.83 -36.90
N ASP A 762 27.32 -28.57 -38.00
CA ASP A 762 28.13 -29.79 -38.15
C ASP A 762 29.47 -29.48 -38.80
N GLY A 763 29.42 -29.02 -40.06
CA GLY A 763 30.63 -28.76 -40.85
C GLY A 763 31.36 -27.50 -40.44
N GLU A 764 32.57 -27.32 -40.99
CA GLU A 764 33.41 -26.14 -40.71
C GLU A 764 32.82 -24.86 -41.31
N GLN A 765 32.27 -24.96 -42.51
CA GLN A 765 31.59 -23.83 -43.16
C GLN A 765 30.30 -23.41 -42.45
N ASP A 766 29.63 -24.37 -41.81
CA ASP A 766 28.46 -24.07 -40.97
C ASP A 766 28.85 -23.24 -39.75
N ARG A 767 29.93 -23.64 -39.09
CA ARG A 767 30.48 -22.91 -37.94
C ARG A 767 31.15 -21.59 -38.36
N ALA A 768 31.77 -21.56 -39.53
CA ALA A 768 32.30 -20.32 -40.10
C ALA A 768 31.19 -19.31 -40.38
N LEU A 769 30.07 -19.79 -40.89
CA LEU A 769 28.88 -18.96 -41.13
C LEU A 769 28.17 -18.57 -39.83
N MET A 770 28.16 -19.48 -38.86
CA MET A 770 27.60 -19.21 -37.53
C MET A 770 28.40 -18.14 -36.76
N GLN A 771 29.71 -18.06 -37.03
CA GLN A 771 30.58 -17.04 -36.44
C GLN A 771 30.22 -15.64 -36.93
N GLU A 772 30.09 -15.51 -38.25
CA GLU A 772 29.72 -14.23 -38.89
C GLU A 772 28.37 -13.72 -38.39
N ALA A 773 27.40 -14.62 -38.30
CA ALA A 773 26.05 -14.29 -37.87
C ALA A 773 26.01 -13.84 -36.41
N LEU A 774 26.62 -14.62 -35.52
CA LEU A 774 26.63 -14.31 -34.08
C LEU A 774 27.41 -13.03 -33.74
N LEU A 775 28.50 -12.77 -34.46
CA LEU A 775 29.22 -11.49 -34.35
C LEU A 775 28.33 -10.30 -34.75
N ALA A 776 27.51 -10.49 -35.79
CA ALA A 776 26.56 -9.46 -36.23
C ALA A 776 25.40 -9.27 -35.26
N VAL A 777 24.84 -10.38 -34.76
CA VAL A 777 23.69 -10.34 -33.83
C VAL A 777 24.07 -9.69 -32.49
N VAL A 778 25.23 -10.07 -31.95
CA VAL A 778 25.73 -9.50 -30.68
C VAL A 778 26.00 -7.99 -30.82
N ARG A 779 26.56 -7.58 -31.96
CA ARG A 779 26.76 -6.16 -32.26
C ARG A 779 25.43 -5.40 -32.48
N MET A 780 24.47 -6.05 -33.14
CA MET A 780 23.14 -5.44 -33.38
C MET A 780 22.29 -5.32 -32.12
N LEU A 781 22.45 -6.26 -31.19
CA LEU A 781 21.79 -6.18 -29.87
C LEU A 781 22.47 -5.22 -28.89
N ASN A 782 23.75 -4.91 -29.13
CA ASN A 782 24.57 -4.11 -28.21
C ASN A 782 23.95 -2.80 -27.73
N PRO A 783 23.35 -1.99 -28.64
CA PRO A 783 22.70 -0.76 -28.19
C PRO A 783 21.54 -0.97 -27.20
N PHE A 784 20.79 -2.06 -27.37
CA PHE A 784 19.65 -2.37 -26.52
C PHE A 784 20.11 -3.03 -25.21
N THR A 785 20.91 -4.09 -25.35
CA THR A 785 21.40 -4.88 -24.23
C THR A 785 22.94 -4.88 -24.22
N PRO A 786 23.55 -3.79 -23.71
CA PRO A 786 25.01 -3.65 -23.77
C PRO A 786 25.81 -4.53 -22.79
N HIS A 787 25.22 -4.91 -21.66
CA HIS A 787 25.93 -5.69 -20.65
C HIS A 787 26.18 -7.12 -21.11
N ILE A 788 25.11 -7.78 -21.56
CA ILE A 788 25.20 -9.16 -22.09
C ILE A 788 26.08 -9.23 -23.34
N CYS A 789 25.95 -8.24 -24.24
CA CYS A 789 26.71 -8.21 -25.50
C CYS A 789 28.19 -7.89 -25.31
N PHE A 790 28.53 -7.16 -24.24
CA PHE A 790 29.93 -6.94 -23.85
C PHE A 790 30.63 -8.26 -23.50
N THR A 791 29.91 -9.14 -22.81
CA THR A 791 30.44 -10.45 -22.43
C THR A 791 30.53 -11.39 -23.63
N LEU A 792 29.46 -11.47 -24.41
CA LEU A 792 29.39 -12.36 -25.58
C LEU A 792 30.40 -11.99 -26.67
N TRP A 793 30.71 -10.71 -26.80
CA TRP A 793 31.72 -10.22 -27.74
C TRP A 793 33.11 -10.78 -27.43
N GLN A 794 33.48 -10.78 -26.15
CA GLN A 794 34.75 -11.36 -25.71
C GLN A 794 34.79 -12.89 -25.91
N GLU A 795 33.65 -13.54 -25.66
CA GLU A 795 33.55 -15.00 -25.80
C GLU A 795 33.61 -15.49 -27.25
N LEU A 796 33.24 -14.64 -28.20
CA LEU A 796 33.38 -14.93 -29.64
C LEU A 796 34.75 -14.54 -30.21
N LYS A 797 35.69 -14.14 -29.35
CA LYS A 797 37.03 -13.67 -29.74
C LYS A 797 36.99 -12.47 -30.71
N GLY A 798 36.11 -11.51 -30.41
CA GLY A 798 36.05 -10.25 -31.14
C GLY A 798 37.15 -9.32 -30.68
N GLU A 799 37.56 -8.41 -31.56
CA GLU A 799 38.67 -7.49 -31.30
C GLU A 799 38.25 -6.37 -30.33
N GLY A 800 38.92 -6.31 -29.17
CA GLY A 800 38.69 -5.25 -28.18
C GLY A 800 37.33 -5.31 -27.51
N ASP A 801 36.91 -4.17 -26.95
CA ASP A 801 35.57 -4.04 -26.35
C ASP A 801 34.53 -3.85 -27.45
N ILE A 802 33.30 -4.31 -27.20
CA ILE A 802 32.19 -4.15 -28.15
C ILE A 802 31.78 -2.68 -28.33
N ASP A 803 31.99 -1.86 -27.30
CA ASP A 803 31.65 -0.43 -27.37
C ASP A 803 32.39 0.29 -28.51
N ASN A 804 33.67 -0.02 -28.66
CA ASN A 804 34.51 0.55 -29.73
C ASN A 804 34.49 -0.22 -31.06
N ALA A 805 33.84 -1.37 -31.09
CA ALA A 805 33.78 -2.23 -32.28
C ALA A 805 32.94 -1.58 -33.40
N PRO A 806 33.29 -1.89 -34.67
CA PRO A 806 32.56 -1.29 -35.80
C PRO A 806 31.19 -1.91 -36.01
N TRP A 807 30.22 -1.08 -36.39
CA TRP A 807 28.85 -1.54 -36.66
C TRP A 807 28.82 -2.36 -37.97
N PRO A 808 28.14 -3.53 -37.97
CA PRO A 808 28.16 -4.40 -39.16
C PRO A 808 27.55 -3.78 -40.42
N VAL A 809 28.22 -3.99 -41.56
CA VAL A 809 27.79 -3.49 -42.85
C VAL A 809 27.31 -4.67 -43.70
N ALA A 810 26.16 -4.50 -44.34
CA ALA A 810 25.56 -5.56 -45.16
C ALA A 810 26.25 -5.65 -46.51
N ASP A 811 26.62 -6.87 -46.90
CA ASP A 811 27.21 -7.16 -48.21
C ASP A 811 26.11 -7.19 -49.25
N GLU A 812 26.30 -6.47 -50.35
CA GLU A 812 25.28 -6.38 -51.41
C GLU A 812 25.13 -7.69 -52.20
N LYS A 813 26.26 -8.35 -52.46
CA LYS A 813 26.29 -9.62 -53.20
C LYS A 813 25.69 -10.79 -52.43
N ALA A 814 25.73 -10.73 -51.10
CA ALA A 814 25.09 -11.74 -50.24
C ALA A 814 23.56 -11.67 -50.25
N MET A 815 23.00 -10.47 -50.45
CA MET A 815 21.55 -10.24 -50.39
C MET A 815 20.82 -10.37 -51.73
N VAL A 816 21.44 -11.02 -52.72
CA VAL A 816 20.88 -11.09 -54.07
C VAL A 816 19.71 -12.08 -54.11
N GLU A 817 18.62 -11.67 -54.77
CA GLU A 817 17.41 -12.48 -54.92
C GLU A 817 17.32 -12.97 -56.37
N ASP A 818 17.17 -14.29 -56.54
CA ASP A 818 16.98 -14.89 -57.87
C ASP A 818 15.50 -15.00 -58.27
N SER A 819 14.64 -15.26 -57.29
CA SER A 819 13.18 -15.31 -57.49
C SER A 819 12.46 -14.37 -56.52
N THR A 820 11.15 -14.21 -56.73
CA THR A 820 10.31 -13.32 -55.90
C THR A 820 8.86 -13.80 -55.82
N LEU A 821 8.21 -13.52 -54.68
CA LEU A 821 6.83 -13.91 -54.44
C LEU A 821 5.87 -12.98 -55.16
N VAL A 822 4.82 -13.54 -55.76
CA VAL A 822 3.77 -12.78 -56.43
C VAL A 822 2.41 -13.29 -55.95
N VAL A 823 1.63 -12.40 -55.31
CA VAL A 823 0.32 -12.75 -54.77
C VAL A 823 -0.75 -12.55 -55.85
N VAL A 824 -1.41 -13.65 -56.24
CA VAL A 824 -2.48 -13.61 -57.24
C VAL A 824 -3.79 -13.24 -56.55
N GLN A 825 -4.50 -12.27 -57.12
CA GLN A 825 -5.80 -11.81 -56.61
C GLN A 825 -6.89 -11.92 -57.68
N VAL A 826 -8.10 -12.23 -57.22
CA VAL A 826 -9.30 -12.30 -58.07
C VAL A 826 -10.36 -11.39 -57.46
N ASN A 827 -10.60 -10.25 -58.13
CA ASN A 827 -11.48 -9.18 -57.62
C ASN A 827 -11.04 -8.68 -56.23
N GLY A 828 -9.72 -8.51 -56.07
CA GLY A 828 -9.15 -8.01 -54.82
C GLY A 828 -9.21 -8.98 -53.64
N LYS A 829 -9.05 -10.28 -53.92
CA LYS A 829 -9.03 -11.31 -52.88
C LYS A 829 -8.00 -12.39 -53.22
N VAL A 830 -7.18 -12.75 -52.24
CA VAL A 830 -6.04 -13.65 -52.46
C VAL A 830 -6.52 -15.09 -52.65
N ARG A 831 -6.31 -15.62 -53.85
CA ARG A 831 -6.64 -17.01 -54.18
C ARG A 831 -5.42 -17.94 -54.25
N ALA A 832 -4.29 -17.40 -54.69
CA ALA A 832 -3.04 -18.18 -54.76
C ALA A 832 -1.80 -17.30 -54.56
N LYS A 833 -0.69 -17.97 -54.28
CA LYS A 833 0.62 -17.32 -54.15
C LYS A 833 1.64 -18.17 -54.91
N ILE A 834 2.54 -17.51 -55.65
CA ILE A 834 3.49 -18.21 -56.53
C ILE A 834 4.87 -17.57 -56.50
N THR A 835 5.91 -18.41 -56.66
CA THR A 835 7.29 -17.96 -56.80
C THR A 835 7.59 -17.81 -58.29
N VAL A 836 8.17 -16.67 -58.65
CA VAL A 836 8.43 -16.32 -60.06
C VAL A 836 9.84 -15.72 -60.16
N PRO A 837 10.53 -15.86 -61.31
CA PRO A 837 11.77 -15.12 -61.53
C PRO A 837 11.59 -13.60 -61.42
N VAL A 838 12.65 -12.90 -61.00
CA VAL A 838 12.59 -11.45 -60.79
C VAL A 838 12.44 -10.71 -62.13
N ASP A 839 13.12 -11.21 -63.16
CA ASP A 839 13.03 -10.64 -64.52
C ASP A 839 12.02 -11.43 -65.39
N ALA A 840 10.78 -11.49 -64.92
CA ALA A 840 9.70 -12.22 -65.59
C ALA A 840 8.63 -11.25 -66.08
N THR A 841 8.19 -11.43 -67.32
CA THR A 841 7.18 -10.57 -67.93
C THR A 841 5.78 -10.85 -67.36
N GLU A 842 4.84 -9.94 -67.65
CA GLU A 842 3.45 -10.07 -67.20
C GLU A 842 2.72 -11.27 -67.82
N GLU A 843 3.08 -11.63 -69.05
CA GLU A 843 2.52 -12.81 -69.73
C GLU A 843 2.91 -14.11 -69.03
N GLN A 844 4.17 -14.20 -68.61
CA GLN A 844 4.67 -15.37 -67.85
C GLN A 844 4.06 -15.48 -66.46
N VAL A 845 3.73 -14.35 -65.84
CA VAL A 845 3.07 -14.32 -64.52
C VAL A 845 1.60 -14.74 -64.62
N ARG A 846 0.89 -14.29 -65.66
CA ARG A 846 -0.50 -14.69 -65.90
C ARG A 846 -0.64 -16.18 -66.24
N GLU A 847 0.25 -16.68 -67.10
CA GLU A 847 0.27 -18.10 -67.49
C GLU A 847 0.58 -18.98 -66.28
N ARG A 848 1.54 -18.56 -65.47
CA ARG A 848 1.89 -19.25 -64.21
C ARG A 848 0.76 -19.18 -63.19
N ALA A 849 0.12 -18.01 -63.07
CA ALA A 849 -1.01 -17.82 -62.16
C ALA A 849 -2.26 -18.60 -62.60
N GLY A 850 -2.46 -18.72 -63.91
CA GLY A 850 -3.58 -19.48 -64.47
C GLY A 850 -3.55 -20.98 -64.17
N GLN A 851 -2.33 -21.54 -64.06
CA GLN A 851 -2.14 -22.96 -63.72
C GLN A 851 -2.60 -23.34 -62.31
N GLU A 852 -2.70 -22.36 -61.40
CA GLU A 852 -3.21 -22.60 -60.05
C GLU A 852 -4.71 -22.90 -60.11
N HIS A 853 -5.14 -23.97 -59.43
CA HIS A 853 -6.53 -24.43 -59.49
C HIS A 853 -7.53 -23.47 -58.82
N LEU A 854 -7.11 -22.84 -57.73
CA LEU A 854 -7.93 -21.82 -57.05
C LEU A 854 -8.12 -20.55 -57.87
N VAL A 855 -7.13 -20.22 -58.71
CA VAL A 855 -7.25 -19.11 -59.66
C VAL A 855 -8.18 -19.51 -60.81
N ALA A 856 -7.98 -20.72 -61.34
CA ALA A 856 -8.82 -21.27 -62.41
C ALA A 856 -10.26 -21.58 -61.98
N LYS A 857 -10.48 -21.75 -60.68
CA LYS A 857 -11.83 -21.95 -60.12
C LYS A 857 -12.74 -20.75 -60.40
N TYR A 858 -12.26 -19.54 -60.08
CA TYR A 858 -13.03 -18.31 -60.23
C TYR A 858 -12.95 -17.65 -61.62
N LEU A 859 -12.25 -18.27 -62.56
CA LEU A 859 -12.17 -17.79 -63.95
C LEU A 859 -13.06 -18.58 -64.93
N ASP A 860 -13.66 -19.68 -64.49
CA ASP A 860 -14.56 -20.48 -65.36
C ASP A 860 -15.90 -19.77 -65.57
N GLY A 861 -16.27 -19.59 -66.84
CA GLY A 861 -17.53 -18.97 -67.22
C GLY A 861 -17.61 -17.48 -67.01
N VAL A 862 -16.47 -16.79 -67.12
CA VAL A 862 -16.39 -15.33 -66.91
C VAL A 862 -15.30 -14.72 -67.78
N THR A 863 -15.53 -13.46 -68.18
CA THR A 863 -14.59 -12.72 -69.02
C THR A 863 -13.66 -11.87 -68.14
N VAL A 864 -12.36 -11.92 -68.42
CA VAL A 864 -11.37 -11.11 -67.71
C VAL A 864 -11.44 -9.68 -68.27
N ARG A 865 -12.05 -8.78 -67.50
CA ARG A 865 -12.25 -7.39 -67.92
C ARG A 865 -10.94 -6.59 -67.87
N LYS A 866 -10.26 -6.64 -66.72
CA LYS A 866 -9.06 -5.84 -66.48
C LYS A 866 -8.02 -6.67 -65.71
N VAL A 867 -6.74 -6.43 -65.99
CA VAL A 867 -5.63 -7.14 -65.36
C VAL A 867 -4.60 -6.14 -64.84
N ILE A 868 -4.62 -5.90 -63.52
CA ILE A 868 -3.64 -5.04 -62.85
C ILE A 868 -2.45 -5.91 -62.43
N TYR A 869 -1.25 -5.34 -62.50
CA TYR A 869 -0.02 -6.07 -62.20
C TYR A 869 1.03 -5.15 -61.58
N VAL A 870 1.30 -5.35 -60.28
CA VAL A 870 2.40 -4.66 -59.59
C VAL A 870 3.65 -5.52 -59.79
N PRO A 871 4.67 -5.01 -60.51
CA PRO A 871 5.84 -5.84 -60.87
C PRO A 871 6.52 -6.58 -59.71
N GLY A 872 6.56 -7.91 -59.80
CA GLY A 872 7.18 -8.77 -58.78
C GLY A 872 6.59 -8.59 -57.39
N LYS A 873 5.26 -8.48 -57.32
CA LYS A 873 4.57 -8.14 -56.06
C LYS A 873 3.13 -8.65 -56.00
N LEU A 874 2.30 -8.23 -56.96
CA LEU A 874 0.87 -8.57 -56.97
C LEU A 874 0.29 -8.60 -58.38
N LEU A 875 -0.74 -9.44 -58.57
CA LEU A 875 -1.50 -9.52 -59.82
C LEU A 875 -2.98 -9.68 -59.52
N ASN A 876 -3.74 -8.59 -59.65
CA ASN A 876 -5.19 -8.63 -59.50
C ASN A 876 -5.86 -8.91 -60.85
N LEU A 877 -6.94 -9.67 -60.82
CA LEU A 877 -7.74 -9.99 -62.01
C LEU A 877 -9.18 -9.56 -61.76
N VAL A 878 -9.62 -8.52 -62.48
CA VAL A 878 -11.00 -8.06 -62.41
C VAL A 878 -11.85 -8.95 -63.32
N VAL A 879 -12.94 -9.49 -62.77
CA VAL A 879 -13.73 -10.55 -63.39
C VAL A 879 -15.14 -10.05 -63.73
N GLY A 880 -15.68 -10.57 -64.83
CA GLY A 880 -17.03 -10.27 -65.28
C GLY A 880 -17.85 -11.52 -65.49
N MET C 21 -37.44 -23.32 -7.92
CA MET C 21 -36.01 -23.39 -7.49
C MET C 21 -35.06 -23.41 -8.68
N GLN C 22 -33.95 -22.68 -8.56
CA GLN C 22 -32.89 -22.69 -9.58
C GLN C 22 -32.11 -24.01 -9.53
N GLU C 23 -31.57 -24.40 -10.68
CA GLU C 23 -30.72 -25.60 -10.78
C GLU C 23 -29.35 -25.31 -10.16
N GLN C 24 -28.73 -24.21 -10.59
CA GLN C 24 -27.40 -23.82 -10.13
C GLN C 24 -27.47 -23.19 -8.73
N TYR C 25 -26.48 -23.50 -7.89
CA TYR C 25 -26.34 -22.88 -6.56
C TYR C 25 -25.81 -21.45 -6.74
N ARG C 26 -26.44 -20.50 -6.06
CA ARG C 26 -26.21 -19.07 -6.30
C ARG C 26 -26.18 -18.27 -4.99
N PRO C 27 -25.02 -18.28 -4.29
CA PRO C 27 -24.81 -17.57 -3.01
C PRO C 27 -25.17 -16.08 -3.02
N GLU C 28 -24.78 -15.37 -4.08
CA GLU C 28 -25.03 -13.93 -4.21
C GLU C 28 -26.52 -13.53 -4.08
N GLU C 29 -27.41 -14.39 -4.60
CA GLU C 29 -28.86 -14.16 -4.52
C GLU C 29 -29.46 -14.69 -3.22
N ILE C 30 -28.96 -15.82 -2.73
CA ILE C 30 -29.52 -16.50 -1.55
C ILE C 30 -29.13 -15.80 -0.24
N GLU C 31 -27.82 -15.57 -0.05
CA GLU C 31 -27.28 -15.19 1.27
C GLU C 31 -27.70 -13.81 1.77
N SER C 32 -27.67 -12.80 0.89
CA SER C 32 -28.09 -11.44 1.25
C SER C 32 -29.60 -11.35 1.53
N LYS C 33 -30.39 -12.18 0.85
CA LYS C 33 -31.85 -12.24 1.05
C LYS C 33 -32.23 -12.84 2.41
N VAL C 34 -31.53 -13.91 2.81
CA VAL C 34 -31.78 -14.58 4.09
C VAL C 34 -31.32 -13.72 5.28
N GLN C 35 -30.20 -13.00 5.10
CA GLN C 35 -29.72 -12.05 6.11
C GLN C 35 -30.73 -10.92 6.37
N LEU C 36 -31.35 -10.42 5.30
CA LEU C 36 -32.42 -9.42 5.39
C LEU C 36 -33.64 -9.97 6.14
N HIS C 37 -33.98 -11.24 5.91
CA HIS C 37 -35.08 -11.91 6.61
C HIS C 37 -34.85 -11.98 8.12
N TRP C 38 -33.61 -12.23 8.54
CA TRP C 38 -33.25 -12.23 9.96
C TRP C 38 -33.29 -10.84 10.59
N ASP C 39 -32.83 -9.83 9.86
CA ASP C 39 -32.82 -8.45 10.34
C ASP C 39 -34.21 -7.85 10.49
N GLU C 40 -35.05 -8.03 9.47
CA GLU C 40 -36.41 -7.47 9.47
C GLU C 40 -37.30 -8.12 10.53
N LYS C 41 -37.37 -9.44 10.52
CA LYS C 41 -38.20 -10.20 11.46
C LYS C 41 -37.59 -10.30 12.87
N ARG C 42 -36.32 -9.94 13.01
CA ARG C 42 -35.62 -9.89 14.32
C ARG C 42 -35.56 -11.28 14.95
N THR C 43 -35.05 -12.23 14.17
CA THR C 43 -35.05 -13.65 14.54
C THR C 43 -34.17 -13.94 15.75
N PHE C 44 -32.99 -13.31 15.80
CA PHE C 44 -32.03 -13.52 16.90
C PHE C 44 -32.01 -12.38 17.93
N GLU C 45 -33.17 -11.76 18.16
CA GLU C 45 -33.37 -10.82 19.26
C GLU C 45 -34.20 -11.52 20.33
N VAL C 46 -33.72 -11.46 21.57
CA VAL C 46 -34.32 -12.22 22.69
C VAL C 46 -34.46 -11.39 23.96
N THR C 47 -35.44 -11.77 24.78
CA THR C 47 -35.70 -11.16 26.09
C THR C 47 -35.60 -12.23 27.18
N GLU C 48 -35.80 -11.83 28.43
CA GLU C 48 -35.70 -12.74 29.58
C GLU C 48 -37.02 -13.50 29.78
N ASP C 49 -37.25 -14.51 28.94
CA ASP C 49 -38.47 -15.31 28.98
C ASP C 49 -38.39 -16.37 30.08
N GLU C 50 -39.37 -16.36 30.98
CA GLU C 50 -39.40 -17.26 32.13
C GLU C 50 -39.75 -18.70 31.76
N SER C 51 -40.61 -18.87 30.76
CA SER C 51 -41.07 -20.21 30.35
C SER C 51 -39.96 -21.05 29.69
N LYS C 52 -39.28 -20.46 28.72
CA LYS C 52 -38.20 -21.15 27.99
C LYS C 52 -36.92 -21.28 28.83
N GLU C 53 -36.16 -22.34 28.57
CA GLU C 53 -34.86 -22.55 29.21
C GLU C 53 -33.84 -21.59 28.59
N LYS C 54 -33.07 -20.91 29.44
CA LYS C 54 -32.07 -19.93 28.98
C LYS C 54 -30.82 -20.62 28.42
N TYR C 55 -30.10 -19.89 27.56
CA TYR C 55 -28.75 -20.29 27.16
C TYR C 55 -27.94 -19.06 26.75
N TYR C 56 -26.68 -19.01 27.18
CA TYR C 56 -25.76 -17.92 26.87
C TYR C 56 -24.56 -18.52 26.13
N CYS C 57 -24.45 -18.19 24.84
CA CYS C 57 -23.34 -18.64 24.00
C CYS C 57 -22.48 -17.43 23.58
N LEU C 58 -21.60 -17.02 24.48
CA LEU C 58 -20.82 -15.79 24.32
C LEU C 58 -19.50 -16.03 23.58
N SER C 59 -19.24 -15.18 22.58
CA SER C 59 -17.95 -15.14 21.90
C SER C 59 -17.20 -13.89 22.33
N MET C 60 -15.86 -13.97 22.36
CA MET C 60 -15.01 -12.86 22.81
C MET C 60 -15.08 -11.68 21.85
N LEU C 61 -15.44 -10.50 22.35
CA LEU C 61 -15.68 -9.32 21.52
C LEU C 61 -14.38 -8.80 20.86
N PRO C 62 -14.45 -8.38 19.58
CA PRO C 62 -13.23 -8.00 18.87
C PRO C 62 -12.82 -6.54 19.09
N TYR C 63 -11.54 -6.26 18.82
CA TYR C 63 -11.05 -4.89 18.70
C TYR C 63 -11.32 -4.43 17.27
N PRO C 64 -11.87 -3.21 17.10
CA PRO C 64 -12.11 -2.70 15.74
C PRO C 64 -10.81 -2.25 15.07
N SER C 65 -10.11 -3.20 14.46
CA SER C 65 -8.82 -2.95 13.80
C SER C 65 -8.99 -2.26 12.46
N GLY C 66 -9.94 -2.75 11.66
CA GLY C 66 -10.20 -2.20 10.33
C GLY C 66 -10.93 -3.18 9.45
N ARG C 67 -10.39 -4.40 9.37
CA ARG C 67 -10.97 -5.49 8.58
C ARG C 67 -10.81 -6.81 9.33
N LEU C 68 -11.75 -7.72 9.13
CA LEU C 68 -11.70 -9.05 9.74
C LEU C 68 -10.61 -9.91 9.09
N HIS C 69 -10.23 -10.97 9.81
CA HIS C 69 -9.29 -11.97 9.30
C HIS C 69 -9.79 -13.37 9.67
N MET C 70 -9.12 -14.41 9.15
CA MET C 70 -9.59 -15.79 9.32
C MET C 70 -9.58 -16.28 10.76
N GLY C 71 -8.69 -15.69 11.58
CA GLY C 71 -8.74 -15.85 13.04
C GLY C 71 -10.07 -15.44 13.65
N HIS C 72 -10.59 -14.27 13.25
CA HIS C 72 -11.92 -13.82 13.68
C HIS C 72 -13.02 -14.76 13.18
N VAL C 73 -12.94 -15.12 11.89
CA VAL C 73 -13.95 -15.97 11.25
C VAL C 73 -14.10 -17.32 11.96
N ARG C 74 -12.98 -17.91 12.36
CA ARG C 74 -12.98 -19.19 13.07
C ARG C 74 -13.63 -19.08 14.46
N ASN C 75 -13.29 -18.01 15.18
CA ASN C 75 -13.81 -17.79 16.54
C ASN C 75 -15.34 -17.64 16.56
N TYR C 76 -15.87 -16.79 15.69
CA TYR C 76 -17.28 -16.45 15.68
C TYR C 76 -18.17 -17.49 15.00
N THR C 77 -17.60 -18.27 14.07
CA THR C 77 -18.31 -19.41 13.49
C THR C 77 -18.53 -20.51 14.53
N ILE C 78 -17.50 -20.80 15.33
CA ILE C 78 -17.61 -21.77 16.44
C ILE C 78 -18.74 -21.39 17.40
N GLY C 79 -18.76 -20.11 17.79
CA GLY C 79 -19.83 -19.57 18.63
C GLY C 79 -21.20 -19.63 18.00
N ASP C 80 -21.29 -19.33 16.71
CA ASP C 80 -22.55 -19.34 15.97
C ASP C 80 -23.09 -20.75 15.72
N VAL C 81 -22.19 -21.71 15.50
CA VAL C 81 -22.57 -23.13 15.36
C VAL C 81 -23.21 -23.66 16.65
N ILE C 82 -22.63 -23.31 17.80
CA ILE C 82 -23.17 -23.72 19.10
C ILE C 82 -24.50 -23.02 19.39
N ALA C 83 -24.55 -21.72 19.11
CA ALA C 83 -25.76 -20.90 19.36
C ALA C 83 -26.97 -21.35 18.54
N ARG C 84 -26.74 -21.73 17.28
CA ARG C 84 -27.80 -22.25 16.41
C ARG C 84 -28.22 -23.67 16.79
N TYR C 85 -27.26 -24.50 17.20
CA TYR C 85 -27.53 -25.86 17.68
C TYR C 85 -28.42 -25.86 18.93
N GLN C 86 -28.06 -25.02 19.91
CA GLN C 86 -28.82 -24.89 21.16
C GLN C 86 -30.20 -24.26 20.95
N ARG C 87 -30.32 -23.37 19.96
CA ARG C 87 -31.62 -22.80 19.58
C ARG C 87 -32.57 -23.90 19.07
N MET C 88 -32.05 -24.79 18.23
CA MET C 88 -32.84 -25.89 17.68
C MET C 88 -33.24 -26.97 18.71
N LEU C 89 -32.56 -26.99 19.86
CA LEU C 89 -32.99 -27.81 21.01
C LEU C 89 -34.21 -27.24 21.77
N GLY C 90 -34.61 -26.00 21.45
CA GLY C 90 -35.78 -25.35 22.04
C GLY C 90 -35.46 -24.43 23.21
N LYS C 91 -34.25 -23.88 23.23
CA LYS C 91 -33.77 -23.00 24.31
C LYS C 91 -33.73 -21.56 23.82
N ASN C 92 -33.96 -20.63 24.74
CA ASN C 92 -33.87 -19.20 24.44
C ASN C 92 -32.38 -18.79 24.46
N VAL C 93 -31.75 -18.80 23.28
CA VAL C 93 -30.31 -18.57 23.15
C VAL C 93 -30.00 -17.08 23.06
N LEU C 94 -28.89 -16.67 23.69
CA LEU C 94 -28.36 -15.31 23.60
C LEU C 94 -26.93 -15.36 23.09
N GLN C 95 -26.74 -14.98 21.83
CA GLN C 95 -25.41 -14.70 21.27
C GLN C 95 -25.32 -13.21 20.99
N PRO C 96 -24.67 -12.44 21.90
CA PRO C 96 -24.49 -11.01 21.67
C PRO C 96 -23.19 -10.68 20.95
N ILE C 97 -23.04 -9.40 20.57
CA ILE C 97 -21.83 -8.90 19.93
C ILE C 97 -21.60 -7.44 20.33
N GLY C 98 -20.33 -7.06 20.48
CA GLY C 98 -19.94 -5.70 20.84
C GLY C 98 -18.58 -5.34 20.27
N TRP C 99 -17.98 -4.26 20.80
CA TRP C 99 -16.71 -3.75 20.29
C TRP C 99 -15.83 -3.20 21.42
N ASP C 100 -14.71 -3.88 21.70
CA ASP C 100 -13.69 -3.39 22.62
C ASP C 100 -12.91 -2.29 21.89
N ALA C 101 -13.42 -1.06 21.99
CA ALA C 101 -12.99 0.04 21.13
C ALA C 101 -11.66 0.69 21.51
N PHE C 102 -11.44 0.90 22.81
CA PHE C 102 -10.22 1.55 23.29
C PHE C 102 -8.98 0.69 23.03
N GLY C 103 -7.85 1.34 22.82
CA GLY C 103 -6.59 0.65 22.49
C GLY C 103 -5.48 1.51 21.92
N LEU C 104 -4.28 0.95 21.92
CA LEU C 104 -3.09 1.59 21.35
C LEU C 104 -3.11 1.73 19.82
N PRO C 105 -3.59 0.71 19.07
CA PRO C 105 -3.58 0.79 17.60
C PRO C 105 -4.36 1.95 16.97
N ALA C 106 -5.39 2.45 17.64
CA ALA C 106 -6.18 3.59 17.15
C ALA C 106 -5.38 4.88 17.06
N GLU C 107 -4.50 5.13 18.04
CA GLU C 107 -3.64 6.31 18.04
C GLU C 107 -2.51 6.25 17.01
N GLY C 108 -2.04 5.03 16.71
CA GLY C 108 -1.06 4.82 15.65
C GLY C 108 -1.62 5.18 14.28
N ALA C 109 -2.78 4.60 13.97
CA ALA C 109 -3.48 4.89 12.71
C ALA C 109 -4.02 6.33 12.62
N ALA C 110 -4.30 6.93 13.77
CA ALA C 110 -4.73 8.33 13.85
C ALA C 110 -3.62 9.28 13.37
N VAL C 111 -2.43 9.13 13.94
CA VAL C 111 -1.28 10.00 13.64
C VAL C 111 -0.65 9.66 12.28
N LYS C 112 -0.55 8.36 11.96
CA LYS C 112 0.01 7.92 10.67
C LYS C 112 -0.78 8.44 9.47
N ASN C 113 -2.11 8.41 9.57
CA ASN C 113 -2.99 9.05 8.59
C ASN C 113 -3.23 10.52 9.04
N ASN C 114 -4.47 11.01 9.02
CA ASN C 114 -4.77 12.38 9.46
C ASN C 114 -6.21 12.46 9.98
N THR C 115 -6.49 11.65 11.01
CA THR C 115 -7.81 11.53 11.61
C THR C 115 -7.66 11.34 13.11
N ALA C 116 -8.69 11.70 13.88
CA ALA C 116 -8.70 11.44 15.33
C ALA C 116 -8.98 9.96 15.62
N PRO C 117 -8.63 9.47 16.82
CA PRO C 117 -8.84 8.05 17.13
C PRO C 117 -10.32 7.62 17.24
N ALA C 118 -11.18 8.52 17.71
CA ALA C 118 -12.62 8.22 17.84
C ALA C 118 -13.32 7.95 16.48
N PRO C 119 -13.27 8.92 15.53
CA PRO C 119 -13.90 8.67 14.22
C PRO C 119 -13.25 7.54 13.39
N TRP C 120 -11.94 7.32 13.57
CA TRP C 120 -11.26 6.17 12.97
C TRP C 120 -11.84 4.85 13.48
N THR C 121 -12.10 4.79 14.78
CA THR C 121 -12.67 3.60 15.42
C THR C 121 -14.11 3.32 14.97
N TYR C 122 -14.93 4.37 14.90
CA TYR C 122 -16.34 4.22 14.52
C TYR C 122 -16.54 3.77 13.06
N ASP C 123 -15.65 4.18 12.17
CA ASP C 123 -15.66 3.70 10.77
C ASP C 123 -15.29 2.22 10.68
N ASN C 124 -14.31 1.80 11.49
CA ASN C 124 -13.87 0.40 11.55
C ASN C 124 -14.94 -0.51 12.17
N ILE C 125 -15.64 0.01 13.18
CA ILE C 125 -16.80 -0.67 13.76
C ILE C 125 -17.87 -0.93 12.69
N ALA C 126 -18.19 0.10 11.91
CA ALA C 126 -19.21 0.01 10.87
C ALA C 126 -18.85 -0.99 9.77
N TYR C 127 -17.58 -0.97 9.32
CA TYR C 127 -17.10 -1.89 8.28
C TYR C 127 -17.06 -3.34 8.76
N MET C 128 -16.52 -3.55 9.97
CA MET C 128 -16.42 -4.89 10.56
C MET C 128 -17.77 -5.44 11.01
N LYS C 129 -18.69 -4.56 11.42
CA LYS C 129 -20.12 -4.92 11.61
C LYS C 129 -20.73 -5.44 10.31
N ASN C 130 -20.40 -4.78 9.21
CA ASN C 130 -20.89 -5.15 7.89
C ASN C 130 -20.40 -6.54 7.45
N GLN C 131 -19.12 -6.82 7.72
CA GLN C 131 -18.53 -8.12 7.40
C GLN C 131 -19.08 -9.27 8.24
N LEU C 132 -19.42 -8.98 9.50
CA LEU C 132 -20.07 -9.97 10.38
C LEU C 132 -21.49 -10.32 9.91
N LYS C 133 -22.22 -9.33 9.41
CA LYS C 133 -23.56 -9.57 8.84
C LYS C 133 -23.49 -10.38 7.55
N MET C 134 -22.54 -10.07 6.66
CA MET C 134 -22.36 -10.81 5.41
C MET C 134 -21.98 -12.27 5.62
N LEU C 135 -21.19 -12.55 6.65
CA LEU C 135 -20.89 -13.93 7.07
C LEU C 135 -22.13 -14.63 7.64
N GLY C 136 -23.02 -13.87 8.27
CA GLY C 136 -24.35 -14.35 8.65
C GLY C 136 -24.41 -15.01 10.01
N PHE C 137 -23.80 -14.37 11.00
CA PHE C 137 -23.83 -14.85 12.39
C PHE C 137 -25.08 -14.29 13.08
N GLY C 138 -25.86 -15.18 13.68
CA GLY C 138 -27.13 -14.80 14.32
C GLY C 138 -26.94 -14.08 15.65
N TYR C 139 -26.58 -12.81 15.57
CA TYR C 139 -26.35 -11.97 16.76
C TYR C 139 -27.58 -11.17 17.15
N ASP C 140 -27.62 -10.78 18.42
CA ASP C 140 -28.64 -9.87 18.94
C ASP C 140 -28.09 -8.43 18.81
N TRP C 141 -28.43 -7.79 17.70
CA TRP C 141 -27.90 -6.46 17.38
C TRP C 141 -28.51 -5.31 18.20
N SER C 142 -29.68 -5.56 18.83
CA SER C 142 -30.25 -4.59 19.78
C SER C 142 -29.43 -4.50 21.08
N ARG C 143 -28.66 -5.56 21.39
CA ARG C 143 -27.74 -5.57 22.53
C ARG C 143 -26.29 -5.26 22.10
N GLU C 144 -26.11 -4.32 21.16
CA GLU C 144 -24.77 -3.93 20.72
C GLU C 144 -24.14 -3.02 21.77
N LEU C 145 -22.83 -3.16 21.97
CA LEU C 145 -22.06 -2.34 22.90
C LEU C 145 -20.76 -1.85 22.26
N ALA C 146 -20.47 -0.58 22.46
CA ALA C 146 -19.18 0.01 22.10
C ALA C 146 -18.57 0.56 23.39
N THR C 147 -17.37 0.11 23.73
CA THR C 147 -16.72 0.50 24.98
C THR C 147 -16.19 1.95 24.96
N CYS C 148 -16.03 2.52 23.77
CA CYS C 148 -15.56 3.92 23.63
C CYS C 148 -16.65 4.95 23.95
N THR C 149 -17.92 4.54 23.95
CA THR C 149 -19.03 5.47 24.23
C THR C 149 -19.16 5.72 25.74
N PRO C 150 -19.44 6.98 26.14
CA PRO C 150 -19.74 7.31 27.55
C PRO C 150 -20.86 6.49 28.21
N GLU C 151 -21.82 6.01 27.41
CA GLU C 151 -22.90 5.14 27.91
C GLU C 151 -22.37 3.87 28.60
N TYR C 152 -21.27 3.32 28.07
CA TYR C 152 -20.65 2.13 28.65
C TYR C 152 -19.75 2.47 29.84
N TYR C 153 -18.70 3.24 29.59
CA TYR C 153 -17.64 3.45 30.59
C TYR C 153 -17.97 4.35 31.79
N ARG C 154 -19.16 4.95 31.81
CA ARG C 154 -19.67 5.64 33.00
C ARG C 154 -19.74 4.75 34.25
N TRP C 155 -20.10 3.48 34.04
CA TRP C 155 -20.36 2.55 35.16
C TRP C 155 -19.08 1.97 35.76
N GLU C 156 -18.10 1.65 34.92
CA GLU C 156 -16.79 1.16 35.40
C GLU C 156 -16.00 2.21 36.17
N GLN C 157 -16.21 3.49 35.83
CA GLN C 157 -15.68 4.61 36.62
C GLN C 157 -16.32 4.69 38.00
N LYS C 158 -17.66 4.63 38.03
CA LYS C 158 -18.41 4.61 39.29
C LYS C 158 -18.13 3.35 40.12
N PHE C 159 -17.82 2.25 39.44
CA PHE C 159 -17.37 1.01 40.08
C PHE C 159 -16.00 1.19 40.73
N PHE C 160 -15.09 1.82 39.98
CA PHE C 160 -13.71 2.08 40.44
C PHE C 160 -13.65 3.02 41.65
N THR C 161 -14.56 4.01 41.70
CA THR C 161 -14.67 4.89 42.87
C THR C 161 -15.14 4.12 44.10
N GLU C 162 -16.11 3.22 43.92
CA GLU C 162 -16.59 2.35 44.98
C GLU C 162 -15.55 1.34 45.45
N LEU C 163 -14.70 0.87 44.53
CA LEU C 163 -13.57 -0.02 44.89
C LEU C 163 -12.51 0.69 45.74
N TYR C 164 -12.31 1.99 45.51
CA TYR C 164 -11.39 2.79 46.33
C TYR C 164 -11.91 2.98 47.76
N LYS C 165 -13.18 3.35 47.87
CA LYS C 165 -13.81 3.58 49.19
C LYS C 165 -13.93 2.30 50.03
N LYS C 166 -14.18 1.16 49.38
CA LYS C 166 -14.14 -0.15 50.04
C LYS C 166 -12.72 -0.55 50.46
N GLY C 167 -11.71 -0.05 49.74
CA GLY C 167 -10.29 -0.29 50.05
C GLY C 167 -9.61 -1.34 49.20
N LEU C 168 -10.13 -1.57 47.99
CA LEU C 168 -9.56 -2.52 47.03
C LEU C 168 -8.68 -1.85 45.97
N VAL C 169 -8.50 -0.53 46.07
CA VAL C 169 -7.61 0.24 45.18
C VAL C 169 -6.61 1.00 46.03
N TYR C 170 -5.36 1.05 45.56
CA TYR C 170 -4.30 1.81 46.22
C TYR C 170 -3.26 2.29 45.20
N LYS C 171 -2.66 3.45 45.47
CA LYS C 171 -1.66 4.05 44.57
C LYS C 171 -0.26 3.67 45.05
N LYS C 172 0.60 3.24 44.12
CA LYS C 172 2.00 2.95 44.41
C LYS C 172 2.92 3.19 43.22
N THR C 173 4.22 3.23 43.49
CA THR C 173 5.24 3.39 42.45
C THR C 173 5.37 2.10 41.63
N SER C 174 5.66 2.24 40.34
CA SER C 174 5.78 1.10 39.43
C SER C 174 6.74 1.38 38.27
N ALA C 175 7.41 0.33 37.81
CA ALA C 175 8.37 0.42 36.70
C ALA C 175 7.65 0.56 35.37
N VAL C 176 8.13 1.48 34.52
CA VAL C 176 7.52 1.78 33.22
C VAL C 176 8.62 2.01 32.18
N ASN C 177 8.37 1.59 30.94
CA ASN C 177 9.31 1.79 29.83
C ASN C 177 9.24 3.24 29.34
N TRP C 178 10.15 4.08 29.84
CA TRP C 178 10.22 5.50 29.50
C TRP C 178 11.24 5.76 28.39
N CYS C 179 10.97 6.78 27.56
CA CYS C 179 11.89 7.24 26.53
C CYS C 179 12.31 8.67 26.87
N PRO C 180 13.63 8.94 27.00
CA PRO C 180 14.09 10.27 27.40
C PRO C 180 13.96 11.35 26.32
N ASN C 181 14.18 10.98 25.05
CA ASN C 181 14.09 11.92 23.94
C ASN C 181 12.65 12.34 23.65
N ASP C 182 11.77 11.35 23.52
CA ASP C 182 10.35 11.59 23.22
C ASP C 182 9.57 12.15 24.41
N GLN C 183 9.98 11.80 25.63
CA GLN C 183 9.32 12.21 26.88
C GLN C 183 7.90 11.64 26.99
N THR C 184 7.74 10.36 26.63
CA THR C 184 6.46 9.66 26.65
C THR C 184 6.65 8.18 27.00
N VAL C 185 5.66 7.60 27.67
CA VAL C 185 5.67 6.18 28.03
C VAL C 185 5.43 5.32 26.78
N LEU C 186 6.21 4.24 26.64
CA LEU C 186 6.10 3.29 25.55
C LEU C 186 5.62 1.93 26.07
N ALA C 187 4.95 1.17 25.21
CA ALA C 187 4.51 -0.19 25.52
C ALA C 187 5.64 -1.18 25.24
N ASN C 188 5.44 -2.43 25.68
CA ASN C 188 6.41 -3.51 25.44
C ASN C 188 6.49 -3.93 23.97
N GLU C 189 5.40 -3.74 23.23
CA GLU C 189 5.38 -3.95 21.77
C GLU C 189 6.25 -2.91 21.05
N GLN C 190 6.21 -1.66 21.53
CA GLN C 190 6.95 -0.56 20.91
C GLN C 190 8.48 -0.60 21.14
N VAL C 191 8.96 -1.45 22.06
CA VAL C 191 10.39 -1.68 22.26
C VAL C 191 10.87 -2.70 21.22
N ILE C 192 11.82 -2.29 20.38
CA ILE C 192 12.38 -3.15 19.31
C ILE C 192 13.89 -3.34 19.54
N ASP C 193 14.28 -4.57 19.88
CA ASP C 193 15.68 -4.96 20.11
C ASP C 193 16.38 -4.14 21.19
N GLY C 194 15.64 -3.86 22.28
CA GLY C 194 16.14 -3.03 23.38
C GLY C 194 16.36 -1.58 22.99
N CYS C 195 15.40 -1.01 22.25
CA CYS C 195 15.49 0.38 21.78
C CYS C 195 14.13 0.91 21.33
N CYS C 196 14.01 2.23 21.26
CA CYS C 196 12.77 2.89 20.85
C CYS C 196 12.54 2.73 19.34
N TRP C 197 11.31 2.38 18.96
CA TRP C 197 10.96 2.13 17.55
C TRP C 197 11.09 3.32 16.59
N ARG C 198 11.00 4.55 17.11
CA ARG C 198 11.10 5.76 16.28
C ARG C 198 12.54 6.27 16.16
N CYS C 199 13.12 6.65 17.31
CA CYS C 199 14.46 7.25 17.36
C CYS C 199 15.49 6.32 18.00
N ASP C 200 16.77 6.55 17.70
CA ASP C 200 17.88 5.75 18.22
C ASP C 200 18.35 6.28 19.58
N THR C 201 17.60 5.92 20.63
CA THR C 201 17.93 6.28 22.02
C THR C 201 17.62 5.13 22.98
N LYS C 202 18.23 5.18 24.16
CA LYS C 202 18.09 4.12 25.17
C LYS C 202 16.75 4.21 25.90
N VAL C 203 16.04 3.08 25.97
CA VAL C 203 14.75 3.00 26.67
C VAL C 203 15.00 2.68 28.15
N GLU C 204 15.13 3.73 28.95
CA GLU C 204 15.37 3.58 30.40
C GLU C 204 14.08 3.29 31.16
N ARG C 205 14.23 2.80 32.40
CA ARG C 205 13.10 2.62 33.31
C ARG C 205 12.79 3.95 33.99
N LYS C 206 11.57 4.06 34.51
CA LYS C 206 11.14 5.24 35.27
C LYS C 206 10.16 4.86 36.37
N GLU C 207 10.21 5.61 37.47
CA GLU C 207 9.42 5.34 38.68
C GLU C 207 8.23 6.32 38.77
N ILE C 208 7.09 5.91 38.21
CA ILE C 208 5.86 6.72 38.21
C ILE C 208 4.82 6.10 39.16
N PRO C 209 4.13 6.94 39.97
CA PRO C 209 3.05 6.41 40.80
C PRO C 209 1.79 6.10 39.98
N GLN C 210 1.27 4.88 40.15
CA GLN C 210 0.13 4.38 39.38
C GLN C 210 -0.91 3.73 40.29
N TRP C 211 -2.14 3.64 39.79
CA TRP C 211 -3.24 3.00 40.54
C TRP C 211 -3.21 1.48 40.33
N PHE C 212 -3.35 0.74 41.43
CA PHE C 212 -3.35 -0.72 41.41
C PHE C 212 -4.58 -1.27 42.13
N ILE C 213 -5.37 -2.08 41.42
CA ILE C 213 -6.51 -2.78 42.02
C ILE C 213 -5.99 -4.04 42.72
N LYS C 214 -6.52 -4.29 43.92
CA LYS C 214 -6.02 -5.34 44.80
C LYS C 214 -6.58 -6.70 44.38
N ILE C 215 -5.98 -7.28 43.35
CA ILE C 215 -6.35 -8.61 42.85
C ILE C 215 -5.89 -9.74 43.79
N THR C 216 -4.81 -9.50 44.54
CA THR C 216 -4.23 -10.50 45.46
C THR C 216 -5.13 -10.88 46.64
N ALA C 217 -6.14 -10.05 46.94
CA ALA C 217 -7.17 -10.39 47.94
C ALA C 217 -7.97 -11.63 47.55
N TYR C 218 -8.23 -11.80 46.25
CA TYR C 218 -8.99 -12.95 45.72
C TYR C 218 -8.11 -14.05 45.10
N ALA C 219 -6.80 -13.98 45.31
CA ALA C 219 -5.85 -14.93 44.70
C ALA C 219 -6.05 -16.37 45.17
N ASP C 220 -6.38 -16.53 46.45
CA ASP C 220 -6.70 -17.83 47.02
C ASP C 220 -8.02 -18.37 46.45
N GLU C 221 -9.00 -17.47 46.29
CA GLU C 221 -10.30 -17.82 45.71
C GLU C 221 -10.20 -18.18 44.23
N LEU C 222 -9.41 -17.40 43.48
CA LEU C 222 -9.16 -17.68 42.06
C LEU C 222 -8.39 -18.99 41.84
N LEU C 223 -7.50 -19.34 42.77
CA LEU C 223 -6.73 -20.59 42.69
C LEU C 223 -7.60 -21.82 43.01
N ASN C 224 -8.36 -21.74 44.10
CA ASN C 224 -9.16 -22.88 44.59
C ASN C 224 -10.37 -23.18 43.71
N ASP C 225 -10.99 -22.16 43.13
CA ASP C 225 -12.18 -22.34 42.28
C ASP C 225 -11.88 -22.97 40.89
N LEU C 226 -10.60 -23.05 40.50
CA LEU C 226 -10.19 -23.80 39.30
C LEU C 226 -10.56 -25.29 39.38
N ASP C 227 -10.58 -25.85 40.59
CA ASP C 227 -11.00 -27.24 40.82
C ASP C 227 -12.50 -27.44 40.57
N LYS C 228 -13.31 -26.44 40.91
CA LYS C 228 -14.75 -26.46 40.65
C LYS C 228 -15.09 -26.37 39.15
N LEU C 229 -14.31 -25.60 38.40
CA LEU C 229 -14.49 -25.48 36.94
C LEU C 229 -13.98 -26.73 36.23
N ASP C 230 -14.80 -27.79 36.26
CA ASP C 230 -14.45 -29.06 35.62
C ASP C 230 -14.57 -29.01 34.09
N HIS C 231 -15.54 -28.25 33.58
CA HIS C 231 -15.74 -28.11 32.14
C HIS C 231 -14.68 -27.26 31.42
N TRP C 232 -13.95 -26.43 32.16
CA TRP C 232 -12.79 -25.70 31.62
C TRP C 232 -11.66 -26.69 31.28
N PRO C 233 -10.86 -26.40 30.24
CA PRO C 233 -9.77 -27.30 29.85
C PRO C 233 -8.59 -27.28 30.81
N ASP C 234 -7.88 -28.40 30.91
CA ASP C 234 -6.76 -28.54 31.85
C ASP C 234 -5.55 -27.67 31.49
N THR C 235 -5.38 -27.39 30.20
CA THR C 235 -4.28 -26.53 29.72
C THR C 235 -4.37 -25.10 30.26
N VAL C 236 -5.60 -24.55 30.29
CA VAL C 236 -5.84 -23.19 30.78
C VAL C 236 -5.71 -23.12 32.32
N LYS C 237 -6.28 -24.10 33.02
CA LYS C 237 -6.26 -24.13 34.48
C LYS C 237 -4.84 -24.26 35.06
N THR C 238 -4.02 -25.12 34.46
CA THR C 238 -2.62 -25.30 34.86
C THR C 238 -1.80 -24.02 34.64
N MET C 239 -2.06 -23.31 33.54
CA MET C 239 -1.42 -22.02 33.26
C MET C 239 -1.76 -20.97 34.31
N GLN C 240 -3.01 -20.94 34.76
CA GLN C 240 -3.45 -20.00 35.80
C GLN C 240 -2.90 -20.34 37.19
N ARG C 241 -2.77 -21.63 37.51
CA ARG C 241 -2.12 -22.05 38.77
C ARG C 241 -0.65 -21.64 38.82
N ASN C 242 0.05 -21.81 37.70
CA ASN C 242 1.45 -21.38 37.59
C ASN C 242 1.58 -19.85 37.57
N TRP C 243 0.63 -19.17 36.94
CA TRP C 243 0.60 -17.69 36.88
C TRP C 243 0.31 -17.08 38.25
N ILE C 244 -0.69 -17.61 38.94
CA ILE C 244 -1.02 -17.20 40.32
C ILE C 244 0.19 -17.50 41.20
N GLY C 245 0.71 -18.73 41.10
CA GLY C 245 1.98 -19.11 41.71
C GLY C 245 2.01 -19.02 43.22
N ARG C 246 1.04 -19.68 43.87
CA ARG C 246 1.01 -19.77 45.33
C ARG C 246 2.15 -20.66 45.80
N SER C 247 2.76 -20.31 46.94
CA SER C 247 3.82 -21.12 47.53
C SER C 247 3.92 -20.83 49.04
N GLU C 248 3.71 -21.87 49.85
CA GLU C 248 3.81 -21.76 51.30
C GLU C 248 5.28 -21.75 51.71
N GLY C 249 5.74 -20.62 52.23
CA GLY C 249 7.14 -20.43 52.63
C GLY C 249 7.26 -19.93 54.06
N VAL C 250 8.31 -19.14 54.31
CA VAL C 250 8.58 -18.60 55.65
C VAL C 250 9.51 -17.39 55.57
N GLU C 251 9.19 -16.35 56.33
CA GLU C 251 10.05 -15.17 56.44
C GLU C 251 11.08 -15.40 57.53
N ILE C 252 12.31 -14.91 57.31
CA ILE C 252 13.43 -15.10 58.24
C ILE C 252 14.09 -13.74 58.49
N THR C 253 14.08 -13.29 59.75
CA THR C 253 14.69 -12.02 60.14
C THR C 253 16.18 -12.21 60.45
N PHE C 254 17.01 -11.30 59.94
CA PHE C 254 18.46 -11.30 60.16
C PHE C 254 18.88 -10.08 60.98
N ASN C 255 19.81 -10.29 61.91
CA ASN C 255 20.41 -9.20 62.69
C ASN C 255 21.75 -8.82 62.08
N VAL C 256 22.03 -7.51 62.04
CA VAL C 256 23.25 -6.97 61.43
C VAL C 256 24.08 -6.27 62.53
N ASN C 257 25.40 -6.31 62.37
CA ASN C 257 26.33 -5.80 63.39
C ASN C 257 26.35 -4.28 63.48
N ASP C 258 26.75 -3.62 62.38
CA ASP C 258 26.85 -2.16 62.30
C ASP C 258 25.69 -1.58 61.48
N TYR C 259 24.48 -1.89 61.91
CA TYR C 259 23.25 -1.40 61.27
C TYR C 259 22.08 -1.63 62.22
N ASP C 260 21.33 -0.57 62.52
CA ASP C 260 20.30 -0.60 63.56
C ASP C 260 19.06 -1.43 63.19
N ASN C 261 18.69 -1.41 61.90
CA ASN C 261 17.51 -2.12 61.41
C ASN C 261 17.81 -3.58 61.07
N THR C 262 16.77 -4.40 61.05
CA THR C 262 16.87 -5.84 60.72
C THR C 262 16.37 -6.12 59.30
N LEU C 263 16.94 -7.17 58.69
CA LEU C 263 16.59 -7.58 57.32
C LEU C 263 15.74 -8.85 57.31
N THR C 264 14.47 -8.72 56.93
CA THR C 264 13.57 -9.85 56.75
C THR C 264 13.63 -10.31 55.29
N VAL C 265 13.70 -11.62 55.07
CA VAL C 265 13.77 -12.21 53.73
C VAL C 265 12.85 -13.42 53.59
N TYR C 266 12.21 -13.55 52.42
CA TYR C 266 11.28 -14.65 52.15
C TYR C 266 11.99 -15.81 51.46
N THR C 267 11.52 -17.03 51.75
CA THR C 267 12.02 -18.24 51.11
C THR C 267 10.98 -19.38 51.16
N THR C 268 10.95 -20.19 50.10
CA THR C 268 10.15 -21.41 50.05
C THR C 268 10.98 -22.66 50.32
N ARG C 269 12.29 -22.50 50.48
CA ARG C 269 13.21 -23.60 50.79
C ARG C 269 13.96 -23.31 52.10
N PRO C 270 13.26 -23.35 53.25
CA PRO C 270 13.93 -23.27 54.56
C PRO C 270 14.69 -24.54 54.95
N ASP C 271 14.47 -25.65 54.25
CA ASP C 271 15.30 -26.86 54.41
C ASP C 271 16.78 -26.57 54.11
N ALA C 272 17.05 -25.74 53.10
CA ALA C 272 18.41 -25.35 52.74
C ALA C 272 18.81 -23.99 53.34
N PHE C 273 18.39 -23.74 54.58
CA PHE C 273 18.71 -22.49 55.30
C PHE C 273 20.16 -22.49 55.79
N MET C 274 20.67 -23.67 56.15
CA MET C 274 22.05 -23.81 56.62
C MET C 274 23.10 -23.69 55.50
N GLY C 275 22.66 -23.78 54.24
CA GLY C 275 23.52 -23.51 53.08
C GLY C 275 23.64 -22.05 52.65
N CYS C 276 22.97 -21.13 53.37
CA CYS C 276 23.02 -19.70 53.06
C CYS C 276 24.38 -19.08 53.42
N THR C 277 25.17 -18.75 52.41
CA THR C 277 26.49 -18.13 52.60
C THR C 277 26.51 -16.60 52.39
N TYR C 278 25.46 -16.05 51.78
CA TYR C 278 25.31 -14.59 51.66
C TYR C 278 23.85 -14.15 51.47
N LEU C 279 23.62 -12.85 51.58
CA LEU C 279 22.28 -12.26 51.43
C LEU C 279 22.26 -11.23 50.31
N ALA C 280 21.63 -11.58 49.20
CA ALA C 280 21.45 -10.64 48.07
C ALA C 280 20.29 -9.69 48.35
N VAL C 281 20.46 -8.42 47.96
CA VAL C 281 19.50 -7.34 48.25
C VAL C 281 19.17 -6.59 46.96
N ALA C 282 17.96 -6.04 46.89
CA ALA C 282 17.51 -5.27 45.73
C ALA C 282 18.17 -3.90 45.65
N ALA C 283 17.98 -3.22 44.51
CA ALA C 283 18.57 -1.91 44.26
C ALA C 283 17.97 -0.81 45.14
N GLY C 284 16.63 -0.82 45.28
CA GLY C 284 15.91 0.19 46.07
C GLY C 284 15.55 -0.21 47.50
N HIS C 285 16.32 -1.12 48.10
CA HIS C 285 16.10 -1.54 49.48
C HIS C 285 16.70 -0.49 50.42
N PRO C 286 16.07 -0.23 51.60
CA PRO C 286 16.61 0.78 52.53
C PRO C 286 18.06 0.58 53.00
N LEU C 287 18.51 -0.67 53.10
CA LEU C 287 19.92 -0.98 53.41
C LEU C 287 20.86 -0.55 52.28
N ALA C 288 20.45 -0.78 51.03
CA ALA C 288 21.24 -0.39 49.85
C ALA C 288 21.31 1.13 49.69
N GLN C 289 20.23 1.83 50.02
CA GLN C 289 20.19 3.30 49.97
C GLN C 289 21.06 3.96 51.04
N LYS C 290 21.14 3.33 52.22
CA LYS C 290 21.96 3.82 53.33
C LYS C 290 23.46 3.68 53.04
N ALA C 291 23.86 2.53 52.49
CA ALA C 291 25.26 2.26 52.14
C ALA C 291 25.77 3.12 50.97
N ALA C 292 24.86 3.56 50.09
CA ALA C 292 25.22 4.40 48.94
C ALA C 292 25.73 5.80 49.30
N GLU C 293 25.39 6.29 50.50
CA GLU C 293 25.83 7.61 50.97
C GLU C 293 27.35 7.71 51.07
N ASN C 294 27.97 6.74 51.74
CA ASN C 294 29.43 6.70 51.91
C ASN C 294 30.14 6.01 50.74
N ASN C 295 29.64 4.85 50.35
CA ASN C 295 30.24 4.04 49.28
C ASN C 295 29.95 4.66 47.91
N PRO C 296 30.99 5.09 47.17
CA PRO C 296 30.77 5.70 45.84
C PRO C 296 30.41 4.71 44.72
N GLU C 297 31.04 3.52 44.73
CA GLU C 297 30.81 2.50 43.70
C GLU C 297 29.40 1.90 43.75
N LEU C 298 28.90 1.68 44.96
CA LEU C 298 27.53 1.16 45.18
C LEU C 298 26.45 2.16 44.78
N ALA C 299 26.74 3.46 44.93
CA ALA C 299 25.82 4.52 44.51
C ALA C 299 25.65 4.58 42.98
N ALA C 300 26.75 4.37 42.26
CA ALA C 300 26.73 4.31 40.79
C ALA C 300 25.94 3.11 40.26
N PHE C 301 25.98 1.99 40.99
CA PHE C 301 25.27 0.77 40.61
C PHE C 301 23.74 0.88 40.75
N ILE C 302 23.28 1.63 41.76
CA ILE C 302 21.84 1.89 41.95
C ILE C 302 21.27 2.73 40.79
N ASP C 303 22.07 3.67 40.28
CA ASP C 303 21.71 4.45 39.09
C ASP C 303 21.71 3.59 37.81
N GLU C 304 22.64 2.64 37.72
CA GLU C 304 22.68 1.67 36.61
C GLU C 304 21.48 0.70 36.59
N CYS C 305 20.91 0.41 37.77
CA CYS C 305 19.67 -0.37 37.86
C CYS C 305 18.46 0.38 37.30
N ARG C 306 18.39 1.68 37.57
CA ARG C 306 17.33 2.55 37.04
C ARG C 306 17.43 2.77 35.51
N ASN C 307 18.63 2.62 34.96
CA ASN C 307 18.85 2.72 33.51
C ASN C 307 19.25 1.36 32.94
N THR C 308 18.28 0.43 32.92
CA THR C 308 18.50 -0.92 32.42
C THR C 308 18.51 -0.93 30.88
N GLU C 319 22.81 -10.79 32.53
CA GLU C 319 23.88 -11.24 33.43
C GLU C 319 23.63 -10.78 34.86
N LYS C 320 24.14 -11.56 35.81
CA LYS C 320 24.02 -11.25 37.24
C LYS C 320 25.14 -10.29 37.64
N LYS C 321 24.76 -9.08 38.05
CA LYS C 321 25.71 -8.05 38.53
C LYS C 321 25.38 -7.64 39.96
N GLY C 322 26.40 -7.12 40.65
CA GLY C 322 26.25 -6.71 42.06
C GLY C 322 27.49 -6.07 42.66
N VAL C 323 27.28 -5.36 43.77
CA VAL C 323 28.35 -4.68 44.51
C VAL C 323 28.25 -5.03 45.99
N ASP C 324 29.40 -5.17 46.65
CA ASP C 324 29.46 -5.47 48.09
C ASP C 324 29.01 -4.25 48.90
N THR C 325 28.13 -4.48 49.88
CA THR C 325 27.61 -3.41 50.72
C THR C 325 28.65 -3.01 51.78
N GLY C 326 29.11 -4.00 52.54
CA GLY C 326 30.01 -3.79 53.67
C GLY C 326 29.46 -4.29 54.98
N PHE C 327 28.14 -4.18 55.16
CA PHE C 327 27.46 -4.62 56.39
C PHE C 327 27.41 -6.14 56.45
N LYS C 328 27.69 -6.70 57.63
CA LYS C 328 27.73 -8.15 57.85
C LYS C 328 26.53 -8.61 58.67
N ALA C 329 25.64 -9.36 58.04
CA ALA C 329 24.48 -9.95 58.72
C ALA C 329 24.89 -11.24 59.43
N VAL C 330 24.38 -11.43 60.65
CA VAL C 330 24.68 -12.61 61.47
C VAL C 330 23.66 -13.71 61.18
N HIS C 331 24.15 -14.91 60.89
CA HIS C 331 23.30 -16.08 60.69
C HIS C 331 22.86 -16.59 62.08
N PRO C 332 21.54 -16.78 62.30
CA PRO C 332 21.05 -17.05 63.66
C PRO C 332 21.41 -18.42 64.25
N LEU C 333 21.35 -19.48 63.43
CA LEU C 333 21.56 -20.85 63.90
C LEU C 333 23.05 -21.20 64.06
N THR C 334 23.83 -21.00 63.00
CA THR C 334 25.26 -21.29 63.01
C THR C 334 26.04 -20.32 63.90
N GLY C 335 25.72 -19.03 63.77
CA GLY C 335 26.41 -17.97 64.52
C GLY C 335 27.69 -17.57 63.81
N GLU C 336 27.54 -17.15 62.56
CA GLU C 336 28.65 -16.73 61.71
C GLU C 336 28.24 -15.58 60.81
N GLU C 337 29.18 -14.67 60.53
CA GLU C 337 28.90 -13.49 59.70
C GLU C 337 28.85 -13.87 58.22
N ILE C 338 28.00 -13.17 57.47
CA ILE C 338 27.88 -13.35 56.02
C ILE C 338 27.70 -12.00 55.33
N PRO C 339 28.32 -11.79 54.15
CA PRO C 339 28.31 -10.47 53.51
C PRO C 339 26.97 -10.15 52.83
N VAL C 340 26.46 -8.94 53.08
CA VAL C 340 25.26 -8.45 52.42
C VAL C 340 25.67 -7.78 51.10
N TRP C 341 25.08 -8.23 49.99
CA TRP C 341 25.38 -7.72 48.65
C TRP C 341 24.13 -7.11 48.00
N ALA C 342 24.35 -6.07 47.19
CA ALA C 342 23.31 -5.53 46.31
C ALA C 342 23.33 -6.33 45.01
N ALA C 343 22.17 -6.47 44.36
CA ALA C 343 22.06 -7.25 43.13
C ALA C 343 20.86 -6.84 42.27
N ASN C 344 21.02 -6.96 40.95
CA ASN C 344 19.97 -6.62 39.99
C ASN C 344 18.85 -7.66 39.91
N PHE C 345 19.21 -8.94 40.05
CA PHE C 345 18.24 -10.05 39.97
C PHE C 345 17.20 -10.08 41.10
N VAL C 346 17.51 -9.46 42.24
CA VAL C 346 16.58 -9.39 43.37
C VAL C 346 15.53 -8.30 43.09
N LEU C 347 14.27 -8.72 42.91
CA LEU C 347 13.17 -7.81 42.59
C LEU C 347 12.60 -7.18 43.86
N MET C 348 12.20 -5.91 43.79
CA MET C 348 11.58 -5.22 44.91
C MET C 348 10.11 -5.64 45.12
N GLU C 349 9.43 -5.97 44.03
CA GLU C 349 8.00 -6.33 44.08
C GLU C 349 7.78 -7.66 44.79
N TYR C 350 8.41 -8.72 44.27
CA TYR C 350 8.29 -10.06 44.84
C TYR C 350 9.14 -10.19 46.11
N GLY C 351 8.64 -10.97 47.08
CA GLY C 351 9.33 -11.18 48.35
C GLY C 351 9.22 -9.98 49.27
N THR C 352 10.34 -9.59 49.88
CA THR C 352 10.42 -8.41 50.75
C THR C 352 11.64 -7.54 50.39
N GLY C 353 11.96 -7.48 49.09
CA GLY C 353 13.12 -6.73 48.61
C GLY C 353 14.48 -7.32 48.97
N ALA C 354 14.52 -8.58 49.37
CA ALA C 354 15.75 -9.24 49.81
C ALA C 354 15.55 -10.76 49.94
N VAL C 355 16.66 -11.50 49.91
CA VAL C 355 16.64 -12.97 49.91
C VAL C 355 17.74 -13.57 50.79
N MET C 356 17.63 -14.88 51.01
CA MET C 356 18.70 -15.69 51.60
C MET C 356 19.32 -16.54 50.49
N ALA C 357 20.40 -16.05 49.91
CA ALA C 357 21.01 -16.68 48.74
C ALA C 357 21.73 -17.99 49.10
N VAL C 358 21.31 -19.08 48.47
CA VAL C 358 21.90 -20.41 48.65
C VAL C 358 22.60 -20.80 47.33
N PRO C 359 23.87 -20.37 47.15
CA PRO C 359 24.55 -20.60 45.86
C PRO C 359 24.76 -22.07 45.50
N GLY C 360 24.95 -22.93 46.50
CA GLY C 360 25.09 -24.36 46.28
C GLY C 360 23.87 -25.06 45.67
N HIS C 361 22.68 -24.50 45.87
CA HIS C 361 21.44 -25.09 45.38
C HIS C 361 20.46 -24.06 44.79
N ASP C 362 21.01 -23.11 44.02
CA ASP C 362 20.21 -22.17 43.25
C ASP C 362 21.08 -21.60 42.12
N GLN C 363 20.62 -21.78 40.88
CA GLN C 363 21.42 -21.44 39.69
C GLN C 363 21.65 -19.92 39.54
N ARG C 364 20.68 -19.12 39.97
CA ARG C 364 20.82 -17.66 39.98
C ARG C 364 21.88 -17.21 40.99
N ASP C 365 21.86 -17.81 42.18
CA ASP C 365 22.83 -17.52 43.24
C ASP C 365 24.20 -18.15 42.98
N TYR C 366 24.23 -19.29 42.27
CA TYR C 366 25.48 -19.95 41.90
C TYR C 366 26.32 -19.07 40.96
N GLU C 367 25.67 -18.59 39.89
CA GLU C 367 26.32 -17.70 38.91
C GLU C 367 26.80 -16.39 39.53
N PHE C 368 26.04 -15.88 40.49
CA PHE C 368 26.43 -14.68 41.26
C PHE C 368 27.63 -14.97 42.16
N ALA C 369 27.59 -16.10 42.86
CA ALA C 369 28.68 -16.51 43.76
C ALA C 369 29.97 -16.88 43.01
N SER C 370 29.81 -17.56 41.87
CA SER C 370 30.95 -17.96 41.03
C SER C 370 31.67 -16.76 40.39
N LYS C 371 30.92 -15.74 40.02
CA LYS C 371 31.47 -14.54 39.37
C LYS C 371 32.31 -13.72 40.35
N TYR C 372 31.71 -13.34 41.48
CA TYR C 372 32.38 -12.51 42.49
C TYR C 372 33.19 -13.31 43.54
N GLY C 373 33.19 -14.64 43.43
CA GLY C 373 34.05 -15.49 44.26
C GLY C 373 33.59 -15.62 45.71
N LEU C 374 32.28 -15.80 45.89
CA LEU C 374 31.68 -16.00 47.22
C LEU C 374 31.80 -17.46 47.63
N ASN C 375 31.50 -17.74 48.90
CA ASN C 375 31.59 -19.09 49.46
C ASN C 375 30.46 -19.98 48.96
N ILE C 376 30.82 -21.13 48.38
CA ILE C 376 29.86 -22.13 47.90
C ILE C 376 29.85 -23.30 48.88
N LYS C 377 28.83 -23.34 49.75
CA LYS C 377 28.66 -24.39 50.75
C LYS C 377 27.38 -25.20 50.51
N PRO C 378 27.51 -26.52 50.24
CA PRO C 378 26.34 -27.37 50.02
C PRO C 378 25.72 -27.90 51.31
N VAL C 379 24.49 -28.40 51.20
CA VAL C 379 23.73 -28.95 52.34
C VAL C 379 22.75 -30.12 52.03
N ILE C 380 22.27 -30.24 50.78
CA ILE C 380 21.29 -31.26 50.39
C ILE C 380 21.99 -32.43 49.68
N LEU C 381 21.66 -33.65 50.09
CA LEU C 381 22.17 -34.86 49.44
C LEU C 381 21.47 -35.12 48.11
N ALA C 382 22.15 -35.83 47.22
CA ALA C 382 21.63 -36.17 45.89
C ALA C 382 20.59 -37.30 45.97
N ALA C 383 19.95 -37.60 44.84
CA ALA C 383 18.91 -38.63 44.77
C ALA C 383 19.43 -40.04 45.08
N ASP C 384 20.58 -40.39 44.49
CA ASP C 384 21.19 -41.72 44.71
C ASP C 384 21.69 -41.95 46.14
N GLY C 385 22.14 -40.87 46.80
CA GLY C 385 22.64 -40.93 48.18
C GLY C 385 24.11 -40.57 48.25
N SER C 386 24.42 -39.33 47.90
CA SER C 386 25.80 -38.83 47.88
C SER C 386 25.83 -37.30 47.83
N GLU C 387 27.02 -36.73 48.06
CA GLU C 387 27.20 -35.29 48.03
C GLU C 387 27.26 -34.78 46.59
N PRO C 388 26.62 -33.63 46.30
CA PRO C 388 26.57 -33.11 44.93
C PRO C 388 27.87 -32.39 44.51
N ASP C 389 28.24 -32.54 43.25
CA ASP C 389 29.39 -31.84 42.67
C ASP C 389 28.94 -30.46 42.20
N LEU C 390 29.58 -29.41 42.73
CA LEU C 390 29.23 -28.03 42.43
C LEU C 390 30.38 -27.27 41.75
N SER C 391 31.10 -27.95 40.85
CA SER C 391 32.20 -27.34 40.11
C SER C 391 31.68 -26.48 38.96
N GLN C 392 30.67 -26.98 38.24
CA GLN C 392 30.07 -26.28 37.10
C GLN C 392 28.70 -25.65 37.39
N GLN C 393 27.85 -26.32 38.16
CA GLN C 393 26.48 -25.84 38.43
C GLN C 393 25.89 -26.38 39.74
N ALA C 394 24.83 -25.70 40.19
CA ALA C 394 24.14 -26.06 41.43
C ALA C 394 23.16 -27.22 41.22
N LEU C 395 22.80 -27.88 42.32
CA LEU C 395 21.77 -28.92 42.32
C LEU C 395 20.42 -28.32 42.70
N THR C 396 19.51 -28.26 41.73
CA THR C 396 18.18 -27.66 41.93
C THR C 396 17.20 -28.51 42.76
N GLU C 397 17.47 -29.80 42.91
CA GLU C 397 16.52 -30.75 43.50
C GLU C 397 16.38 -30.62 45.03
N LYS C 398 15.31 -31.22 45.55
CA LYS C 398 15.06 -31.33 47.00
C LYS C 398 15.45 -32.72 47.48
N GLY C 399 15.67 -32.86 48.78
CA GLY C 399 16.03 -34.16 49.36
C GLY C 399 16.43 -34.15 50.83
N VAL C 400 17.37 -35.03 51.17
CA VAL C 400 17.82 -35.23 52.56
C VAL C 400 18.99 -34.28 52.86
N LEU C 401 19.08 -33.85 54.11
CA LEU C 401 20.12 -32.90 54.54
C LEU C 401 21.42 -33.56 54.98
N PHE C 402 22.51 -32.80 54.89
CA PHE C 402 23.82 -33.18 55.45
C PHE C 402 24.66 -31.92 55.70
N ASN C 403 25.58 -32.00 56.67
CA ASN C 403 26.48 -30.88 57.00
C ASN C 403 25.66 -29.61 57.35
N SER C 404 24.63 -29.82 58.17
CA SER C 404 23.63 -28.78 58.47
C SER C 404 23.25 -28.75 59.96
N GLY C 405 24.25 -28.97 60.82
CA GLY C 405 24.03 -28.96 62.27
C GLY C 405 23.10 -30.07 62.74
N GLU C 406 22.15 -29.71 63.62
CA GLU C 406 21.20 -30.67 64.19
C GLU C 406 20.12 -31.20 63.23
N PHE C 407 20.05 -30.66 62.01
CA PHE C 407 19.04 -31.07 61.02
C PHE C 407 19.53 -32.11 60.00
N ASN C 408 20.64 -32.79 60.29
CA ASN C 408 21.19 -33.80 59.37
C ASN C 408 20.30 -35.04 59.29
N GLY C 409 20.15 -35.58 58.08
CA GLY C 409 19.33 -36.78 57.84
C GLY C 409 17.84 -36.59 57.70
N LEU C 410 17.38 -35.33 57.73
CA LEU C 410 15.94 -35.02 57.62
C LEU C 410 15.56 -34.76 56.16
N ASP C 411 14.47 -35.37 55.71
CA ASP C 411 13.96 -35.18 54.34
C ASP C 411 13.31 -33.80 54.17
N HIS C 412 12.93 -33.47 52.94
CA HIS C 412 12.32 -32.17 52.61
C HIS C 412 11.06 -31.85 53.43
N GLU C 413 10.25 -32.87 53.71
CA GLU C 413 9.02 -32.71 54.52
C GLU C 413 9.35 -32.27 55.95
N ALA C 414 10.29 -32.99 56.58
CA ALA C 414 10.71 -32.70 57.95
C ALA C 414 11.57 -31.45 58.05
N ALA C 415 12.55 -31.32 57.15
CA ALA C 415 13.50 -30.19 57.13
C ALA C 415 12.82 -28.82 56.97
N PHE C 416 11.68 -28.80 56.27
CA PHE C 416 10.87 -27.58 56.13
C PHE C 416 10.32 -27.15 57.49
N ASN C 417 9.67 -28.09 58.19
CA ASN C 417 9.01 -27.80 59.46
C ASN C 417 9.99 -27.62 60.63
N ALA C 418 11.02 -28.47 60.67
CA ALA C 418 12.01 -28.46 61.77
C ALA C 418 12.76 -27.13 61.89
N ILE C 419 13.25 -26.63 60.75
CA ILE C 419 13.96 -25.34 60.71
C ILE C 419 13.00 -24.16 60.88
N ALA C 420 11.79 -24.28 60.35
CA ALA C 420 10.75 -23.23 60.50
C ALA C 420 10.28 -23.09 61.96
N ASP C 421 10.05 -24.22 62.62
CA ASP C 421 9.66 -24.23 64.04
C ASP C 421 10.78 -23.75 64.97
N LYS C 422 12.04 -23.97 64.58
CA LYS C 422 13.20 -23.46 65.31
C LYS C 422 13.27 -21.94 65.26
N LEU C 423 13.10 -21.38 64.06
CA LEU C 423 13.10 -19.92 63.86
C LEU C 423 11.88 -19.23 64.49
N THR C 424 10.73 -19.92 64.46
CA THR C 424 9.51 -19.41 65.11
C THR C 424 9.64 -19.43 66.65
N ALA C 425 10.27 -20.48 67.19
CA ALA C 425 10.51 -20.60 68.63
C ALA C 425 11.49 -19.55 69.14
N MET C 426 12.57 -19.31 68.38
CA MET C 426 13.54 -18.25 68.69
C MET C 426 12.94 -16.84 68.59
N GLY C 427 11.93 -16.67 67.74
CA GLY C 427 11.25 -15.40 67.54
C GLY C 427 11.94 -14.50 66.54
N VAL C 428 12.53 -15.11 65.51
CA VAL C 428 13.24 -14.39 64.44
C VAL C 428 12.86 -14.98 63.07
N GLY C 429 11.57 -15.23 62.88
CA GLY C 429 11.06 -15.81 61.65
C GLY C 429 9.60 -16.20 61.72
N GLU C 430 8.77 -15.54 60.89
CA GLU C 430 7.33 -15.79 60.84
C GLU C 430 6.96 -16.56 59.58
N ARG C 431 6.15 -17.60 59.75
CA ARG C 431 5.69 -18.44 58.63
C ARG C 431 4.60 -17.68 57.86
N LYS C 432 4.75 -17.61 56.54
CA LYS C 432 3.91 -16.75 55.70
C LYS C 432 3.72 -17.31 54.28
N VAL C 433 2.57 -16.99 53.68
CA VAL C 433 2.23 -17.37 52.31
C VAL C 433 2.52 -16.18 51.39
N ASN C 434 2.92 -16.48 50.15
CA ASN C 434 3.23 -15.45 49.17
C ASN C 434 2.81 -15.91 47.76
N TYR C 435 2.40 -14.94 46.95
CA TYR C 435 1.92 -15.19 45.58
C TYR C 435 2.87 -14.57 44.55
N ARG C 436 3.01 -15.25 43.41
CA ARG C 436 3.74 -14.72 42.26
C ARG C 436 2.94 -13.61 41.57
N LEU C 437 1.61 -13.68 41.67
CA LEU C 437 0.70 -12.69 41.08
C LEU C 437 0.81 -11.33 41.77
N ARG C 438 1.31 -10.34 41.02
CA ARG C 438 1.30 -8.94 41.47
C ARG C 438 -0.06 -8.31 41.19
N ASP C 439 -0.28 -7.13 41.76
CA ASP C 439 -1.56 -6.42 41.62
C ASP C 439 -1.78 -5.87 40.21
N TRP C 440 -3.03 -5.56 39.91
CA TRP C 440 -3.46 -5.13 38.58
C TRP C 440 -3.27 -3.62 38.39
N GLY C 441 -2.14 -3.25 37.78
CA GLY C 441 -1.83 -1.84 37.49
C GLY C 441 -2.62 -1.31 36.31
N VAL C 442 -3.74 -0.66 36.61
CA VAL C 442 -4.68 -0.19 35.57
C VAL C 442 -4.24 1.10 34.85
N SER C 443 -3.42 1.93 35.49
CA SER C 443 -3.12 3.28 34.98
C SER C 443 -2.30 3.26 33.69
N ARG C 444 -2.81 3.97 32.68
CA ARG C 444 -2.10 4.20 31.42
C ARG C 444 -2.07 5.69 31.13
N GLN C 445 -0.89 6.19 30.75
CA GLN C 445 -0.71 7.61 30.42
C GLN C 445 -0.85 7.75 28.91
N ARG C 446 -2.10 7.69 28.46
CA ARG C 446 -2.45 7.63 27.04
C ARG C 446 -3.85 8.22 26.84
N TYR C 447 -4.10 8.74 25.64
CA TYR C 447 -5.37 9.42 25.33
C TYR C 447 -6.55 8.46 25.22
N TRP C 448 -6.51 7.57 24.22
CA TRP C 448 -7.68 6.79 23.80
C TRP C 448 -7.99 5.67 24.81
N GLY C 449 -8.64 6.07 25.89
CA GLY C 449 -8.96 5.19 27.01
C GLY C 449 -9.96 5.86 27.94
N ALA C 450 -10.65 5.06 28.76
CA ALA C 450 -11.57 5.58 29.76
C ALA C 450 -10.77 6.26 30.87
N PRO C 451 -11.01 7.57 31.11
CA PRO C 451 -10.22 8.29 32.11
C PRO C 451 -10.53 7.87 33.54
N ILE C 452 -9.51 7.89 34.40
CA ILE C 452 -9.64 7.43 35.78
C ILE C 452 -10.38 8.51 36.60
N PRO C 453 -11.42 8.12 37.36
CA PRO C 453 -12.18 9.09 38.16
C PRO C 453 -11.50 9.36 39.51
N MET C 454 -10.42 10.14 39.47
CA MET C 454 -9.68 10.57 40.66
C MET C 454 -9.31 12.04 40.51
N VAL C 455 -9.41 12.78 41.61
CA VAL C 455 -9.28 14.24 41.59
C VAL C 455 -8.30 14.69 42.67
N THR C 456 -7.22 15.35 42.25
CA THR C 456 -6.24 15.95 43.16
C THR C 456 -6.65 17.39 43.47
N LEU C 457 -6.91 17.69 44.74
CA LEU C 457 -7.34 19.03 45.16
C LEU C 457 -6.18 20.01 45.26
N GLU C 458 -6.49 21.26 45.60
CA GLU C 458 -5.48 22.29 45.90
C GLU C 458 -4.67 21.95 47.16
N ASP C 459 -5.29 21.22 48.10
CA ASP C 459 -4.63 20.74 49.32
C ASP C 459 -3.44 19.82 49.02
N GLY C 460 -3.60 18.96 48.02
CA GLY C 460 -2.66 17.85 47.76
C GLY C 460 -3.31 16.50 48.00
N THR C 461 -4.46 16.49 48.68
CA THR C 461 -5.21 15.26 48.96
C THR C 461 -5.91 14.73 47.72
N VAL C 462 -5.66 13.45 47.41
CA VAL C 462 -6.30 12.77 46.29
C VAL C 462 -7.57 12.09 46.78
N MET C 463 -8.60 12.04 45.93
CA MET C 463 -9.87 11.39 46.26
C MET C 463 -10.66 11.07 45.00
N PRO C 464 -11.65 10.15 45.09
CA PRO C 464 -12.46 9.83 43.90
C PRO C 464 -13.36 10.97 43.44
N THR C 465 -13.73 10.94 42.16
CA THR C 465 -14.59 11.97 41.56
C THR C 465 -15.99 11.90 42.18
N PRO C 466 -16.57 13.06 42.56
CA PRO C 466 -17.97 13.12 43.02
C PRO C 466 -18.98 12.53 42.03
N ASP C 467 -20.04 11.93 42.56
CA ASP C 467 -21.04 11.23 41.74
C ASP C 467 -21.77 12.14 40.75
N ASP C 468 -22.04 13.38 41.16
CA ASP C 468 -22.65 14.38 40.26
C ASP C 468 -21.75 14.76 39.07
N GLN C 469 -20.43 14.74 39.26
CA GLN C 469 -19.45 15.01 38.19
C GLN C 469 -19.17 13.80 37.28
N LEU C 470 -19.51 12.60 37.71
CA LEU C 470 -19.43 11.40 36.85
C LEU C 470 -20.57 11.42 35.82
N PRO C 471 -20.34 10.91 34.60
CA PRO C 471 -19.07 10.33 34.15
C PRO C 471 -18.07 11.38 33.66
N VAL C 472 -16.78 11.10 33.86
CA VAL C 472 -15.72 11.92 33.31
C VAL C 472 -15.59 11.58 31.83
N ILE C 473 -16.17 12.42 30.97
CA ILE C 473 -16.24 12.14 29.54
C ILE C 473 -14.92 12.48 28.85
N LEU C 474 -14.46 11.57 27.99
CA LEU C 474 -13.27 11.81 27.16
C LEU C 474 -13.70 12.59 25.92
N PRO C 475 -12.97 13.67 25.57
CA PRO C 475 -13.33 14.46 24.38
C PRO C 475 -12.89 13.78 23.09
N GLU C 476 -13.84 13.49 22.20
CA GLU C 476 -13.54 12.79 20.94
C GLU C 476 -12.89 13.70 19.89
N ASP C 477 -13.41 14.93 19.76
CA ASP C 477 -12.87 15.91 18.81
C ASP C 477 -11.58 16.54 19.38
N VAL C 478 -10.43 15.99 18.96
CA VAL C 478 -9.11 16.47 19.37
C VAL C 478 -8.08 16.35 18.26
N VAL C 479 -7.09 17.24 18.27
CA VAL C 479 -5.96 17.18 17.36
C VAL C 479 -4.91 16.26 17.98
N MET C 480 -4.23 15.46 17.16
CA MET C 480 -3.27 14.46 17.62
C MET C 480 -1.86 14.74 17.11
N ASP C 481 -1.01 15.25 18.01
CA ASP C 481 0.44 15.28 17.76
C ASP C 481 1.03 13.89 18.09
N GLY C 482 2.23 13.64 17.61
CA GLY C 482 2.90 12.35 17.81
C GLY C 482 3.36 12.05 19.23
N ILE C 483 3.70 13.11 19.97
CA ILE C 483 4.35 12.96 21.28
C ILE C 483 3.34 12.62 22.40
N THR C 484 2.56 13.62 22.83
CA THR C 484 1.73 13.52 24.05
C THR C 484 0.23 13.44 23.77
N SER C 485 -0.53 13.16 24.83
CA SER C 485 -1.99 13.17 24.80
C SER C 485 -2.55 14.59 24.69
N PRO C 486 -3.76 14.76 24.09
CA PRO C 486 -4.40 16.08 24.09
C PRO C 486 -4.86 16.56 25.47
N ILE C 487 -5.50 15.67 26.23
CA ILE C 487 -5.99 16.01 27.59
C ILE C 487 -4.88 16.30 28.61
N LYS C 488 -3.70 15.74 28.39
CA LYS C 488 -2.51 16.08 29.20
C LYS C 488 -1.91 17.42 28.79
N ALA C 489 -1.78 17.64 27.48
CA ALA C 489 -1.23 18.90 26.94
C ALA C 489 -2.14 20.10 27.19
N ASP C 490 -3.44 19.92 27.01
CA ASP C 490 -4.43 20.96 27.26
C ASP C 490 -4.73 21.06 28.77
N PRO C 491 -4.34 22.17 29.42
CA PRO C 491 -4.55 22.31 30.87
C PRO C 491 -5.99 22.71 31.27
N GLU C 492 -6.81 23.16 30.31
CA GLU C 492 -8.17 23.62 30.59
C GLU C 492 -9.13 22.48 30.94
N TRP C 493 -8.95 21.33 30.29
CA TRP C 493 -9.79 20.14 30.52
C TRP C 493 -9.64 19.58 31.93
N ALA C 494 -8.42 19.53 32.43
CA ALA C 494 -8.13 18.94 33.75
C ALA C 494 -8.75 19.70 34.93
N LYS C 495 -8.91 21.01 34.80
CA LYS C 495 -9.41 21.85 35.89
C LYS C 495 -10.90 21.63 36.19
N THR C 496 -11.24 21.66 37.48
CA THR C 496 -12.61 21.47 37.95
C THR C 496 -12.75 21.94 39.41
N THR C 497 -13.91 21.73 40.01
CA THR C 497 -14.18 22.15 41.39
C THR C 497 -14.80 21.02 42.22
N VAL C 498 -14.13 20.68 43.33
CA VAL C 498 -14.60 19.65 44.27
C VAL C 498 -14.45 20.20 45.69
N ASN C 499 -15.49 20.02 46.51
CA ASN C 499 -15.56 20.57 47.88
C ASN C 499 -15.35 22.10 47.92
N GLY C 500 -15.93 22.79 46.94
CA GLY C 500 -15.86 24.25 46.86
C GLY C 500 -14.49 24.88 46.67
N MET C 501 -13.58 24.16 46.01
CA MET C 501 -12.23 24.67 45.74
C MET C 501 -11.62 24.05 44.47
N PRO C 502 -10.59 24.70 43.88
CA PRO C 502 -9.92 24.18 42.67
C PRO C 502 -9.34 22.78 42.81
N ALA C 503 -9.29 22.05 41.70
CA ALA C 503 -8.75 20.68 41.67
C ALA C 503 -8.38 20.25 40.24
N LEU C 504 -7.62 19.16 40.15
CA LEU C 504 -7.14 18.62 38.86
C LEU C 504 -7.54 17.14 38.72
N ARG C 505 -8.17 16.80 37.58
CA ARG C 505 -8.58 15.42 37.30
C ARG C 505 -7.39 14.59 36.82
N GLU C 506 -7.49 13.27 37.01
CA GLU C 506 -6.45 12.34 36.58
C GLU C 506 -6.45 12.23 35.06
N THR C 507 -5.35 12.62 34.43
CA THR C 507 -5.21 12.58 32.98
C THR C 507 -4.92 11.18 32.42
N ASP C 508 -4.45 10.27 33.28
CA ASP C 508 -4.26 8.87 32.90
C ASP C 508 -5.61 8.17 32.67
N THR C 509 -5.58 7.15 31.80
CA THR C 509 -6.75 6.35 31.48
C THR C 509 -6.59 4.91 32.00
N PHE C 510 -7.68 4.16 31.99
CA PHE C 510 -7.69 2.77 32.40
C PHE C 510 -6.99 1.87 31.38
N ASP C 511 -6.62 0.67 31.83
CA ASP C 511 -6.14 -0.40 30.97
C ASP C 511 -7.32 -0.87 30.11
N THR C 512 -7.04 -1.31 28.89
CA THR C 512 -8.09 -1.79 27.97
C THR C 512 -8.83 -3.04 28.48
N PHE C 513 -8.16 -3.81 29.34
CA PHE C 513 -8.80 -4.96 30.00
C PHE C 513 -9.93 -4.56 30.97
N MET C 514 -9.89 -3.33 31.49
CA MET C 514 -10.95 -2.79 32.38
C MET C 514 -12.34 -2.84 31.72
N GLU C 515 -12.40 -2.53 30.43
CA GLU C 515 -13.65 -2.58 29.67
C GLU C 515 -14.07 -4.01 29.35
N SER C 516 -13.12 -4.83 28.95
CA SER C 516 -13.39 -6.23 28.58
C SER C 516 -13.50 -7.22 29.76
N SER C 517 -13.46 -6.72 30.99
CA SER C 517 -13.67 -7.55 32.19
C SER C 517 -15.14 -7.75 32.56
N TRP C 518 -16.00 -6.80 32.20
CA TRP C 518 -17.44 -6.83 32.56
C TRP C 518 -18.41 -6.62 31.37
N TYR C 519 -17.91 -6.70 30.15
CA TYR C 519 -18.75 -6.58 28.94
C TYR C 519 -19.80 -7.71 28.84
N TYR C 520 -19.42 -8.92 29.28
CA TYR C 520 -20.32 -10.09 29.31
C TYR C 520 -21.60 -9.84 30.12
N ALA C 521 -21.45 -9.15 31.25
CA ALA C 521 -22.58 -8.86 32.13
C ALA C 521 -23.48 -7.76 31.57
N ARG C 522 -22.86 -6.76 30.92
CA ARG C 522 -23.61 -5.61 30.39
C ARG C 522 -24.51 -5.94 29.18
N TYR C 523 -24.21 -7.04 28.47
CA TYR C 523 -25.08 -7.52 27.39
C TYR C 523 -26.51 -7.88 27.85
N THR C 524 -26.65 -8.27 29.12
CA THR C 524 -27.96 -8.61 29.69
C THR C 524 -28.92 -7.42 29.79
N CYS C 525 -28.36 -6.21 29.90
CA CYS C 525 -29.16 -4.99 30.05
C CYS C 525 -28.38 -3.75 29.58
N PRO C 526 -28.10 -3.67 28.26
CA PRO C 526 -27.23 -2.62 27.71
C PRO C 526 -27.87 -1.23 27.62
N GLN C 527 -29.21 -1.16 27.58
CA GLN C 527 -29.94 0.11 27.55
C GLN C 527 -30.50 0.50 28.93
N TYR C 528 -30.00 -0.14 30.00
CA TYR C 528 -30.45 0.14 31.37
C TYR C 528 -29.80 1.44 31.85
N LYS C 529 -30.62 2.45 32.13
CA LYS C 529 -30.15 3.81 32.40
C LYS C 529 -29.79 4.06 33.87
N GLU C 530 -30.47 3.38 34.80
CA GLU C 530 -30.34 3.65 36.24
C GLU C 530 -29.60 2.55 37.00
N GLY C 531 -28.43 2.15 36.48
CA GLY C 531 -27.56 1.19 37.16
C GLY C 531 -26.52 0.56 36.23
N MET C 532 -25.51 -0.07 36.83
CA MET C 532 -24.49 -0.80 36.09
C MET C 532 -25.07 -2.08 35.49
N LEU C 533 -25.79 -2.83 36.31
CA LEU C 533 -26.51 -4.03 35.88
C LEU C 533 -27.92 -4.08 36.48
N ASP C 534 -28.79 -4.84 35.82
CA ASP C 534 -30.12 -5.16 36.33
C ASP C 534 -30.05 -6.59 36.86
N SER C 535 -30.31 -6.76 38.16
CA SER C 535 -30.15 -8.07 38.81
C SER C 535 -31.15 -9.13 38.35
N GLU C 536 -32.37 -8.71 38.00
CA GLU C 536 -33.36 -9.61 37.38
C GLU C 536 -32.87 -10.13 36.02
N ALA C 537 -32.39 -9.21 35.18
CA ALA C 537 -31.87 -9.55 33.85
C ALA C 537 -30.55 -10.31 33.90
N ALA C 538 -29.65 -9.88 34.78
CA ALA C 538 -28.31 -10.48 34.89
C ALA C 538 -28.34 -11.93 35.37
N ASN C 539 -29.06 -12.17 36.46
CA ASN C 539 -29.15 -13.52 37.07
C ASN C 539 -29.86 -14.55 36.18
N TYR C 540 -30.75 -14.09 35.31
CA TYR C 540 -31.40 -14.96 34.32
C TYR C 540 -30.39 -15.54 33.34
N TRP C 541 -29.62 -14.66 32.69
CA TRP C 541 -28.64 -15.08 31.69
C TRP C 541 -27.39 -15.71 32.30
N LEU C 542 -26.84 -15.07 33.32
CA LEU C 542 -25.61 -15.55 33.96
C LEU C 542 -25.87 -16.79 34.84
N PRO C 543 -24.88 -17.68 34.99
CA PRO C 543 -23.55 -17.59 34.35
C PRO C 543 -23.57 -18.02 32.88
N VAL C 544 -22.47 -17.78 32.19
CA VAL C 544 -22.35 -18.08 30.76
C VAL C 544 -22.15 -19.59 30.58
N ASP C 545 -23.01 -20.21 29.76
CA ASP C 545 -23.01 -21.66 29.58
C ASP C 545 -21.83 -22.15 28.75
N ILE C 546 -21.38 -21.34 27.79
CA ILE C 546 -20.13 -21.61 27.05
C ILE C 546 -19.51 -20.30 26.54
N TYR C 547 -18.18 -20.23 26.64
CA TYR C 547 -17.42 -19.01 26.35
C TYR C 547 -16.35 -19.32 25.31
N ILE C 548 -16.54 -18.82 24.08
CA ILE C 548 -15.66 -19.12 22.95
C ILE C 548 -14.62 -18.01 22.80
N GLY C 549 -13.34 -18.38 22.84
CA GLY C 549 -12.24 -17.42 22.69
C GLY C 549 -10.96 -18.08 22.21
N GLY C 550 -9.90 -17.29 22.09
CA GLY C 550 -8.59 -17.79 21.67
C GLY C 550 -7.76 -18.30 22.85
N ILE C 551 -6.78 -19.15 22.53
CA ILE C 551 -5.82 -19.65 23.53
C ILE C 551 -4.94 -18.53 24.10
N GLU C 552 -4.75 -17.44 23.33
CA GLU C 552 -4.02 -16.25 23.80
C GLU C 552 -4.57 -15.62 25.08
N HIS C 553 -5.90 -15.71 25.27
CA HIS C 553 -6.58 -15.16 26.45
C HIS C 553 -6.76 -16.17 27.60
N ALA C 554 -5.99 -17.26 27.60
CA ALA C 554 -6.04 -18.26 28.66
C ALA C 554 -5.65 -17.68 30.02
N ILE C 555 -4.54 -16.94 30.04
CA ILE C 555 -3.96 -16.42 31.28
C ILE C 555 -4.54 -15.04 31.64
N MET C 556 -4.16 -14.02 30.89
CA MET C 556 -4.38 -12.62 31.30
C MET C 556 -5.85 -12.20 31.39
N HIS C 557 -6.56 -12.25 30.27
CA HIS C 557 -7.95 -11.79 30.21
C HIS C 557 -8.88 -12.61 31.11
N LEU C 558 -8.80 -13.94 31.01
CA LEU C 558 -9.69 -14.83 31.77
C LEU C 558 -9.50 -14.74 33.30
N LEU C 559 -8.31 -14.34 33.74
CA LEU C 559 -8.05 -14.10 35.16
C LEU C 559 -8.76 -12.83 35.64
N TYR C 560 -8.70 -11.76 34.85
CA TYR C 560 -9.46 -10.53 35.11
C TYR C 560 -10.96 -10.77 34.98
N PHE C 561 -11.35 -11.54 33.96
CA PHE C 561 -12.74 -11.93 33.69
C PHE C 561 -13.42 -12.55 34.91
N ARG C 562 -12.74 -13.53 35.51
CA ARG C 562 -13.22 -14.18 36.74
C ARG C 562 -13.15 -13.25 37.95
N PHE C 563 -12.03 -12.53 38.07
CA PHE C 563 -11.82 -11.57 39.16
C PHE C 563 -12.94 -10.53 39.26
N PHE C 564 -13.34 -9.98 38.11
CA PHE C 564 -14.35 -8.92 38.07
C PHE C 564 -15.75 -9.45 38.40
N HIS C 565 -16.06 -10.67 37.98
CA HIS C 565 -17.32 -11.33 38.36
C HIS C 565 -17.47 -11.41 39.87
N LYS C 566 -16.40 -11.81 40.55
CA LYS C 566 -16.39 -11.96 42.00
C LYS C 566 -16.53 -10.61 42.74
N LEU C 567 -15.96 -9.55 42.17
CA LEU C 567 -16.17 -8.19 42.69
C LEU C 567 -17.64 -7.78 42.57
N MET C 568 -18.21 -7.99 41.38
CA MET C 568 -19.64 -7.72 41.12
C MET C 568 -20.57 -8.60 41.94
N ARG C 569 -20.15 -9.83 42.21
CA ARG C 569 -20.89 -10.77 43.06
C ARG C 569 -20.99 -10.27 44.50
N ASP C 570 -19.87 -9.80 45.04
CA ASP C 570 -19.81 -9.32 46.44
C ASP C 570 -20.64 -8.06 46.69
N ALA C 571 -20.76 -7.20 45.68
CA ALA C 571 -21.64 -6.03 45.75
C ALA C 571 -23.13 -6.39 45.73
N GLY C 572 -23.46 -7.57 45.20
CA GLY C 572 -24.84 -8.08 45.15
C GLY C 572 -25.53 -7.90 43.80
N MET C 573 -24.74 -7.81 42.73
CA MET C 573 -25.26 -7.62 41.37
C MET C 573 -25.44 -8.92 40.61
N VAL C 574 -24.56 -9.90 40.85
CA VAL C 574 -24.65 -11.23 40.24
C VAL C 574 -24.72 -12.32 41.31
N ASN C 575 -25.44 -13.40 41.00
CA ASN C 575 -25.74 -14.47 41.96
C ASN C 575 -24.64 -15.54 41.98
N SER C 576 -24.14 -15.92 40.81
CA SER C 576 -23.16 -17.02 40.68
C SER C 576 -21.77 -16.65 41.20
N ASP C 577 -20.98 -17.69 41.48
CA ASP C 577 -19.60 -17.54 41.97
C ASP C 577 -18.59 -17.38 40.84
N GLU C 578 -18.79 -18.13 39.75
CA GLU C 578 -17.96 -18.02 38.55
C GLU C 578 -18.79 -17.46 37.38
N PRO C 579 -18.15 -16.72 36.46
CA PRO C 579 -18.88 -16.15 35.33
C PRO C 579 -19.23 -17.17 34.22
N ALA C 580 -18.30 -18.08 33.90
CA ALA C 580 -18.46 -19.01 32.78
C ALA C 580 -18.43 -20.47 33.26
N LYS C 581 -19.42 -21.24 32.83
CA LYS C 581 -19.49 -22.67 33.15
C LYS C 581 -18.46 -23.46 32.35
N GLN C 582 -18.54 -23.35 31.02
CA GLN C 582 -17.65 -24.06 30.09
C GLN C 582 -16.79 -23.06 29.31
N LEU C 583 -15.60 -23.50 28.92
CA LEU C 583 -14.65 -22.70 28.14
C LEU C 583 -14.15 -23.49 26.94
N LEU C 584 -14.20 -22.87 25.76
CA LEU C 584 -13.67 -23.44 24.53
C LEU C 584 -12.61 -22.50 23.95
N CYS C 585 -11.36 -22.72 24.33
CA CYS C 585 -10.25 -21.92 23.83
C CYS C 585 -9.73 -22.51 22.51
N GLN C 586 -10.14 -21.89 21.40
CA GLN C 586 -9.71 -22.33 20.06
C GLN C 586 -8.24 -22.01 19.80
N GLY C 587 -7.65 -22.76 18.87
CA GLY C 587 -6.26 -22.56 18.47
C GLY C 587 -6.12 -21.34 17.56
N MET C 588 -4.93 -20.76 17.56
CA MET C 588 -4.63 -19.60 16.72
C MET C 588 -4.55 -19.99 15.24
N VAL C 589 -5.03 -19.09 14.39
CA VAL C 589 -4.88 -19.19 12.94
C VAL C 589 -3.61 -18.42 12.59
N LEU C 590 -2.58 -19.15 12.15
CA LEU C 590 -1.26 -18.56 11.89
C LEU C 590 -1.08 -18.16 10.43
N ALA C 591 -0.09 -17.29 10.20
CA ALA C 591 0.30 -16.85 8.86
C ALA C 591 1.70 -16.24 8.89
N ASP C 592 2.30 -16.08 7.71
CA ASP C 592 3.64 -15.48 7.59
C ASP C 592 3.59 -13.98 7.90
N ALA C 593 4.71 -13.46 8.41
CA ALA C 593 4.83 -12.05 8.80
C ALA C 593 6.16 -11.47 8.33
N PHE C 594 6.09 -10.49 7.44
CA PHE C 594 7.27 -9.83 6.86
C PHE C 594 7.32 -8.37 7.30
N TYR C 595 8.53 -7.79 7.26
CA TYR C 595 8.72 -6.35 7.48
C TYR C 595 10.03 -5.87 6.86
N TYR C 596 10.16 -4.56 6.69
CA TYR C 596 11.40 -3.94 6.22
C TYR C 596 11.76 -2.70 7.05
N VAL C 597 13.05 -2.38 7.07
CA VAL C 597 13.56 -1.24 7.83
C VAL C 597 13.29 0.03 7.03
N GLY C 598 12.63 1.01 7.65
CA GLY C 598 12.27 2.27 6.99
C GLY C 598 13.44 3.23 6.84
N GLU C 599 13.12 4.46 6.45
CA GLU C 599 14.12 5.52 6.25
C GLU C 599 14.74 5.98 7.57
N ASN C 600 13.90 6.14 8.60
CA ASN C 600 14.35 6.53 9.94
C ASN C 600 14.36 5.37 10.97
N GLY C 601 14.46 4.14 10.47
CA GLY C 601 14.55 2.95 11.33
C GLY C 601 13.24 2.55 11.99
N GLU C 602 12.19 2.44 11.18
CA GLU C 602 10.87 1.99 11.63
C GLU C 602 10.46 0.70 10.92
N ARG C 603 9.93 -0.27 11.68
CA ARG C 603 9.50 -1.55 11.13
C ARG C 603 8.16 -1.41 10.39
N ASN C 604 8.24 -1.28 9.07
CA ASN C 604 7.06 -1.24 8.21
C ASN C 604 6.69 -2.67 7.81
N TRP C 605 5.61 -3.19 8.39
CA TRP C 605 5.19 -4.58 8.16
C TRP C 605 4.45 -4.71 6.82
N VAL C 606 4.64 -5.86 6.17
CA VAL C 606 4.07 -6.13 4.83
C VAL C 606 3.31 -7.45 4.85
N SER C 607 2.21 -7.49 4.10
CA SER C 607 1.32 -8.67 4.05
C SER C 607 1.93 -9.79 3.19
N PRO C 608 1.57 -11.07 3.47
CA PRO C 608 1.95 -12.17 2.57
C PRO C 608 1.39 -12.09 1.15
N VAL C 609 0.21 -11.46 1.00
CA VAL C 609 -0.42 -11.28 -0.31
C VAL C 609 0.39 -10.32 -1.18
N ASP C 610 0.85 -9.22 -0.56
CA ASP C 610 1.67 -8.21 -1.26
C ASP C 610 3.11 -8.69 -1.47
N ALA C 611 3.68 -9.36 -0.47
CA ALA C 611 5.09 -9.78 -0.49
C ALA C 611 5.36 -10.94 -1.46
N ILE C 612 6.37 -10.76 -2.31
CA ILE C 612 6.84 -11.82 -3.22
C ILE C 612 7.98 -12.56 -2.52
N VAL C 613 8.04 -13.88 -2.73
CA VAL C 613 9.02 -14.76 -2.07
C VAL C 613 9.72 -15.68 -3.06
N GLU C 614 10.82 -16.28 -2.60
CA GLU C 614 11.58 -17.27 -3.39
C GLU C 614 12.15 -18.34 -2.46
N ARG C 615 11.50 -19.51 -2.46
CA ARG C 615 11.80 -20.59 -1.52
C ARG C 615 12.93 -21.50 -2.00
N ASP C 616 13.41 -22.34 -1.09
CA ASP C 616 14.36 -23.41 -1.41
C ASP C 616 13.57 -24.70 -1.65
N GLU C 617 14.25 -25.73 -2.15
CA GLU C 617 13.62 -27.03 -2.43
C GLU C 617 13.08 -27.75 -1.20
N LYS C 618 13.74 -27.57 -0.05
CA LYS C 618 13.32 -28.19 1.21
C LYS C 618 12.01 -27.60 1.75
N GLY C 619 11.95 -26.26 1.83
CA GLY C 619 10.77 -25.58 2.35
C GLY C 619 11.01 -24.14 2.80
N ARG C 620 12.13 -23.90 3.47
CA ARG C 620 12.44 -22.57 4.05
C ARG C 620 12.60 -21.48 2.98
N ILE C 621 12.21 -20.26 3.34
CA ILE C 621 12.27 -19.10 2.45
C ILE C 621 13.70 -18.53 2.50
N VAL C 622 14.32 -18.40 1.32
CA VAL C 622 15.69 -17.90 1.20
C VAL C 622 15.69 -16.38 1.28
N LYS C 623 14.95 -15.75 0.38
CA LYS C 623 14.84 -14.29 0.31
C LYS C 623 13.46 -13.86 -0.20
N ALA C 624 13.07 -12.62 0.14
CA ALA C 624 11.76 -12.08 -0.22
C ALA C 624 11.85 -10.60 -0.59
N LYS C 625 10.77 -10.09 -1.17
CA LYS C 625 10.70 -8.69 -1.61
C LYS C 625 9.25 -8.24 -1.83
N ASP C 626 8.92 -7.03 -1.39
CA ASP C 626 7.58 -6.47 -1.59
C ASP C 626 7.42 -5.92 -3.02
N ALA C 627 6.19 -5.58 -3.38
CA ALA C 627 5.87 -5.08 -4.73
C ALA C 627 6.51 -3.73 -5.06
N ALA C 628 6.75 -2.89 -4.04
CA ALA C 628 7.36 -1.58 -4.23
C ALA C 628 8.85 -1.68 -4.59
N GLY C 629 9.61 -2.41 -3.77
CA GLY C 629 11.04 -2.65 -3.99
C GLY C 629 11.87 -2.47 -2.74
N HIS C 630 11.66 -3.35 -1.76
CA HIS C 630 12.42 -3.35 -0.49
C HIS C 630 12.90 -4.76 -0.17
N GLU C 631 13.94 -4.84 0.66
CA GLU C 631 14.44 -6.11 1.18
C GLU C 631 13.65 -6.46 2.45
N LEU C 632 12.85 -7.52 2.37
CA LEU C 632 12.01 -7.94 3.51
C LEU C 632 12.75 -8.88 4.46
N VAL C 633 12.27 -8.93 5.70
CA VAL C 633 12.82 -9.80 6.75
C VAL C 633 11.71 -10.73 7.24
N TYR C 634 11.81 -12.01 6.88
CA TYR C 634 10.83 -13.02 7.29
C TYR C 634 11.05 -13.43 8.75
N THR C 635 10.10 -13.06 9.62
CA THR C 635 10.18 -13.39 11.05
C THR C 635 9.82 -14.85 11.29
N GLY C 636 8.62 -15.23 10.85
CA GLY C 636 8.12 -16.60 11.00
C GLY C 636 6.60 -16.70 10.97
N MET C 637 6.10 -17.93 11.08
CA MET C 637 4.66 -18.19 11.19
C MET C 637 4.15 -17.67 12.53
N SER C 638 3.32 -16.62 12.49
CA SER C 638 2.76 -16.00 13.69
C SER C 638 1.25 -15.76 13.53
N LYS C 639 0.59 -15.42 14.65
CA LYS C 639 -0.86 -15.21 14.66
C LYS C 639 -1.28 -14.06 13.73
N MET C 640 -2.40 -14.25 13.04
CA MET C 640 -3.02 -13.18 12.24
C MET C 640 -3.43 -12.02 13.13
N SER C 641 -2.91 -10.83 12.82
CA SER C 641 -3.21 -9.62 13.56
C SER C 641 -2.88 -8.35 12.77
N LYS C 642 -3.57 -7.26 13.10
CA LYS C 642 -3.30 -5.95 12.51
C LYS C 642 -1.93 -5.35 12.89
N SER C 643 -1.34 -5.82 14.00
CA SER C 643 -0.05 -5.32 14.47
C SER C 643 1.09 -5.78 13.55
N LYS C 644 1.17 -7.08 13.32
CA LYS C 644 2.14 -7.66 12.38
C LYS C 644 1.69 -7.56 10.91
N ASN C 645 0.41 -7.20 10.70
CA ASN C 645 -0.14 -6.92 9.37
C ASN C 645 -0.09 -8.16 8.48
N ASN C 646 -0.76 -9.21 8.94
CA ASN C 646 -0.84 -10.49 8.23
C ASN C 646 -2.25 -11.08 8.27
N GLY C 647 -3.26 -10.21 8.30
CA GLY C 647 -4.66 -10.62 8.36
C GLY C 647 -5.21 -10.87 6.97
N ILE C 648 -5.45 -12.14 6.65
CA ILE C 648 -6.03 -12.53 5.35
C ILE C 648 -7.54 -12.25 5.43
N ASP C 649 -8.01 -11.31 4.61
CA ASP C 649 -9.39 -10.84 4.66
C ASP C 649 -10.34 -11.89 4.04
N PRO C 650 -11.39 -12.29 4.78
CA PRO C 650 -12.36 -13.25 4.22
C PRO C 650 -13.22 -12.71 3.06
N GLN C 651 -13.39 -11.39 2.98
CA GLN C 651 -14.24 -10.73 1.97
C GLN C 651 -13.96 -11.17 0.52
N VAL C 652 -12.71 -11.51 0.21
CA VAL C 652 -12.33 -11.99 -1.12
C VAL C 652 -12.97 -13.35 -1.43
N MET C 653 -12.90 -14.27 -0.47
CA MET C 653 -13.50 -15.60 -0.61
C MET C 653 -15.01 -15.60 -0.50
N VAL C 654 -15.56 -14.70 0.32
CA VAL C 654 -17.01 -14.57 0.49
C VAL C 654 -17.67 -14.10 -0.82
N GLU C 655 -17.03 -13.17 -1.52
CA GLU C 655 -17.47 -12.73 -2.84
C GLU C 655 -17.39 -13.85 -3.89
N ARG C 656 -16.32 -14.64 -3.84
CA ARG C 656 -16.12 -15.73 -4.80
C ARG C 656 -17.02 -16.93 -4.50
N TYR C 657 -16.80 -17.57 -3.36
CA TYR C 657 -17.47 -18.84 -3.03
C TYR C 657 -18.79 -18.67 -2.28
N GLY C 658 -18.80 -17.78 -1.29
CA GLY C 658 -19.99 -17.53 -0.45
C GLY C 658 -19.69 -17.77 1.02
N ALA C 659 -20.39 -17.04 1.89
CA ALA C 659 -20.24 -17.14 3.35
C ALA C 659 -20.32 -18.57 3.91
N ASP C 660 -21.32 -19.32 3.44
CA ASP C 660 -21.50 -20.72 3.85
C ASP C 660 -20.30 -21.60 3.49
N THR C 661 -19.77 -21.41 2.28
CA THR C 661 -18.61 -22.17 1.79
C THR C 661 -17.34 -21.88 2.61
N VAL C 662 -17.16 -20.64 3.04
CA VAL C 662 -16.03 -20.26 3.89
C VAL C 662 -16.25 -20.75 5.33
N ARG C 663 -17.47 -20.59 5.84
CA ARG C 663 -17.84 -21.06 7.18
C ARG C 663 -17.73 -22.59 7.35
N LEU C 664 -18.13 -23.32 6.31
CA LEU C 664 -18.01 -24.79 6.30
C LEU C 664 -16.53 -25.23 6.30
N PHE C 665 -15.71 -24.53 5.51
CA PHE C 665 -14.28 -24.85 5.40
C PHE C 665 -13.51 -24.63 6.70
N MET C 666 -13.77 -23.51 7.38
CA MET C 666 -13.10 -23.18 8.64
C MET C 666 -13.30 -24.23 9.74
N MET C 667 -14.52 -24.78 9.82
CA MET C 667 -14.82 -25.84 10.80
C MET C 667 -14.32 -27.21 10.33
N PHE C 668 -14.38 -27.47 9.02
CA PHE C 668 -13.97 -28.74 8.43
C PHE C 668 -12.45 -28.94 8.38
N ALA C 669 -11.69 -27.84 8.27
CA ALA C 669 -10.23 -27.91 8.10
C ALA C 669 -9.49 -28.54 9.28
N SER C 670 -9.87 -28.18 10.50
CA SER C 670 -9.20 -28.63 11.72
C SER C 670 -10.15 -28.54 12.94
N PRO C 671 -9.89 -29.33 14.01
CA PRO C 671 -10.65 -29.12 15.25
C PRO C 671 -10.39 -27.76 15.89
N ALA C 672 -11.39 -27.25 16.61
CA ALA C 672 -11.34 -25.90 17.18
C ALA C 672 -10.11 -25.62 18.04
N ASP C 673 -9.85 -26.50 19.00
CA ASP C 673 -8.78 -26.31 20.00
C ASP C 673 -7.36 -26.29 19.43
N MET C 674 -7.09 -27.12 18.42
CA MET C 674 -5.76 -27.19 17.80
C MET C 674 -5.51 -26.00 16.87
N THR C 675 -4.23 -25.65 16.72
CA THR C 675 -3.81 -24.50 15.90
C THR C 675 -3.91 -24.83 14.41
N LEU C 676 -3.75 -23.80 13.58
CA LEU C 676 -3.91 -23.94 12.12
C LEU C 676 -3.06 -22.93 11.35
N GLU C 677 -2.11 -23.43 10.55
CA GLU C 677 -1.43 -22.61 9.55
C GLU C 677 -2.41 -22.38 8.41
N TRP C 678 -2.71 -21.11 8.11
CA TRP C 678 -3.75 -20.79 7.13
C TRP C 678 -3.38 -21.26 5.72
N GLN C 679 -4.38 -21.83 5.04
CA GLN C 679 -4.21 -22.38 3.69
C GLN C 679 -5.56 -22.32 2.98
N GLU C 680 -5.64 -21.54 1.90
CA GLU C 680 -6.88 -21.42 1.12
C GLU C 680 -7.22 -22.72 0.38
N SER C 681 -6.20 -23.51 0.02
CA SER C 681 -6.40 -24.82 -0.60
C SER C 681 -7.17 -25.76 0.33
N GLY C 682 -8.32 -26.23 -0.14
CA GLY C 682 -9.27 -26.99 0.69
C GLY C 682 -10.69 -26.44 0.61
N VAL C 683 -10.82 -25.14 0.32
CA VAL C 683 -12.14 -24.48 0.19
C VAL C 683 -13.05 -25.11 -0.88
N GLU C 684 -12.45 -25.64 -1.95
CA GLU C 684 -13.19 -26.25 -3.05
C GLU C 684 -13.99 -27.49 -2.59
N GLY C 685 -13.48 -28.21 -1.60
CA GLY C 685 -14.21 -29.34 -1.00
C GLY C 685 -15.50 -28.93 -0.32
N ALA C 686 -15.47 -27.81 0.40
CA ALA C 686 -16.68 -27.24 0.98
C ALA C 686 -17.66 -26.76 -0.09
N ASN C 687 -17.12 -26.18 -1.17
CA ASN C 687 -17.93 -25.69 -2.29
C ASN C 687 -18.60 -26.83 -3.05
N ARG C 688 -17.82 -27.85 -3.40
CA ARG C 688 -18.34 -29.03 -4.13
C ARG C 688 -19.38 -29.82 -3.35
N PHE C 689 -19.21 -29.90 -2.02
CA PHE C 689 -20.19 -30.56 -1.15
C PHE C 689 -21.53 -29.84 -1.14
N LEU C 690 -21.49 -28.51 -0.99
CA LEU C 690 -22.71 -27.70 -0.95
C LEU C 690 -23.47 -27.67 -2.29
N LYS C 691 -22.75 -27.87 -3.40
CA LYS C 691 -23.38 -28.07 -4.71
C LYS C 691 -24.17 -29.37 -4.77
N ARG C 692 -23.57 -30.46 -4.28
CA ARG C 692 -24.23 -31.78 -4.25
C ARG C 692 -25.49 -31.83 -3.38
N VAL C 693 -25.49 -31.07 -2.28
CA VAL C 693 -26.65 -30.98 -1.39
C VAL C 693 -27.79 -30.22 -2.10
N TRP C 694 -27.46 -29.10 -2.73
CA TRP C 694 -28.40 -28.34 -3.55
C TRP C 694 -28.88 -29.15 -4.76
N LYS C 695 -27.99 -29.94 -5.35
CA LYS C 695 -28.31 -30.80 -6.49
C LYS C 695 -29.26 -31.95 -6.12
N LEU C 696 -28.97 -32.63 -5.01
CA LEU C 696 -29.77 -33.76 -4.55
C LEU C 696 -31.19 -33.36 -4.14
N VAL C 697 -31.33 -32.19 -3.52
CA VAL C 697 -32.63 -31.63 -3.16
C VAL C 697 -33.38 -31.15 -4.41
N TYR C 698 -32.66 -30.58 -5.37
CA TYR C 698 -33.24 -30.17 -6.65
C TYR C 698 -33.77 -31.35 -7.46
N GLU C 699 -33.02 -32.46 -7.47
CA GLU C 699 -33.47 -33.73 -8.08
C GLU C 699 -34.68 -34.32 -7.34
N HIS C 700 -34.66 -34.24 -6.01
CA HIS C 700 -35.72 -34.78 -5.16
C HIS C 700 -37.03 -34.00 -5.30
N THR C 701 -36.95 -32.68 -5.17
CA THR C 701 -38.14 -31.81 -5.22
C THR C 701 -38.72 -31.65 -6.62
N ALA C 702 -37.92 -31.93 -7.65
CA ALA C 702 -38.40 -31.94 -9.05
C ALA C 702 -39.42 -33.04 -9.31
N LYS C 703 -39.34 -34.15 -8.56
CA LYS C 703 -40.25 -35.29 -8.69
C LYS C 703 -41.49 -35.19 -7.78
N GLY C 704 -41.92 -33.98 -7.45
CA GLY C 704 -43.18 -33.76 -6.75
C GLY C 704 -43.15 -34.10 -5.27
N ASP C 705 -44.34 -34.37 -4.72
CA ASP C 705 -44.50 -34.66 -3.29
C ASP C 705 -44.13 -36.12 -3.00
N VAL C 706 -44.17 -36.50 -1.72
CA VAL C 706 -43.82 -37.87 -1.29
C VAL C 706 -44.89 -38.48 -0.39
N ALA C 707 -45.00 -39.81 -0.44
CA ALA C 707 -45.95 -40.55 0.40
C ALA C 707 -45.44 -40.67 1.84
N ALA C 708 -46.32 -41.10 2.74
CA ALA C 708 -45.97 -41.29 4.14
C ALA C 708 -45.05 -42.52 4.29
N LEU C 709 -43.92 -42.33 4.97
CA LEU C 709 -42.92 -43.39 5.12
C LEU C 709 -43.42 -44.47 6.09
N ASN C 710 -43.70 -45.66 5.55
CA ASN C 710 -44.09 -46.81 6.38
C ASN C 710 -42.81 -47.38 7.00
N VAL C 711 -42.81 -47.47 8.33
CA VAL C 711 -41.61 -47.81 9.10
C VAL C 711 -41.30 -49.30 8.98
N ASP C 712 -42.28 -50.13 9.33
CA ASP C 712 -42.13 -51.59 9.33
C ASP C 712 -42.63 -52.24 8.03
N ALA C 713 -42.14 -51.73 6.90
CA ALA C 713 -42.48 -52.24 5.58
C ALA C 713 -41.43 -51.79 4.56
N LEU C 714 -40.18 -52.15 4.85
CA LEU C 714 -39.01 -51.71 4.09
C LEU C 714 -38.08 -52.87 3.77
N THR C 715 -37.26 -52.69 2.74
CA THR C 715 -36.21 -53.65 2.38
C THR C 715 -35.05 -53.52 3.35
N GLU C 716 -34.27 -54.59 3.51
CA GLU C 716 -33.09 -54.57 4.39
C GLU C 716 -31.98 -53.62 3.90
N ASN C 717 -31.92 -53.37 2.59
CA ASN C 717 -31.02 -52.35 2.03
C ASN C 717 -31.51 -50.93 2.37
N GLN C 718 -32.83 -50.72 2.34
CA GLN C 718 -33.45 -49.45 2.74
C GLN C 718 -33.36 -49.21 4.26
N LYS C 719 -33.58 -50.27 5.03
CA LYS C 719 -33.45 -50.23 6.49
C LYS C 719 -32.03 -49.84 6.92
N ALA C 720 -31.03 -50.40 6.22
CA ALA C 720 -29.62 -50.10 6.49
C ALA C 720 -29.25 -48.65 6.13
N LEU C 721 -29.89 -48.10 5.09
CA LEU C 721 -29.76 -46.68 4.76
C LEU C 721 -30.41 -45.81 5.84
N ARG C 722 -31.58 -46.23 6.33
CA ARG C 722 -32.27 -45.54 7.42
C ARG C 722 -31.50 -45.64 8.74
N ARG C 723 -30.79 -46.75 8.95
CA ARG C 723 -29.89 -46.89 10.10
C ARG C 723 -28.74 -45.87 10.05
N ASP C 724 -28.11 -45.74 8.88
CA ASP C 724 -26.99 -44.81 8.69
C ASP C 724 -27.34 -43.34 8.86
N VAL C 725 -28.59 -42.97 8.54
CA VAL C 725 -29.08 -41.61 8.77
C VAL C 725 -29.13 -41.31 10.28
N HIS C 726 -29.73 -42.23 11.03
CA HIS C 726 -29.90 -42.05 12.48
C HIS C 726 -28.61 -42.17 13.29
N LYS C 727 -27.65 -42.96 12.80
CA LYS C 727 -26.29 -42.97 13.37
C LYS C 727 -25.58 -41.64 13.16
N THR C 728 -25.77 -41.03 11.99
CA THR C 728 -25.23 -39.69 11.70
C THR C 728 -25.91 -38.62 12.58
N ILE C 729 -27.22 -38.75 12.78
CA ILE C 729 -27.95 -37.87 13.70
C ILE C 729 -27.42 -38.01 15.14
N ALA C 730 -27.16 -39.25 15.56
CA ALA C 730 -26.57 -39.51 16.88
C ALA C 730 -25.15 -38.98 17.01
N LYS C 731 -24.33 -39.21 15.98
CA LYS C 731 -22.93 -38.76 15.98
C LYS C 731 -22.81 -37.23 15.93
N VAL C 732 -23.57 -36.59 15.06
CA VAL C 732 -23.52 -35.11 14.90
C VAL C 732 -24.06 -34.38 16.13
N THR C 733 -25.10 -34.94 16.78
CA THR C 733 -25.61 -34.41 18.05
C THR C 733 -24.56 -34.54 19.17
N ASP C 734 -23.81 -35.64 19.17
CA ASP C 734 -22.75 -35.87 20.15
C ASP C 734 -21.52 -35.00 19.89
N ASP C 735 -21.07 -34.97 18.62
CA ASP C 735 -19.87 -34.22 18.23
C ASP C 735 -19.99 -32.70 18.39
N ILE C 736 -21.20 -32.16 18.18
CA ILE C 736 -21.47 -30.73 18.40
C ILE C 736 -21.73 -30.46 19.89
N GLY C 737 -22.69 -31.19 20.46
CA GLY C 737 -23.15 -30.95 21.82
C GLY C 737 -22.14 -31.21 22.92
N ARG C 738 -21.48 -32.36 22.86
CA ARG C 738 -20.55 -32.82 23.92
C ARG C 738 -19.09 -32.50 23.59
N ARG C 739 -18.61 -33.00 22.45
CA ARG C 739 -17.19 -32.94 22.08
C ARG C 739 -16.73 -31.57 21.56
N GLN C 740 -17.59 -30.91 20.77
CA GLN C 740 -17.23 -29.74 19.96
C GLN C 740 -16.09 -30.05 18.96
N THR C 741 -16.15 -31.24 18.37
CA THR C 741 -15.25 -31.67 17.29
C THR C 741 -16.02 -31.59 15.98
N PHE C 742 -15.98 -30.42 15.34
CA PHE C 742 -16.83 -30.11 14.19
C PHE C 742 -16.39 -30.78 12.90
N ASN C 743 -15.07 -30.89 12.70
CA ASN C 743 -14.49 -31.58 11.53
C ASN C 743 -14.98 -33.03 11.37
N THR C 744 -15.13 -33.74 12.50
CA THR C 744 -15.69 -35.11 12.49
C THR C 744 -17.20 -35.12 12.25
N ALA C 745 -17.90 -34.12 12.79
CA ALA C 745 -19.35 -33.96 12.59
C ALA C 745 -19.70 -33.67 11.14
N ILE C 746 -18.93 -32.78 10.51
CA ILE C 746 -19.12 -32.41 9.11
C ILE C 746 -18.78 -33.59 8.19
N ALA C 747 -17.67 -34.27 8.47
CA ALA C 747 -17.25 -35.47 7.73
C ALA C 747 -18.26 -36.62 7.83
N ALA C 748 -18.93 -36.74 8.97
CA ALA C 748 -19.98 -37.75 9.17
C ALA C 748 -21.20 -37.51 8.27
N ILE C 749 -21.50 -36.23 7.99
CA ILE C 749 -22.58 -35.87 7.07
C ILE C 749 -22.15 -36.10 5.62
N MET C 750 -20.88 -35.81 5.30
CA MET C 750 -20.31 -36.09 3.97
C MET C 750 -20.33 -37.58 3.62
N GLU C 751 -20.13 -38.45 4.62
CA GLU C 751 -20.29 -39.90 4.45
C GLU C 751 -21.72 -40.27 4.08
N LEU C 752 -22.70 -39.65 4.74
CA LEU C 752 -24.12 -39.90 4.48
C LEU C 752 -24.57 -39.40 3.11
N MET C 753 -24.08 -38.23 2.70
CA MET C 753 -24.41 -37.66 1.38
C MET C 753 -23.84 -38.47 0.20
N ASN C 754 -22.74 -39.17 0.41
CA ASN C 754 -22.21 -40.11 -0.59
C ASN C 754 -23.11 -41.35 -0.74
N LYS C 755 -23.68 -41.80 0.38
CA LYS C 755 -24.62 -42.92 0.37
C LYS C 755 -25.99 -42.54 -0.21
N LEU C 756 -26.51 -41.38 0.19
CA LEU C 756 -27.81 -40.88 -0.30
C LEU C 756 -27.82 -40.56 -1.80
N ALA C 757 -26.67 -40.17 -2.34
CA ALA C 757 -26.53 -39.92 -3.78
C ALA C 757 -26.70 -41.21 -4.60
N LYS C 758 -26.05 -42.28 -4.16
CA LYS C 758 -26.11 -43.57 -4.84
C LYS C 758 -27.41 -44.36 -4.58
N ALA C 759 -28.22 -43.93 -3.60
CA ALA C 759 -29.51 -44.58 -3.32
C ALA C 759 -30.51 -44.40 -4.46
N PRO C 760 -31.39 -45.40 -4.68
CA PRO C 760 -32.30 -45.35 -5.83
C PRO C 760 -33.54 -44.47 -5.58
N THR C 761 -33.55 -43.28 -6.18
CA THR C 761 -34.68 -42.34 -6.08
C THR C 761 -35.71 -42.67 -7.17
N ASP C 762 -36.46 -43.76 -6.95
CA ASP C 762 -37.41 -44.28 -7.94
C ASP C 762 -38.78 -44.58 -7.32
N GLY C 763 -38.82 -45.53 -6.38
CA GLY C 763 -40.07 -45.93 -5.73
C GLY C 763 -40.55 -44.92 -4.71
N GLU C 764 -41.82 -45.05 -4.31
CA GLU C 764 -42.44 -44.12 -3.36
C GLU C 764 -41.85 -44.25 -1.94
N GLN C 765 -41.58 -45.47 -1.51
CA GLN C 765 -40.94 -45.71 -0.21
C GLN C 765 -39.48 -45.25 -0.14
N ASP C 766 -38.80 -45.26 -1.29
CA ASP C 766 -37.43 -44.73 -1.39
C ASP C 766 -37.41 -43.19 -1.25
N ARG C 767 -38.31 -42.53 -1.98
CA ARG C 767 -38.44 -41.07 -1.90
C ARG C 767 -39.01 -40.61 -0.54
N ALA C 768 -39.85 -41.43 0.06
CA ALA C 768 -40.34 -41.19 1.43
C ALA C 768 -39.19 -41.25 2.45
N LEU C 769 -38.26 -42.18 2.25
CA LEU C 769 -37.04 -42.26 3.06
C LEU C 769 -36.07 -41.11 2.76
N MET C 770 -35.97 -40.74 1.48
CA MET C 770 -35.12 -39.62 1.05
C MET C 770 -35.59 -38.27 1.60
N GLN C 771 -36.90 -38.14 1.84
CA GLN C 771 -37.45 -36.95 2.50
C GLN C 771 -37.00 -36.85 3.96
N GLU C 772 -37.04 -37.99 4.68
CA GLU C 772 -36.52 -38.08 6.05
C GLU C 772 -35.01 -37.83 6.11
N ALA C 773 -34.28 -38.31 5.10
CA ALA C 773 -32.82 -38.12 5.02
C ALA C 773 -32.43 -36.66 4.79
N LEU C 774 -33.05 -36.04 3.79
CA LEU C 774 -32.75 -34.64 3.44
C LEU C 774 -33.20 -33.64 4.51
N LEU C 775 -34.37 -33.89 5.11
CA LEU C 775 -34.84 -33.09 6.26
C LEU C 775 -33.92 -33.23 7.48
N ALA C 776 -33.32 -34.40 7.65
CA ALA C 776 -32.30 -34.62 8.68
C ALA C 776 -30.98 -33.93 8.32
N VAL C 777 -30.55 -34.10 7.07
CA VAL C 777 -29.27 -33.53 6.59
C VAL C 777 -29.29 -32.00 6.58
N VAL C 778 -30.37 -31.41 6.07
CA VAL C 778 -30.49 -29.94 5.98
C VAL C 778 -30.52 -29.28 7.38
N ARG C 779 -31.15 -29.95 8.34
CA ARG C 779 -31.12 -29.49 9.75
C ARG C 779 -29.73 -29.59 10.39
N MET C 780 -29.01 -30.68 10.10
CA MET C 780 -27.65 -30.87 10.64
C MET C 780 -26.60 -29.88 10.10
N LEU C 781 -26.79 -29.39 8.87
CA LEU C 781 -25.90 -28.37 8.29
C LEU C 781 -26.25 -26.93 8.70
N ASN C 782 -27.45 -26.70 9.24
CA ASN C 782 -27.95 -25.35 9.57
C ASN C 782 -27.00 -24.51 10.45
N PRO C 783 -26.39 -25.12 11.49
CA PRO C 783 -25.39 -24.39 12.28
C PRO C 783 -24.15 -23.94 11.48
N PHE C 784 -23.66 -24.81 10.59
CA PHE C 784 -22.46 -24.51 9.81
C PHE C 784 -22.79 -23.57 8.65
N THR C 785 -23.79 -23.95 7.86
CA THR C 785 -24.18 -23.23 6.65
C THR C 785 -25.68 -22.87 6.72
N PRO C 786 -26.02 -21.76 7.42
CA PRO C 786 -27.42 -21.42 7.67
C PRO C 786 -28.19 -20.83 6.47
N HIS C 787 -27.49 -20.19 5.52
CA HIS C 787 -28.15 -19.52 4.40
C HIS C 787 -28.72 -20.53 3.40
N ILE C 788 -27.87 -21.45 2.94
CA ILE C 788 -28.28 -22.53 2.03
C ILE C 788 -29.38 -23.43 2.63
N CYS C 789 -29.28 -23.72 3.93
CA CYS C 789 -30.22 -24.60 4.61
C CYS C 789 -31.58 -23.95 4.90
N PHE C 790 -31.60 -22.63 5.08
CA PHE C 790 -32.84 -21.87 5.19
C PHE C 790 -33.67 -21.96 3.91
N THR C 791 -32.99 -21.91 2.76
CA THR C 791 -33.64 -22.08 1.45
C THR C 791 -34.14 -23.51 1.26
N LEU C 792 -33.24 -24.48 1.44
CA LEU C 792 -33.57 -25.90 1.21
C LEU C 792 -34.61 -26.47 2.19
N TRP C 793 -34.76 -25.85 3.36
CA TRP C 793 -35.83 -26.20 4.31
C TRP C 793 -37.21 -25.83 3.75
N GLN C 794 -37.30 -24.67 3.11
CA GLN C 794 -38.54 -24.24 2.43
C GLN C 794 -38.85 -25.09 1.20
N GLU C 795 -37.81 -25.41 0.42
CA GLU C 795 -37.96 -26.21 -0.80
C GLU C 795 -38.39 -27.66 -0.54
N LEU C 796 -38.04 -28.19 0.63
CA LEU C 796 -38.48 -29.53 1.05
C LEU C 796 -39.83 -29.54 1.80
N LYS C 797 -40.54 -28.40 1.81
CA LYS C 797 -41.83 -28.24 2.50
C LYS C 797 -41.71 -28.44 4.01
N GLY C 798 -40.66 -27.84 4.60
CA GLY C 798 -40.42 -27.90 6.03
C GLY C 798 -41.28 -26.92 6.80
N GLU C 799 -41.68 -27.29 8.01
CA GLU C 799 -42.58 -26.48 8.82
C GLU C 799 -41.85 -25.28 9.44
N GLY C 800 -42.30 -24.07 9.09
CA GLY C 800 -41.73 -22.84 9.62
C GLY C 800 -40.33 -22.54 9.10
N ASP C 801 -39.64 -21.63 9.77
CA ASP C 801 -38.23 -21.35 9.48
C ASP C 801 -37.34 -22.42 10.11
N ILE C 802 -36.19 -22.67 9.49
CA ILE C 802 -35.24 -23.69 9.98
C ILE C 802 -34.62 -23.33 11.35
N ASP C 803 -34.52 -22.05 11.66
CA ASP C 803 -33.98 -21.58 12.93
C ASP C 803 -34.84 -22.00 14.13
N ASN C 804 -36.17 -21.91 13.99
CA ASN C 804 -37.11 -22.32 15.03
C ASN C 804 -37.51 -23.81 14.98
N ALA C 805 -37.02 -24.54 13.97
CA ALA C 805 -37.32 -25.97 13.82
C ALA C 805 -36.58 -26.81 14.87
N PRO C 806 -37.18 -27.96 15.27
CA PRO C 806 -36.54 -28.81 16.29
C PRO C 806 -35.34 -29.59 15.76
N TRP C 807 -34.37 -29.85 16.63
CA TRP C 807 -33.19 -30.64 16.29
C TRP C 807 -33.57 -32.12 16.17
N PRO C 808 -33.05 -32.84 15.16
CA PRO C 808 -33.44 -34.25 14.96
C PRO C 808 -32.95 -35.19 16.06
N VAL C 809 -33.86 -36.03 16.56
CA VAL C 809 -33.57 -37.04 17.58
C VAL C 809 -33.25 -38.36 16.89
N ALA C 810 -32.32 -39.13 17.45
CA ALA C 810 -31.93 -40.44 16.91
C ALA C 810 -32.84 -41.54 17.49
N ASP C 811 -33.74 -42.06 16.64
CA ASP C 811 -34.61 -43.18 17.01
C ASP C 811 -33.82 -44.48 17.19
N GLU C 812 -34.06 -45.18 18.30
CA GLU C 812 -33.28 -46.34 18.71
C GLU C 812 -33.61 -47.59 17.88
N LYS C 813 -34.90 -47.81 17.65
CA LYS C 813 -35.39 -48.96 16.87
C LYS C 813 -34.96 -48.93 15.40
N ALA C 814 -34.72 -47.73 14.88
CA ALA C 814 -34.26 -47.54 13.50
C ALA C 814 -32.79 -47.93 13.27
N MET C 815 -32.00 -48.07 14.34
CA MET C 815 -30.56 -48.33 14.24
C MET C 815 -30.10 -49.49 15.15
N VAL C 816 -30.89 -50.56 15.18
CA VAL C 816 -30.55 -51.76 15.96
C VAL C 816 -29.53 -52.58 15.15
N GLU C 817 -28.42 -52.94 15.81
CA GLU C 817 -27.35 -53.70 15.18
C GLU C 817 -27.57 -55.21 15.37
N ASP C 818 -28.05 -55.88 14.32
CA ASP C 818 -28.27 -57.34 14.34
C ASP C 818 -26.96 -58.15 14.40
N SER C 819 -25.92 -57.63 13.75
CA SER C 819 -24.57 -58.23 13.75
C SER C 819 -23.52 -57.15 14.04
N THR C 820 -22.26 -57.57 14.13
CA THR C 820 -21.14 -56.64 14.39
C THR C 820 -19.80 -57.18 13.90
N LEU C 821 -18.87 -56.26 13.61
CA LEU C 821 -17.55 -56.60 13.09
C LEU C 821 -16.61 -57.04 14.22
N VAL C 822 -15.70 -57.95 13.88
CA VAL C 822 -14.62 -58.38 14.78
C VAL C 822 -13.32 -58.51 13.97
N VAL C 823 -12.27 -57.84 14.43
CA VAL C 823 -10.95 -57.88 13.78
C VAL C 823 -10.13 -59.02 14.37
N VAL C 824 -9.75 -59.98 13.53
CA VAL C 824 -8.92 -61.11 13.96
C VAL C 824 -7.45 -60.72 13.83
N GLN C 825 -6.68 -60.90 14.90
CA GLN C 825 -5.25 -60.60 14.93
C GLN C 825 -4.42 -61.85 15.28
N VAL C 826 -3.19 -61.88 14.79
CA VAL C 826 -2.22 -62.93 15.10
C VAL C 826 -0.88 -62.25 15.48
N ASN C 827 -0.59 -62.23 16.78
CA ASN C 827 0.58 -61.51 17.34
C ASN C 827 0.54 -60.02 17.01
N GLY C 828 -0.61 -59.39 17.24
CA GLY C 828 -0.81 -57.97 16.97
C GLY C 828 -0.73 -57.56 15.50
N LYS C 829 -1.16 -58.45 14.61
CA LYS C 829 -1.16 -58.21 13.16
C LYS C 829 -2.49 -58.66 12.58
N VAL C 830 -3.22 -57.73 11.95
CA VAL C 830 -4.55 -58.01 11.40
C VAL C 830 -4.43 -58.85 10.13
N ARG C 831 -4.98 -60.07 10.17
CA ARG C 831 -4.97 -60.98 9.03
C ARG C 831 -6.32 -61.03 8.34
N ALA C 832 -7.38 -61.28 9.11
CA ALA C 832 -8.75 -61.40 8.60
C ALA C 832 -9.75 -60.58 9.41
N LYS C 833 -10.92 -60.36 8.80
CA LYS C 833 -12.03 -59.64 9.42
C LYS C 833 -13.32 -60.43 9.16
N ILE C 834 -14.18 -60.53 10.18
CA ILE C 834 -15.36 -61.41 10.12
C ILE C 834 -16.62 -60.77 10.71
N THR C 835 -17.78 -61.19 10.20
CA THR C 835 -19.08 -60.79 10.72
C THR C 835 -19.47 -61.74 11.86
N VAL C 836 -20.10 -61.19 12.90
CA VAL C 836 -20.47 -61.94 14.11
C VAL C 836 -21.87 -61.49 14.59
N PRO C 837 -22.69 -62.42 15.13
CA PRO C 837 -23.97 -62.04 15.76
C PRO C 837 -23.84 -61.08 16.96
N VAL C 838 -24.97 -60.51 17.37
CA VAL C 838 -25.01 -59.50 18.45
C VAL C 838 -24.65 -60.06 19.84
N ASP C 839 -25.08 -61.30 20.11
CA ASP C 839 -24.88 -61.92 21.43
C ASP C 839 -24.05 -63.21 21.31
N ALA C 840 -22.91 -63.09 20.63
CA ALA C 840 -21.99 -64.23 20.42
C ALA C 840 -20.97 -64.34 21.55
N THR C 841 -20.71 -65.56 22.00
CA THR C 841 -19.74 -65.82 23.07
C THR C 841 -18.32 -65.99 22.51
N GLU C 842 -17.34 -66.01 23.41
CA GLU C 842 -15.92 -66.14 23.04
C GLU C 842 -15.60 -67.46 22.31
N GLU C 843 -16.33 -68.52 22.67
CA GLU C 843 -16.20 -69.82 21.99
C GLU C 843 -16.63 -69.74 20.52
N GLN C 844 -17.74 -69.06 20.26
CA GLN C 844 -18.30 -68.95 18.90
C GLN C 844 -17.46 -68.08 17.96
N VAL C 845 -16.89 -67.00 18.48
CA VAL C 845 -16.07 -66.08 17.67
C VAL C 845 -14.69 -66.69 17.37
N ARG C 846 -14.11 -67.40 18.34
CA ARG C 846 -12.83 -68.10 18.16
C ARG C 846 -12.92 -69.24 17.14
N GLU C 847 -14.07 -69.92 17.10
CA GLU C 847 -14.35 -70.94 16.08
C GLU C 847 -14.48 -70.32 14.68
N ARG C 848 -15.25 -69.24 14.57
CA ARG C 848 -15.49 -68.56 13.28
C ARG C 848 -14.20 -67.96 12.72
N ALA C 849 -13.39 -67.36 13.60
CA ALA C 849 -12.09 -66.81 13.22
C ALA C 849 -11.10 -67.88 12.73
N GLY C 850 -11.18 -69.07 13.31
CA GLY C 850 -10.36 -70.21 12.91
C GLY C 850 -10.63 -70.75 11.51
N GLN C 851 -11.84 -70.54 11.00
CA GLN C 851 -12.23 -70.98 9.65
C GLN C 851 -11.52 -70.22 8.52
N GLU C 852 -11.06 -68.99 8.79
CA GLU C 852 -10.37 -68.17 7.79
C GLU C 852 -9.00 -68.74 7.44
N HIS C 853 -8.64 -68.68 6.16
CA HIS C 853 -7.39 -69.27 5.66
C HIS C 853 -6.14 -68.49 6.07
N LEU C 854 -6.24 -67.16 6.09
CA LEU C 854 -5.16 -66.30 6.59
C LEU C 854 -4.92 -66.48 8.08
N VAL C 855 -6.00 -66.72 8.83
CA VAL C 855 -5.90 -67.01 10.27
C VAL C 855 -5.32 -68.42 10.49
N ALA C 856 -5.85 -69.40 9.74
CA ALA C 856 -5.41 -70.79 9.85
C ALA C 856 -3.99 -71.08 9.35
N LYS C 857 -3.44 -70.19 8.51
CA LYS C 857 -2.08 -70.35 7.98
C LYS C 857 -1.02 -70.19 9.07
N TYR C 858 -1.12 -69.10 9.84
CA TYR C 858 -0.18 -68.83 10.94
C TYR C 858 -0.42 -69.70 12.19
N LEU C 859 -1.60 -70.33 12.29
CA LEU C 859 -1.90 -71.27 13.38
C LEU C 859 -1.43 -72.72 13.12
N ASP C 860 -0.82 -72.98 11.96
CA ASP C 860 -0.28 -74.32 11.65
C ASP C 860 0.94 -74.67 12.52
N GLY C 861 0.79 -75.70 13.34
CA GLY C 861 1.90 -76.22 14.15
C GLY C 861 2.36 -75.30 15.26
N VAL C 862 1.40 -74.74 16.00
CA VAL C 862 1.67 -73.84 17.14
C VAL C 862 0.59 -73.96 18.22
N THR C 863 0.97 -73.72 19.47
CA THR C 863 0.03 -73.73 20.61
C THR C 863 -0.35 -72.29 20.95
N VAL C 864 -1.59 -72.11 21.41
CA VAL C 864 -2.11 -70.80 21.81
C VAL C 864 -1.79 -70.58 23.29
N ARG C 865 -0.98 -69.55 23.58
CA ARG C 865 -0.61 -69.21 24.95
C ARG C 865 -1.78 -68.57 25.69
N LYS C 866 -2.34 -67.52 25.10
CA LYS C 866 -3.52 -66.84 25.64
C LYS C 866 -4.29 -66.10 24.55
N VAL C 867 -5.57 -65.84 24.82
CA VAL C 867 -6.48 -65.19 23.87
C VAL C 867 -7.13 -63.99 24.54
N ILE C 868 -6.79 -62.79 24.04
CA ILE C 868 -7.40 -61.53 24.50
C ILE C 868 -8.56 -61.20 23.56
N TYR C 869 -9.72 -60.88 24.14
CA TYR C 869 -10.95 -60.67 23.38
C TYR C 869 -11.76 -59.50 23.94
N VAL C 870 -11.93 -58.46 23.12
CA VAL C 870 -12.83 -57.35 23.43
C VAL C 870 -14.21 -57.72 22.87
N PRO C 871 -15.29 -57.58 23.67
CA PRO C 871 -16.65 -57.92 23.20
C PRO C 871 -17.08 -57.22 21.89
N GLY C 872 -17.04 -57.98 20.79
CA GLY C 872 -17.52 -57.51 19.49
C GLY C 872 -16.68 -56.40 18.87
N LYS C 873 -15.36 -56.56 18.94
CA LYS C 873 -14.42 -55.55 18.44
C LYS C 873 -13.13 -56.17 17.89
N LEU C 874 -12.38 -56.85 18.75
CA LEU C 874 -11.08 -57.41 18.40
C LEU C 874 -10.82 -58.76 19.09
N LEU C 875 -10.03 -59.60 18.43
CA LEU C 875 -9.63 -60.91 18.96
C LEU C 875 -8.17 -61.20 18.59
N ASN C 876 -7.25 -60.95 19.53
CA ASN C 876 -5.83 -61.22 19.33
C ASN C 876 -5.47 -62.61 19.83
N LEU C 877 -4.63 -63.32 19.06
CA LEU C 877 -4.19 -64.67 19.39
C LEU C 877 -2.67 -64.67 19.60
N VAL C 878 -2.25 -64.90 20.84
CA VAL C 878 -0.83 -64.92 21.20
C VAL C 878 -0.23 -66.27 20.81
N VAL C 879 0.42 -66.33 19.65
CA VAL C 879 0.98 -67.56 19.11
C VAL C 879 2.35 -67.85 19.73
N GLY C 880 2.50 -69.06 20.28
CA GLY C 880 3.77 -69.51 20.85
C GLY C 880 4.65 -70.22 19.86
#